data_5F6W
# 
_entry.id   5F6W 
# 
_audit_conform.dict_name       mmcif_pdbx.dic 
_audit_conform.dict_version    5.379 
_audit_conform.dict_location   http://mmcif.pdb.org/dictionaries/ascii/mmcif_pdbx.dic 
# 
loop_
_database_2.database_id 
_database_2.database_code 
_database_2.pdbx_database_accession 
_database_2.pdbx_DOI 
PDB   5F6W         pdb_00005f6w 10.2210/pdb5f6w/pdb 
WWPDB D_1000216112 ?            ?                   
# 
loop_
_pdbx_database_related.content_type 
_pdbx_database_related.db_id 
_pdbx_database_related.db_name 
_pdbx_database_related.details 
unspecified 5F6D PDB . 
unspecified 5F6E PDB . 
unspecified 5F6U PDB . 
unspecified 5F6V PDB . 
unspecified 5F6X PDB . 
unspecified 5F6Y PDB . 
# 
_pdbx_database_status.status_code                     REL 
_pdbx_database_status.status_code_sf                  REL 
_pdbx_database_status.status_code_mr                  ? 
_pdbx_database_status.entry_id                        5F6W 
_pdbx_database_status.recvd_initial_deposition_date   2015-12-07 
_pdbx_database_status.SG_entry                        N 
_pdbx_database_status.deposit_site                    RCSB 
_pdbx_database_status.process_site                    RCSB 
_pdbx_database_status.status_code_cs                  ? 
_pdbx_database_status.methods_development_category    ? 
_pdbx_database_status.pdb_format_compatible           Y 
_pdbx_database_status.status_code_nmr_data            ? 
# 
loop_
_audit_author.name 
_audit_author.pdbx_ordinal 
'Lountos, G.T.'        1  
'Hewitt, W.M.'         2  
'Zlotkowski, K.'       3  
'Dahlhauser, S.'       4  
'Saunders, L.B.'       5  
'Needle, D.'           6  
'Tropea, J.E.'         7  
'Zhan, C.'             8  
'Wei, G.'              9  
'Ma, B.'               10 
'Nussinov, R.'         11 
'Schneekloth, J.S.Jr.' 12 
'Waugh, D.S.'          13 
# 
_citation.abstract                  ? 
_citation.abstract_id_CAS           ? 
_citation.book_id_ISBN              ? 
_citation.book_publisher            ? 
_citation.book_publisher_city       ? 
_citation.book_title                ? 
_citation.coordinate_linkage        ? 
_citation.country                   GE 
_citation.database_id_Medline       ? 
_citation.details                   ? 
_citation.id                        primary 
_citation.journal_abbrev            Angew.Chem.Int.Ed.Engl. 
_citation.journal_id_ASTM           ACIEAY 
_citation.journal_id_CSD            0179 
_citation.journal_id_ISSN           1521-3773 
_citation.journal_full              ? 
_citation.journal_issue             ? 
_citation.journal_volume            55 
_citation.language                  ? 
_citation.page_first                5703 
_citation.page_last                 5707 
_citation.title                     'Insights Into the Allosteric Inhibition of the SUMO E2 Enzyme Ubc9.' 
_citation.year                      2016 
_citation.database_id_CSD           ? 
_citation.pdbx_database_id_DOI      10.1002/anie.201511351 
_citation.pdbx_database_id_PubMed   27038327 
_citation.unpublished_flag          ? 
# 
loop_
_citation_author.citation_id 
_citation_author.name 
_citation_author.ordinal 
_citation_author.identifier_ORCID 
primary 'Hewitt, W.M.'      1  ? 
primary 'Lountos, G.T.'     2  ? 
primary 'Zlotkowski, K.'    3  ? 
primary 'Dahlhauser, S.D.'  4  ? 
primary 'Saunders, L.B.'    5  ? 
primary 'Needle, D.'        6  ? 
primary 'Tropea, J.E.'      7  ? 
primary 'Zhan, C.'          8  ? 
primary 'Wei, G.'           9  ? 
primary 'Ma, B.'            10 ? 
primary 'Nussinov, R.'      11 ? 
primary 'Waugh, D.S.'       12 ? 
primary 'Schneekloth, J.S.' 13 ? 
# 
_cell.angle_alpha                  90.00 
_cell.angle_alpha_esd              ? 
_cell.angle_beta                   112.23 
_cell.angle_beta_esd               ? 
_cell.angle_gamma                  90.00 
_cell.angle_gamma_esd              ? 
_cell.entry_id                     5F6W 
_cell.details                      ? 
_cell.formula_units_Z              ? 
_cell.length_a                     51.160 
_cell.length_a_esd                 ? 
_cell.length_b                     35.377 
_cell.length_b_esd                 ? 
_cell.length_c                     57.810 
_cell.length_c_esd                 ? 
_cell.volume                       ? 
_cell.volume_esd                   ? 
_cell.Z_PDB                        2 
_cell.reciprocal_angle_alpha       ? 
_cell.reciprocal_angle_beta        ? 
_cell.reciprocal_angle_gamma       ? 
_cell.reciprocal_angle_alpha_esd   ? 
_cell.reciprocal_angle_beta_esd    ? 
_cell.reciprocal_angle_gamma_esd   ? 
_cell.reciprocal_length_a          ? 
_cell.reciprocal_length_b          ? 
_cell.reciprocal_length_c          ? 
_cell.reciprocal_length_a_esd      ? 
_cell.reciprocal_length_b_esd      ? 
_cell.reciprocal_length_c_esd      ? 
_cell.pdbx_unique_axis             ? 
# 
_symmetry.entry_id                         5F6W 
_symmetry.cell_setting                     ? 
_symmetry.Int_Tables_number                4 
_symmetry.space_group_name_Hall            ? 
_symmetry.space_group_name_H-M             'P 1 21 1' 
_symmetry.pdbx_full_space_group_name_H-M   ? 
# 
loop_
_entity.id 
_entity.type 
_entity.src_method 
_entity.pdbx_description 
_entity.formula_weight 
_entity.pdbx_number_of_molecules 
_entity.pdbx_ec 
_entity.pdbx_mutation 
_entity.pdbx_fragment 
_entity.details 
1 polymer     man 'SUMO-conjugating enzyme UBC9' 17725.375 1   6.3.2.- K48A,K49A,E54A ? ? 
2 non-polymer syn '2-(2-hydroxyphenyl)phenol'    186.207   1   ?       ?              ? ? 
3 water       nat water                          18.015    244 ?       ?              ? ? 
# 
_entity_name_com.entity_id   1 
_entity_name_com.name        
;SUMO-protein ligase,Ubiquitin carrier protein 9,Ubiquitin carrier protein I,Ubiquitin-conjugating enzyme E2 I,Ubiquitin-protein ligase I,p18
;
# 
_entity_poly.entity_id                      1 
_entity_poly.type                           'polypeptide(L)' 
_entity_poly.nstd_linkage                   no 
_entity_poly.nstd_monomer                   no 
_entity_poly.pdbx_seq_one_letter_code       
;SGIALSRLAQERKAWRKDHPFGFVAVPTKNPDGTMNLMNWECAIPGAAGTPWAGGLFKLRMLFKDDYPSSPPKCKFEPPL
FHPNVYPSGTVCLSILEEDKDWRPAITIKQILLGIQELLNEPNIQDPAQAEAYTIYCQNRVEYEKRVRAQAKKFAPS
;
_entity_poly.pdbx_seq_one_letter_code_can   
;SGIALSRLAQERKAWRKDHPFGFVAVPTKNPDGTMNLMNWECAIPGAAGTPWAGGLFKLRMLFKDDYPSSPPKCKFEPPL
FHPNVYPSGTVCLSILEEDKDWRPAITIKQILLGIQELLNEPNIQDPAQAEAYTIYCQNRVEYEKRVRAQAKKFAPS
;
_entity_poly.pdbx_strand_id                 A 
_entity_poly.pdbx_target_identifier         ? 
# 
loop_
_entity_poly_seq.entity_id 
_entity_poly_seq.num 
_entity_poly_seq.mon_id 
_entity_poly_seq.hetero 
1 1   SER n 
1 2   GLY n 
1 3   ILE n 
1 4   ALA n 
1 5   LEU n 
1 6   SER n 
1 7   ARG n 
1 8   LEU n 
1 9   ALA n 
1 10  GLN n 
1 11  GLU n 
1 12  ARG n 
1 13  LYS n 
1 14  ALA n 
1 15  TRP n 
1 16  ARG n 
1 17  LYS n 
1 18  ASP n 
1 19  HIS n 
1 20  PRO n 
1 21  PHE n 
1 22  GLY n 
1 23  PHE n 
1 24  VAL n 
1 25  ALA n 
1 26  VAL n 
1 27  PRO n 
1 28  THR n 
1 29  LYS n 
1 30  ASN n 
1 31  PRO n 
1 32  ASP n 
1 33  GLY n 
1 34  THR n 
1 35  MET n 
1 36  ASN n 
1 37  LEU n 
1 38  MET n 
1 39  ASN n 
1 40  TRP n 
1 41  GLU n 
1 42  CYS n 
1 43  ALA n 
1 44  ILE n 
1 45  PRO n 
1 46  GLY n 
1 47  ALA n 
1 48  ALA n 
1 49  GLY n 
1 50  THR n 
1 51  PRO n 
1 52  TRP n 
1 53  ALA n 
1 54  GLY n 
1 55  GLY n 
1 56  LEU n 
1 57  PHE n 
1 58  LYS n 
1 59  LEU n 
1 60  ARG n 
1 61  MET n 
1 62  LEU n 
1 63  PHE n 
1 64  LYS n 
1 65  ASP n 
1 66  ASP n 
1 67  TYR n 
1 68  PRO n 
1 69  SER n 
1 70  SER n 
1 71  PRO n 
1 72  PRO n 
1 73  LYS n 
1 74  CYS n 
1 75  LYS n 
1 76  PHE n 
1 77  GLU n 
1 78  PRO n 
1 79  PRO n 
1 80  LEU n 
1 81  PHE n 
1 82  HIS n 
1 83  PRO n 
1 84  ASN n 
1 85  VAL n 
1 86  TYR n 
1 87  PRO n 
1 88  SER n 
1 89  GLY n 
1 90  THR n 
1 91  VAL n 
1 92  CYS n 
1 93  LEU n 
1 94  SER n 
1 95  ILE n 
1 96  LEU n 
1 97  GLU n 
1 98  GLU n 
1 99  ASP n 
1 100 LYS n 
1 101 ASP n 
1 102 TRP n 
1 103 ARG n 
1 104 PRO n 
1 105 ALA n 
1 106 ILE n 
1 107 THR n 
1 108 ILE n 
1 109 LYS n 
1 110 GLN n 
1 111 ILE n 
1 112 LEU n 
1 113 LEU n 
1 114 GLY n 
1 115 ILE n 
1 116 GLN n 
1 117 GLU n 
1 118 LEU n 
1 119 LEU n 
1 120 ASN n 
1 121 GLU n 
1 122 PRO n 
1 123 ASN n 
1 124 ILE n 
1 125 GLN n 
1 126 ASP n 
1 127 PRO n 
1 128 ALA n 
1 129 GLN n 
1 130 ALA n 
1 131 GLU n 
1 132 ALA n 
1 133 TYR n 
1 134 THR n 
1 135 ILE n 
1 136 TYR n 
1 137 CYS n 
1 138 GLN n 
1 139 ASN n 
1 140 ARG n 
1 141 VAL n 
1 142 GLU n 
1 143 TYR n 
1 144 GLU n 
1 145 LYS n 
1 146 ARG n 
1 147 VAL n 
1 148 ARG n 
1 149 ALA n 
1 150 GLN n 
1 151 ALA n 
1 152 LYS n 
1 153 LYS n 
1 154 PHE n 
1 155 ALA n 
1 156 PRO n 
1 157 SER n 
# 
_entity_src_gen.entity_id                          1 
_entity_src_gen.pdbx_src_id                        1 
_entity_src_gen.pdbx_alt_source_flag               sample 
_entity_src_gen.pdbx_seq_type                      'Biological sequence' 
_entity_src_gen.pdbx_beg_seq_num                   1 
_entity_src_gen.pdbx_end_seq_num                   157 
_entity_src_gen.gene_src_common_name               Human 
_entity_src_gen.gene_src_genus                     ? 
_entity_src_gen.pdbx_gene_src_gene                 'UBE2I, UBC9, UBCE9' 
_entity_src_gen.gene_src_species                   ? 
_entity_src_gen.gene_src_strain                    ? 
_entity_src_gen.gene_src_tissue                    ? 
_entity_src_gen.gene_src_tissue_fraction           ? 
_entity_src_gen.gene_src_details                   ? 
_entity_src_gen.pdbx_gene_src_fragment             ? 
_entity_src_gen.pdbx_gene_src_scientific_name      'Homo sapiens' 
_entity_src_gen.pdbx_gene_src_ncbi_taxonomy_id     9606 
_entity_src_gen.pdbx_gene_src_variant              ? 
_entity_src_gen.pdbx_gene_src_cell_line            ? 
_entity_src_gen.pdbx_gene_src_atcc                 ? 
_entity_src_gen.pdbx_gene_src_organ                ? 
_entity_src_gen.pdbx_gene_src_organelle            ? 
_entity_src_gen.pdbx_gene_src_cell                 ? 
_entity_src_gen.pdbx_gene_src_cellular_location    ? 
_entity_src_gen.host_org_common_name               ? 
_entity_src_gen.pdbx_host_org_scientific_name      'Escherichia coli' 
_entity_src_gen.pdbx_host_org_ncbi_taxonomy_id     562 
_entity_src_gen.host_org_genus                     ? 
_entity_src_gen.pdbx_host_org_gene                 ? 
_entity_src_gen.pdbx_host_org_organ                ? 
_entity_src_gen.host_org_species                   ? 
_entity_src_gen.pdbx_host_org_tissue               ? 
_entity_src_gen.pdbx_host_org_tissue_fraction      ? 
_entity_src_gen.pdbx_host_org_strain               ? 
_entity_src_gen.pdbx_host_org_variant              ? 
_entity_src_gen.pdbx_host_org_cell_line            ? 
_entity_src_gen.pdbx_host_org_atcc                 ? 
_entity_src_gen.pdbx_host_org_culture_collection   ? 
_entity_src_gen.pdbx_host_org_cell                 ? 
_entity_src_gen.pdbx_host_org_organelle            ? 
_entity_src_gen.pdbx_host_org_cellular_location    ? 
_entity_src_gen.pdbx_host_org_vector_type          plasmid 
_entity_src_gen.pdbx_host_org_vector               ? 
_entity_src_gen.host_org_details                   ? 
_entity_src_gen.expression_system_id               ? 
_entity_src_gen.plasmid_name                       pDN2405 
_entity_src_gen.plasmid_details                    ? 
_entity_src_gen.pdbx_description                   ? 
# 
_struct_ref.id                         1 
_struct_ref.db_name                    UNP 
_struct_ref.db_code                    UBC9_HUMAN 
_struct_ref.pdbx_db_accession          P63279 
_struct_ref.pdbx_db_isoform            ? 
_struct_ref.entity_id                  1 
_struct_ref.pdbx_seq_one_letter_code   
;SGIALSRLAQERKAWRKDHPFGFVAVPTKNPDGTMNLMNWECAIPGKKGTPWEGGLFKLRMLFKDDYPSSPPKCKFEPPL
FHPNVYPSGTVCLSILEEDKDWRPAITIKQILLGIQELLNEPNIQDPAQAEAYTIYCQNRVEYEKRVRAQAKKFAPS
;
_struct_ref.pdbx_align_begin           2 
# 
_struct_ref_seq.align_id                      1 
_struct_ref_seq.ref_id                        1 
_struct_ref_seq.pdbx_PDB_id_code              5F6W 
_struct_ref_seq.pdbx_strand_id                A 
_struct_ref_seq.seq_align_beg                 1 
_struct_ref_seq.pdbx_seq_align_beg_ins_code   ? 
_struct_ref_seq.seq_align_end                 157 
_struct_ref_seq.pdbx_seq_align_end_ins_code   ? 
_struct_ref_seq.pdbx_db_accession             P63279 
_struct_ref_seq.db_align_beg                  2 
_struct_ref_seq.pdbx_db_align_beg_ins_code    ? 
_struct_ref_seq.db_align_end                  158 
_struct_ref_seq.pdbx_db_align_end_ins_code    ? 
_struct_ref_seq.pdbx_auth_seq_align_beg       2 
_struct_ref_seq.pdbx_auth_seq_align_end       158 
# 
loop_
_struct_ref_seq_dif.align_id 
_struct_ref_seq_dif.pdbx_pdb_id_code 
_struct_ref_seq_dif.mon_id 
_struct_ref_seq_dif.pdbx_pdb_strand_id 
_struct_ref_seq_dif.seq_num 
_struct_ref_seq_dif.pdbx_pdb_ins_code 
_struct_ref_seq_dif.pdbx_seq_db_name 
_struct_ref_seq_dif.pdbx_seq_db_accession_code 
_struct_ref_seq_dif.db_mon_id 
_struct_ref_seq_dif.pdbx_seq_db_seq_num 
_struct_ref_seq_dif.details 
_struct_ref_seq_dif.pdbx_auth_seq_num 
_struct_ref_seq_dif.pdbx_ordinal 
1 5F6W ALA A 47 ? UNP P63279 LYS 48 'engineered mutation' 48 1 
1 5F6W ALA A 48 ? UNP P63279 LYS 49 'engineered mutation' 49 2 
1 5F6W ALA A 53 ? UNP P63279 GLU 54 'engineered mutation' 54 3 
# 
loop_
_chem_comp.id 
_chem_comp.type 
_chem_comp.mon_nstd_flag 
_chem_comp.name 
_chem_comp.pdbx_synonyms 
_chem_comp.formula 
_chem_comp.formula_weight 
5VL non-polymer         . '2-(2-hydroxyphenyl)phenol' ? 'C12 H10 O2'     186.207 
ALA 'L-peptide linking' y ALANINE                     ? 'C3 H7 N O2'     89.093  
ARG 'L-peptide linking' y ARGININE                    ? 'C6 H15 N4 O2 1' 175.209 
ASN 'L-peptide linking' y ASPARAGINE                  ? 'C4 H8 N2 O3'    132.118 
ASP 'L-peptide linking' y 'ASPARTIC ACID'             ? 'C4 H7 N O4'     133.103 
CYS 'L-peptide linking' y CYSTEINE                    ? 'C3 H7 N O2 S'   121.158 
GLN 'L-peptide linking' y GLUTAMINE                   ? 'C5 H10 N2 O3'   146.144 
GLU 'L-peptide linking' y 'GLUTAMIC ACID'             ? 'C5 H9 N O4'     147.129 
GLY 'peptide linking'   y GLYCINE                     ? 'C2 H5 N O2'     75.067  
HIS 'L-peptide linking' y HISTIDINE                   ? 'C6 H10 N3 O2 1' 156.162 
HOH non-polymer         . WATER                       ? 'H2 O'           18.015  
ILE 'L-peptide linking' y ISOLEUCINE                  ? 'C6 H13 N O2'    131.173 
LEU 'L-peptide linking' y LEUCINE                     ? 'C6 H13 N O2'    131.173 
LYS 'L-peptide linking' y LYSINE                      ? 'C6 H15 N2 O2 1' 147.195 
MET 'L-peptide linking' y METHIONINE                  ? 'C5 H11 N O2 S'  149.211 
PHE 'L-peptide linking' y PHENYLALANINE               ? 'C9 H11 N O2'    165.189 
PRO 'L-peptide linking' y PROLINE                     ? 'C5 H9 N O2'     115.130 
SER 'L-peptide linking' y SERINE                      ? 'C3 H7 N O3'     105.093 
THR 'L-peptide linking' y THREONINE                   ? 'C4 H9 N O3'     119.119 
TRP 'L-peptide linking' y TRYPTOPHAN                  ? 'C11 H12 N2 O2'  204.225 
TYR 'L-peptide linking' y TYROSINE                    ? 'C9 H11 N O3'    181.189 
VAL 'L-peptide linking' y VALINE                      ? 'C5 H11 N O2'    117.146 
# 
_exptl.absorpt_coefficient_mu     ? 
_exptl.absorpt_correction_T_max   ? 
_exptl.absorpt_correction_T_min   ? 
_exptl.absorpt_correction_type    ? 
_exptl.absorpt_process_details    ? 
_exptl.entry_id                   5F6W 
_exptl.crystals_number            1 
_exptl.details                    ? 
_exptl.method                     'X-RAY DIFFRACTION' 
_exptl.method_details             ? 
# 
_exptl_crystal.colour                      ? 
_exptl_crystal.density_diffrn              ? 
_exptl_crystal.density_Matthews            2.73 
_exptl_crystal.density_method              ? 
_exptl_crystal.density_percent_sol         54.98 
_exptl_crystal.description                 ? 
_exptl_crystal.F_000                       ? 
_exptl_crystal.id                          1 
_exptl_crystal.preparation                 ? 
_exptl_crystal.size_max                    ? 
_exptl_crystal.size_mid                    ? 
_exptl_crystal.size_min                    ? 
_exptl_crystal.size_rad                    ? 
_exptl_crystal.colour_lustre               ? 
_exptl_crystal.colour_modifier             ? 
_exptl_crystal.colour_primary              ? 
_exptl_crystal.density_meas                ? 
_exptl_crystal.density_meas_esd            ? 
_exptl_crystal.density_meas_gt             ? 
_exptl_crystal.density_meas_lt             ? 
_exptl_crystal.density_meas_temp           ? 
_exptl_crystal.density_meas_temp_esd       ? 
_exptl_crystal.density_meas_temp_gt        ? 
_exptl_crystal.density_meas_temp_lt        ? 
_exptl_crystal.pdbx_crystal_image_url      ? 
_exptl_crystal.pdbx_crystal_image_format   ? 
_exptl_crystal.pdbx_mosaicity              ? 
_exptl_crystal.pdbx_mosaicity_esd          ? 
# 
_exptl_crystal_grow.apparatus       ? 
_exptl_crystal_grow.atmosphere      ? 
_exptl_crystal_grow.crystal_id      1 
_exptl_crystal_grow.details         ? 
_exptl_crystal_grow.method          'VAPOR DIFFUSION, HANGING DROP' 
_exptl_crystal_grow.method_ref      ? 
_exptl_crystal_grow.pH              ? 
_exptl_crystal_grow.pressure        ? 
_exptl_crystal_grow.pressure_esd    ? 
_exptl_crystal_grow.seeding         ? 
_exptl_crystal_grow.seeding_ref     ? 
_exptl_crystal_grow.temp            294 
_exptl_crystal_grow.temp_details    ? 
_exptl_crystal_grow.temp_esd        ? 
_exptl_crystal_grow.time            ? 
_exptl_crystal_grow.pdbx_details    '0.1M Tris pH 8.5, 8% (w/v) polyethylene glycol' 
_exptl_crystal_grow.pdbx_pH_range   ? 
# 
_diffrn.ambient_environment    ? 
_diffrn.ambient_temp           93 
_diffrn.ambient_temp_details   ? 
_diffrn.ambient_temp_esd       ? 
_diffrn.crystal_id             1 
_diffrn.crystal_support        ? 
_diffrn.crystal_treatment      ? 
_diffrn.details                ? 
_diffrn.id                     1 
_diffrn.ambient_pressure       ? 
_diffrn.ambient_pressure_esd   ? 
_diffrn.ambient_pressure_gt    ? 
_diffrn.ambient_pressure_lt    ? 
_diffrn.ambient_temp_gt        ? 
_diffrn.ambient_temp_lt        ? 
# 
_diffrn_detector.details                      ? 
_diffrn_detector.detector                     'IMAGE PLATE' 
_diffrn_detector.diffrn_id                    1 
_diffrn_detector.type                         'MAR scanner 345 mm plate' 
_diffrn_detector.area_resol_mean              ? 
_diffrn_detector.dtime                        ? 
_diffrn_detector.pdbx_frames_total            ? 
_diffrn_detector.pdbx_collection_time_total   ? 
_diffrn_detector.pdbx_collection_date         2015-06-02 
# 
_diffrn_radiation.collimation                      ? 
_diffrn_radiation.diffrn_id                        1 
_diffrn_radiation.filter_edge                      ? 
_diffrn_radiation.inhomogeneity                    ? 
_diffrn_radiation.monochromator                    ? 
_diffrn_radiation.polarisn_norm                    ? 
_diffrn_radiation.polarisn_ratio                   ? 
_diffrn_radiation.probe                            ? 
_diffrn_radiation.type                             ? 
_diffrn_radiation.xray_symbol                      ? 
_diffrn_radiation.wavelength_id                    1 
_diffrn_radiation.pdbx_monochromatic_or_laue_m_l   M 
_diffrn_radiation.pdbx_wavelength_list             ? 
_diffrn_radiation.pdbx_wavelength                  ? 
_diffrn_radiation.pdbx_diffrn_protocol             'SINGLE WAVELENGTH' 
_diffrn_radiation.pdbx_analyzer                    ? 
_diffrn_radiation.pdbx_scattering_type             x-ray 
# 
_diffrn_radiation_wavelength.id           1 
_diffrn_radiation_wavelength.wavelength   1.5418 
_diffrn_radiation_wavelength.wt           1.0 
# 
_diffrn_source.current                     ? 
_diffrn_source.details                     ? 
_diffrn_source.diffrn_id                   1 
_diffrn_source.power                       ? 
_diffrn_source.size                        ? 
_diffrn_source.source                      'ROTATING ANODE' 
_diffrn_source.target                      ? 
_diffrn_source.type                        'RIGAKU MICROMAX-007 HF' 
_diffrn_source.voltage                     ? 
_diffrn_source.take-off_angle              ? 
_diffrn_source.pdbx_wavelength_list        1.5418 
_diffrn_source.pdbx_wavelength             ? 
_diffrn_source.pdbx_synchrotron_beamline   ? 
_diffrn_source.pdbx_synchrotron_site       ? 
# 
_reflns.B_iso_Wilson_estimate            ? 
_reflns.entry_id                         5F6W 
_reflns.data_reduction_details           ? 
_reflns.data_reduction_method            ? 
_reflns.d_resolution_high                1.699 
_reflns.d_resolution_low                 50 
_reflns.details                          ? 
_reflns.limit_h_max                      ? 
_reflns.limit_h_min                      ? 
_reflns.limit_k_max                      ? 
_reflns.limit_k_min                      ? 
_reflns.limit_l_max                      ? 
_reflns.limit_l_min                      ? 
_reflns.number_all                       ? 
_reflns.number_obs                       20956 
_reflns.observed_criterion               ? 
_reflns.observed_criterion_F_max         ? 
_reflns.observed_criterion_F_min         ? 
_reflns.observed_criterion_I_max         ? 
_reflns.observed_criterion_I_min         ? 
_reflns.observed_criterion_sigma_F       ? 
_reflns.observed_criterion_sigma_I       ? 
_reflns.percent_possible_obs             97.8 
_reflns.R_free_details                   ? 
_reflns.Rmerge_F_all                     ? 
_reflns.Rmerge_F_obs                     ? 
_reflns.Friedel_coverage                 ? 
_reflns.number_gt                        ? 
_reflns.threshold_expression             ? 
_reflns.pdbx_redundancy                  3.4 
_reflns.pdbx_Rmerge_I_obs                0.047 
_reflns.pdbx_Rmerge_I_all                ? 
_reflns.pdbx_Rsym_value                  ? 
_reflns.pdbx_netI_over_av_sigmaI         ? 
_reflns.pdbx_netI_over_sigmaI            44.5 
_reflns.pdbx_res_netI_over_av_sigmaI_2   ? 
_reflns.pdbx_res_netI_over_sigmaI_2      ? 
_reflns.pdbx_chi_squared                 ? 
_reflns.pdbx_scaling_rejects             ? 
_reflns.pdbx_d_res_high_opt              ? 
_reflns.pdbx_d_res_low_opt               ? 
_reflns.pdbx_d_res_opt_method            ? 
_reflns.phase_calculation_details        ? 
_reflns.pdbx_Rrim_I_all                  ? 
_reflns.pdbx_Rpim_I_all                  ? 
_reflns.pdbx_d_opt                       ? 
_reflns.pdbx_number_measured_all         ? 
_reflns.pdbx_diffrn_id                   1 
_reflns.pdbx_ordinal                     1 
_reflns.pdbx_CC_half                     ? 
_reflns.pdbx_R_split                     ? 
# 
_reflns_shell.d_res_high                  1.699 
_reflns_shell.d_res_low                   1.73 
_reflns_shell.meanI_over_sigI_all         ? 
_reflns_shell.meanI_over_sigI_obs         5.4 
_reflns_shell.number_measured_all         ? 
_reflns_shell.number_measured_obs         ? 
_reflns_shell.number_possible             ? 
_reflns_shell.number_unique_all           ? 
_reflns_shell.number_unique_obs           ? 
_reflns_shell.percent_possible_all        79.0 
_reflns_shell.percent_possible_obs        ? 
_reflns_shell.Rmerge_F_all                ? 
_reflns_shell.Rmerge_F_obs                ? 
_reflns_shell.Rmerge_I_all                ? 
_reflns_shell.Rmerge_I_obs                0.200 
_reflns_shell.meanI_over_sigI_gt          ? 
_reflns_shell.meanI_over_uI_all           ? 
_reflns_shell.meanI_over_uI_gt            ? 
_reflns_shell.number_measured_gt          ? 
_reflns_shell.number_unique_gt            ? 
_reflns_shell.percent_possible_gt         ? 
_reflns_shell.Rmerge_F_gt                 ? 
_reflns_shell.Rmerge_I_gt                 ? 
_reflns_shell.pdbx_redundancy             2.2 
_reflns_shell.pdbx_Rsym_value             ? 
_reflns_shell.pdbx_chi_squared            ? 
_reflns_shell.pdbx_netI_over_sigmaI_all   ? 
_reflns_shell.pdbx_netI_over_sigmaI_obs   ? 
_reflns_shell.pdbx_Rrim_I_all             ? 
_reflns_shell.pdbx_Rpim_I_all             ? 
_reflns_shell.pdbx_rejects                ? 
_reflns_shell.pdbx_ordinal                1 
_reflns_shell.pdbx_diffrn_id              1 
_reflns_shell.pdbx_CC_half                ? 
_reflns_shell.pdbx_R_split                ? 
# 
_refine.aniso_B[1][1]                            ? 
_refine.aniso_B[1][2]                            ? 
_refine.aniso_B[1][3]                            ? 
_refine.aniso_B[2][2]                            ? 
_refine.aniso_B[2][3]                            ? 
_refine.aniso_B[3][3]                            ? 
_refine.B_iso_max                                ? 
_refine.B_iso_mean                               ? 
_refine.B_iso_min                                ? 
_refine.correlation_coeff_Fo_to_Fc               ? 
_refine.correlation_coeff_Fo_to_Fc_free          ? 
_refine.details                                  ? 
_refine.diff_density_max                         ? 
_refine.diff_density_max_esd                     ? 
_refine.diff_density_min                         ? 
_refine.diff_density_min_esd                     ? 
_refine.diff_density_rms                         ? 
_refine.diff_density_rms_esd                     ? 
_refine.entry_id                                 5F6W 
_refine.pdbx_refine_id                           'X-RAY DIFFRACTION' 
_refine.ls_abs_structure_details                 ? 
_refine.ls_abs_structure_Flack                   ? 
_refine.ls_abs_structure_Flack_esd               ? 
_refine.ls_abs_structure_Rogers                  ? 
_refine.ls_abs_structure_Rogers_esd              ? 
_refine.ls_d_res_high                            1.699 
_refine.ls_d_res_low                             30.239 
_refine.ls_extinction_coef                       ? 
_refine.ls_extinction_coef_esd                   ? 
_refine.ls_extinction_expression                 ? 
_refine.ls_extinction_method                     ? 
_refine.ls_goodness_of_fit_all                   ? 
_refine.ls_goodness_of_fit_all_esd               ? 
_refine.ls_goodness_of_fit_obs                   ? 
_refine.ls_goodness_of_fit_obs_esd               ? 
_refine.ls_hydrogen_treatment                    ? 
_refine.ls_matrix_type                           ? 
_refine.ls_number_constraints                    ? 
_refine.ls_number_parameters                     ? 
_refine.ls_number_reflns_all                     ? 
_refine.ls_number_reflns_obs                     20942 
_refine.ls_number_reflns_R_free                  1993 
_refine.ls_number_reflns_R_work                  ? 
_refine.ls_number_restraints                     ? 
_refine.ls_percent_reflns_obs                    97.74 
_refine.ls_percent_reflns_R_free                 9.52 
_refine.ls_R_factor_all                          ? 
_refine.ls_R_factor_obs                          0.1745 
_refine.ls_R_factor_R_free                       0.2004 
_refine.ls_R_factor_R_free_error                 ? 
_refine.ls_R_factor_R_free_error_details         ? 
_refine.ls_R_factor_R_work                       0.1718 
_refine.ls_R_Fsqd_factor_obs                     ? 
_refine.ls_R_I_factor_obs                        ? 
_refine.ls_redundancy_reflns_all                 ? 
_refine.ls_redundancy_reflns_obs                 ? 
_refine.ls_restrained_S_all                      ? 
_refine.ls_restrained_S_obs                      ? 
_refine.ls_shift_over_esd_max                    ? 
_refine.ls_shift_over_esd_mean                   ? 
_refine.ls_structure_factor_coef                 ? 
_refine.ls_weighting_details                     ? 
_refine.ls_weighting_scheme                      ? 
_refine.ls_wR_factor_all                         ? 
_refine.ls_wR_factor_obs                         ? 
_refine.ls_wR_factor_R_free                      ? 
_refine.ls_wR_factor_R_work                      ? 
_refine.occupancy_max                            ? 
_refine.occupancy_min                            ? 
_refine.solvent_model_details                    'FLAT BULK SOLVENT MODEL' 
_refine.solvent_model_param_bsol                 ? 
_refine.solvent_model_param_ksol                 ? 
_refine.ls_R_factor_gt                           ? 
_refine.ls_goodness_of_fit_gt                    ? 
_refine.ls_goodness_of_fit_ref                   ? 
_refine.ls_shift_over_su_max                     ? 
_refine.ls_shift_over_su_max_lt                  ? 
_refine.ls_shift_over_su_mean                    ? 
_refine.ls_shift_over_su_mean_lt                 ? 
_refine.pdbx_ls_sigma_I                          ? 
_refine.pdbx_ls_sigma_F                          1.34 
_refine.pdbx_ls_sigma_Fsqd                       ? 
_refine.pdbx_data_cutoff_high_absF               ? 
_refine.pdbx_data_cutoff_high_rms_absF           ? 
_refine.pdbx_data_cutoff_low_absF                ? 
_refine.pdbx_isotropic_thermal_model             ? 
_refine.pdbx_ls_cross_valid_method               'FREE R-VALUE' 
_refine.pdbx_method_to_determine_struct          'MOLECULAR REPLACEMENT' 
_refine.pdbx_starting_model                      1U9B 
_refine.pdbx_stereochemistry_target_values       ML 
_refine.pdbx_R_Free_selection_details            ? 
_refine.pdbx_stereochem_target_val_spec_case     ? 
_refine.pdbx_overall_ESU_R                       ? 
_refine.pdbx_overall_ESU_R_Free                  ? 
_refine.pdbx_solvent_vdw_probe_radii             1.11 
_refine.pdbx_solvent_ion_probe_radii             ? 
_refine.pdbx_solvent_shrinkage_radii             0.90 
_refine.pdbx_real_space_R                        ? 
_refine.pdbx_density_correlation                 ? 
_refine.pdbx_pd_number_of_powder_patterns        ? 
_refine.pdbx_pd_number_of_points                 ? 
_refine.pdbx_pd_meas_number_of_points            ? 
_refine.pdbx_pd_proc_ls_prof_R_factor            ? 
_refine.pdbx_pd_proc_ls_prof_wR_factor           ? 
_refine.pdbx_pd_Marquardt_correlation_coeff      ? 
_refine.pdbx_pd_Fsqrd_R_factor                   ? 
_refine.pdbx_pd_ls_matrix_band_width             ? 
_refine.pdbx_overall_phase_error                 19.92 
_refine.pdbx_overall_SU_R_free_Cruickshank_DPI   ? 
_refine.pdbx_overall_SU_R_free_Blow_DPI          ? 
_refine.pdbx_overall_SU_R_Blow_DPI               ? 
_refine.pdbx_TLS_residual_ADP_flag               ? 
_refine.pdbx_diffrn_id                           1 
_refine.overall_SU_B                             ? 
_refine.overall_SU_ML                            0.19 
_refine.overall_SU_R_Cruickshank_DPI             ? 
_refine.overall_SU_R_free                        ? 
_refine.overall_FOM_free_R_set                   ? 
_refine.overall_FOM_work_R_set                   ? 
_refine.pdbx_average_fsc_overall                 ? 
_refine.pdbx_average_fsc_work                    ? 
_refine.pdbx_average_fsc_free                    ? 
# 
_refine_hist.pdbx_refine_id                   'X-RAY DIFFRACTION' 
_refine_hist.cycle_id                         LAST 
_refine_hist.pdbx_number_atoms_protein        1241 
_refine_hist.pdbx_number_atoms_nucleic_acid   0 
_refine_hist.pdbx_number_atoms_ligand         14 
_refine_hist.number_atoms_solvent             244 
_refine_hist.number_atoms_total               1499 
_refine_hist.d_res_high                       1.699 
_refine_hist.d_res_low                        30.239 
# 
loop_
_refine_ls_restr.pdbx_refine_id 
_refine_ls_restr.criterion 
_refine_ls_restr.dev_ideal 
_refine_ls_restr.dev_ideal_target 
_refine_ls_restr.number 
_refine_ls_restr.rejects 
_refine_ls_restr.type 
_refine_ls_restr.weight 
_refine_ls_restr.pdbx_restraint_function 
'X-RAY DIFFRACTION' ? 0.006  ? 1348 ? f_bond_d           ? ? 
'X-RAY DIFFRACTION' ? 1.074  ? 1845 ? f_angle_d          ? ? 
'X-RAY DIFFRACTION' ? 11.530 ? 519  ? f_dihedral_angle_d ? ? 
'X-RAY DIFFRACTION' ? 0.045  ? 189  ? f_chiral_restr     ? ? 
'X-RAY DIFFRACTION' ? 0.007  ? 244  ? f_plane_restr      ? ? 
# 
loop_
_refine_ls_shell.pdbx_refine_id 
_refine_ls_shell.d_res_high 
_refine_ls_shell.d_res_low 
_refine_ls_shell.number_reflns_all 
_refine_ls_shell.number_reflns_obs 
_refine_ls_shell.number_reflns_R_free 
_refine_ls_shell.number_reflns_R_work 
_refine_ls_shell.percent_reflns_obs 
_refine_ls_shell.percent_reflns_R_free 
_refine_ls_shell.R_factor_all 
_refine_ls_shell.R_factor_obs 
_refine_ls_shell.R_factor_R_free 
_refine_ls_shell.R_factor_R_free_error 
_refine_ls_shell.R_factor_R_work 
_refine_ls_shell.redundancy_reflns_all 
_refine_ls_shell.redundancy_reflns_obs 
_refine_ls_shell.wR_factor_all 
_refine_ls_shell.wR_factor_obs 
_refine_ls_shell.wR_factor_R_free 
_refine_ls_shell.wR_factor_R_work 
_refine_ls_shell.pdbx_total_number_of_bins_used 
_refine_ls_shell.pdbx_phase_error 
_refine_ls_shell.pdbx_fsc_work 
_refine_ls_shell.pdbx_fsc_free 
'X-RAY DIFFRACTION' 1.6988 1.7413  . . 117 1094 81.00  . . . 0.2550 . 0.2356 . . . . . . . . . . 
'X-RAY DIFFRACTION' 1.7413 1.7883  . . 140 1273 93.00  . . . 0.2756 . 0.2351 . . . . . . . . . . 
'X-RAY DIFFRACTION' 1.7883 1.8410  . . 140 1351 98.00  . . . 0.2451 . 0.1987 . . . . . . . . . . 
'X-RAY DIFFRACTION' 1.8410 1.9004  . . 138 1359 99.00  . . . 0.2061 . 0.1799 . . . . . . . . . . 
'X-RAY DIFFRACTION' 1.9004 1.9683  . . 147 1379 99.00  . . . 0.1972 . 0.1768 . . . . . . . . . . 
'X-RAY DIFFRACTION' 1.9683 2.0471  . . 143 1361 99.00  . . . 0.2099 . 0.1709 . . . . . . . . . . 
'X-RAY DIFFRACTION' 2.0471 2.1402  . . 144 1380 100.00 . . . 0.2158 . 0.1686 . . . . . . . . . . 
'X-RAY DIFFRACTION' 2.1402 2.2530  . . 147 1362 100.00 . . . 0.2212 . 0.1690 . . . . . . . . . . 
'X-RAY DIFFRACTION' 2.2530 2.3941  . . 139 1390 100.00 . . . 0.1967 . 0.1817 . . . . . . . . . . 
'X-RAY DIFFRACTION' 2.3941 2.5789  . . 148 1382 100.00 . . . 0.2326 . 0.1812 . . . . . . . . . . 
'X-RAY DIFFRACTION' 2.5789 2.8382  . . 145 1390 100.00 . . . 0.2384 . 0.1881 . . . . . . . . . . 
'X-RAY DIFFRACTION' 2.8382 3.2485  . . 150 1390 100.00 . . . 0.1982 . 0.1784 . . . . . . . . . . 
'X-RAY DIFFRACTION' 3.2485 4.0912  . . 147 1398 100.00 . . . 0.2056 . 0.1537 . . . . . . . . . . 
'X-RAY DIFFRACTION' 4.0912 30.2439 . . 148 1440 99.00  . . . 0.1509 . 0.1617 . . . . . . . . . . 
# 
_struct.entry_id                     5F6W 
_struct.title                        'Crystal structure of Ubc9 (K48/K49A/E54A) complexed with Fragment 1 (biphenol)' 
_struct.pdbx_model_details           ? 
_struct.pdbx_formula_weight          ? 
_struct.pdbx_formula_weight_method   ? 
_struct.pdbx_model_type_details      ? 
_struct.pdbx_CASP_flag               ? 
# 
_struct_keywords.entry_id        5F6W 
_struct_keywords.text            'Ubc9, Fragment drug design, sumoylation, LIGASE-LIGASE inhibitor complex' 
_struct_keywords.pdbx_keywords   'LIGASE/LIGASE inhibitor' 
# 
loop_
_struct_asym.id 
_struct_asym.pdbx_blank_PDB_chainid_flag 
_struct_asym.pdbx_modified 
_struct_asym.entity_id 
_struct_asym.details 
A N N 1 ? 
B N N 2 ? 
C N N 3 ? 
# 
loop_
_struct_conf.conf_type_id 
_struct_conf.id 
_struct_conf.pdbx_PDB_helix_id 
_struct_conf.beg_label_comp_id 
_struct_conf.beg_label_asym_id 
_struct_conf.beg_label_seq_id 
_struct_conf.pdbx_beg_PDB_ins_code 
_struct_conf.end_label_comp_id 
_struct_conf.end_label_asym_id 
_struct_conf.end_label_seq_id 
_struct_conf.pdbx_end_PDB_ins_code 
_struct_conf.beg_auth_comp_id 
_struct_conf.beg_auth_asym_id 
_struct_conf.beg_auth_seq_id 
_struct_conf.end_auth_comp_id 
_struct_conf.end_auth_asym_id 
_struct_conf.end_auth_seq_id 
_struct_conf.pdbx_PDB_helix_class 
_struct_conf.details 
_struct_conf.pdbx_PDB_helix_length 
HELX_P HELX_P1 AA1 SER A 1   ? ASP A 18  ? SER A 2   ASP A 19  1 ? 18 
HELX_P HELX_P2 AA2 LEU A 93  ? GLU A 97  ? LEU A 94  GLU A 98  5 ? 5  
HELX_P HELX_P3 AA3 THR A 107 ? GLU A 121 ? THR A 108 GLU A 122 1 ? 15 
HELX_P HELX_P4 AA4 GLN A 129 ? ASN A 139 ? GLN A 130 ASN A 140 1 ? 11 
HELX_P HELX_P5 AA5 ASN A 139 ? PHE A 154 ? ASN A 140 PHE A 155 1 ? 16 
# 
_struct_conf_type.id          HELX_P 
_struct_conf_type.criteria    ? 
_struct_conf_type.reference   ? 
# 
loop_
_struct_mon_prot_cis.pdbx_id 
_struct_mon_prot_cis.label_comp_id 
_struct_mon_prot_cis.label_seq_id 
_struct_mon_prot_cis.label_asym_id 
_struct_mon_prot_cis.label_alt_id 
_struct_mon_prot_cis.pdbx_PDB_ins_code 
_struct_mon_prot_cis.auth_comp_id 
_struct_mon_prot_cis.auth_seq_id 
_struct_mon_prot_cis.auth_asym_id 
_struct_mon_prot_cis.pdbx_label_comp_id_2 
_struct_mon_prot_cis.pdbx_label_seq_id_2 
_struct_mon_prot_cis.pdbx_label_asym_id_2 
_struct_mon_prot_cis.pdbx_PDB_ins_code_2 
_struct_mon_prot_cis.pdbx_auth_comp_id_2 
_struct_mon_prot_cis.pdbx_auth_seq_id_2 
_struct_mon_prot_cis.pdbx_auth_asym_id_2 
_struct_mon_prot_cis.pdbx_PDB_model_num 
_struct_mon_prot_cis.pdbx_omega_angle 
1 TYR 67 A . ? TYR 68 A PRO 68 A ? PRO 69 A 1 6.06 
2 GLU 77 A . ? GLU 78 A PRO 78 A ? PRO 79 A 1 0.68 
# 
_struct_sheet.id               AA1 
_struct_sheet.type             ? 
_struct_sheet.number_strands   4 
_struct_sheet.details          ? 
# 
loop_
_struct_sheet_order.sheet_id 
_struct_sheet_order.range_id_1 
_struct_sheet_order.range_id_2 
_struct_sheet_order.offset 
_struct_sheet_order.sense 
AA1 1 2 ? anti-parallel 
AA1 2 3 ? anti-parallel 
AA1 3 4 ? anti-parallel 
# 
loop_
_struct_sheet_range.sheet_id 
_struct_sheet_range.id 
_struct_sheet_range.beg_label_comp_id 
_struct_sheet_range.beg_label_asym_id 
_struct_sheet_range.beg_label_seq_id 
_struct_sheet_range.pdbx_beg_PDB_ins_code 
_struct_sheet_range.end_label_comp_id 
_struct_sheet_range.end_label_asym_id 
_struct_sheet_range.end_label_seq_id 
_struct_sheet_range.pdbx_end_PDB_ins_code 
_struct_sheet_range.beg_auth_comp_id 
_struct_sheet_range.beg_auth_asym_id 
_struct_sheet_range.beg_auth_seq_id 
_struct_sheet_range.end_auth_comp_id 
_struct_sheet_range.end_auth_asym_id 
_struct_sheet_range.end_auth_seq_id 
AA1 1 VAL A 24 ? LYS A 29 ? VAL A 25 LYS A 30 
AA1 2 MET A 35 ? PRO A 45 ? MET A 36 PRO A 46 
AA1 3 LEU A 56 ? LEU A 62 ? LEU A 57 LEU A 63 
AA1 4 LYS A 73 ? PHE A 76 ? LYS A 74 PHE A 77 
# 
loop_
_pdbx_struct_sheet_hbond.sheet_id 
_pdbx_struct_sheet_hbond.range_id_1 
_pdbx_struct_sheet_hbond.range_id_2 
_pdbx_struct_sheet_hbond.range_1_label_atom_id 
_pdbx_struct_sheet_hbond.range_1_label_comp_id 
_pdbx_struct_sheet_hbond.range_1_label_asym_id 
_pdbx_struct_sheet_hbond.range_1_label_seq_id 
_pdbx_struct_sheet_hbond.range_1_PDB_ins_code 
_pdbx_struct_sheet_hbond.range_1_auth_atom_id 
_pdbx_struct_sheet_hbond.range_1_auth_comp_id 
_pdbx_struct_sheet_hbond.range_1_auth_asym_id 
_pdbx_struct_sheet_hbond.range_1_auth_seq_id 
_pdbx_struct_sheet_hbond.range_2_label_atom_id 
_pdbx_struct_sheet_hbond.range_2_label_comp_id 
_pdbx_struct_sheet_hbond.range_2_label_asym_id 
_pdbx_struct_sheet_hbond.range_2_label_seq_id 
_pdbx_struct_sheet_hbond.range_2_PDB_ins_code 
_pdbx_struct_sheet_hbond.range_2_auth_atom_id 
_pdbx_struct_sheet_hbond.range_2_auth_comp_id 
_pdbx_struct_sheet_hbond.range_2_auth_asym_id 
_pdbx_struct_sheet_hbond.range_2_auth_seq_id 
AA1 1 2 N VAL A 26 ? N VAL A 27 O GLU A 41 ? O GLU A 42 
AA1 2 3 N ILE A 44 ? N ILE A 45 O PHE A 57 ? O PHE A 58 
AA1 3 4 N LEU A 62 ? N LEU A 63 O LYS A 73 ? O LYS A 74 
# 
_struct_site.id                   AC1 
_struct_site.pdbx_evidence_code   Software 
_struct_site.pdbx_auth_asym_id    A 
_struct_site.pdbx_auth_comp_id    5VL 
_struct_site.pdbx_auth_seq_id     201 
_struct_site.pdbx_auth_ins_code   ? 
_struct_site.pdbx_num_residues    8 
_struct_site.details              'binding site for residue 5VL A 201' 
# 
loop_
_struct_site_gen.id 
_struct_site_gen.site_id 
_struct_site_gen.pdbx_num_res 
_struct_site_gen.label_comp_id 
_struct_site_gen.label_asym_id 
_struct_site_gen.label_seq_id 
_struct_site_gen.pdbx_auth_ins_code 
_struct_site_gen.auth_comp_id 
_struct_site_gen.auth_asym_id 
_struct_site_gen.auth_seq_id 
_struct_site_gen.label_atom_id 
_struct_site_gen.label_alt_id 
_struct_site_gen.symmetry 
_struct_site_gen.details 
1 AC1 8 VAL A 24 ? VAL A 25  . ? 1_555 ? 
2 AC1 8 GLU A 41 ? GLU A 42  . ? 1_555 ? 
3 AC1 8 CYS A 42 ? CYS A 43  . ? 1_555 ? 
4 AC1 8 LYS A 58 ? LYS A 59  . ? 1_555 ? 
5 AC1 8 LEU A 59 ? LEU A 60  . ? 1_555 ? 
6 AC1 8 ARG A 60 ? ARG A 61  . ? 1_555 ? 
7 AC1 8 GLU A 77 ? GLU A 78  . ? 1_555 ? 
8 AC1 8 HOH C .  ? HOH A 339 . ? 1_555 ? 
# 
_atom_sites.entry_id                    5F6W 
_atom_sites.fract_transf_matrix[1][1]   -0.01819048 
_atom_sites.fract_transf_matrix[1][2]   -0.01013446 
_atom_sites.fract_transf_matrix[1][3]   -0.00350607 
_atom_sites.fract_transf_matrix[2][1]   0.00012451 
_atom_sites.fract_transf_matrix[2][2]   -0.00944094 
_atom_sites.fract_transf_matrix[2][3]   0.02664351 
_atom_sites.fract_transf_matrix[3][1]   -0.01487420 
_atom_sites.fract_transf_matrix[3][2]   0.01064038 
_atom_sites.fract_transf_matrix[3][3]   0.00383985 
_atom_sites.fract_transf_vector[1]      4.349652 
_atom_sites.fract_transf_vector[2]      -0.083216 
_atom_sites.fract_transf_vector[3]      3.128570 
# 
loop_
_atom_type.symbol 
C 
N 
O 
S 
# 
loop_
_atom_site.group_PDB 
_atom_site.id 
_atom_site.type_symbol 
_atom_site.label_atom_id 
_atom_site.label_alt_id 
_atom_site.label_comp_id 
_atom_site.label_asym_id 
_atom_site.label_entity_id 
_atom_site.label_seq_id 
_atom_site.pdbx_PDB_ins_code 
_atom_site.Cartn_x 
_atom_site.Cartn_y 
_atom_site.Cartn_z 
_atom_site.occupancy 
_atom_site.B_iso_or_equiv 
_atom_site.pdbx_formal_charge 
_atom_site.auth_seq_id 
_atom_site.auth_comp_id 
_atom_site.auth_asym_id 
_atom_site.auth_atom_id 
_atom_site.pdbx_PDB_model_num 
ATOM   1    N N   . SER A 1 1   ? 16.479  -15.127 -6.027  1.00 43.13 ? 2   SER A N   1 
ATOM   2    C CA  . SER A 1 1   ? 15.840  -15.272 -7.334  1.00 44.60 ? 2   SER A CA  1 
ATOM   3    C C   . SER A 1 1   ? 16.354  -14.250 -8.329  1.00 39.73 ? 2   SER A C   1 
ATOM   4    O O   . SER A 1 1   ? 16.047  -13.065 -8.211  1.00 28.77 ? 2   SER A O   1 
ATOM   5    C CB  . SER A 1 1   ? 14.321  -15.134 -7.214  1.00 39.14 ? 2   SER A CB  1 
ATOM   6    O OG  . SER A 1 1   ? 13.719  -15.069 -8.504  1.00 35.95 ? 2   SER A OG  1 
ATOM   7    N N   . GLY A 1 2   ? 17.122  -14.707 -9.314  1.00 34.76 ? 3   GLY A N   1 
ATOM   8    C CA  . GLY A 1 2   ? 17.642  -13.816 -10.332 1.00 30.39 ? 3   GLY A CA  1 
ATOM   9    C C   . GLY A 1 2   ? 16.555  -13.035 -11.050 1.00 28.68 ? 3   GLY A C   1 
ATOM   10   O O   . GLY A 1 2   ? 16.700  -11.841 -11.288 1.00 27.50 ? 3   GLY A O   1 
ATOM   11   N N   . ILE A 1 3   ? 15.461  -13.709 -11.399 1.00 27.47 ? 4   ILE A N   1 
ATOM   12   C CA  . ILE A 1 3   ? 14.384  -13.058 -12.137 1.00 23.16 ? 4   ILE A CA  1 
ATOM   13   C C   . ILE A 1 3   ? 13.762  -11.950 -11.296 1.00 23.14 ? 4   ILE A C   1 
ATOM   14   O O   . ILE A 1 3   ? 13.563  -10.835 -11.779 1.00 24.92 ? 4   ILE A O   1 
ATOM   15   C CB  . ILE A 1 3   ? 13.303  -14.061 -12.568 1.00 26.13 ? 4   ILE A CB  1 
ATOM   16   C CG1 . ILE A 1 3   ? 13.870  -15.000 -13.645 1.00 24.37 ? 4   ILE A CG1 1 
ATOM   17   C CG2 . ILE A 1 3   ? 12.068  -13.322 -13.098 1.00 23.43 ? 4   ILE A CG2 1 
ATOM   18   C CD1 . ILE A 1 3   ? 12.945  -16.156 -14.013 1.00 26.13 ? 4   ILE A CD1 1 
ATOM   19   N N   . ALA A 1 4   ? 13.466  -12.254 -10.038 1.00 24.77 ? 5   ALA A N   1 
ATOM   20   C CA  . ALA A 1 4   ? 12.860  -11.250 -9.162  1.00 22.16 ? 5   ALA A CA  1 
ATOM   21   C C   . ALA A 1 4   ? 13.814  -10.088 -8.933  1.00 24.92 ? 5   ALA A C   1 
ATOM   22   O O   . ALA A 1 4   ? 13.420  -8.920  -9.028  1.00 22.90 ? 5   ALA A O   1 
ATOM   23   C CB  . ALA A 1 4   ? 12.448  -11.868 -7.841  1.00 22.73 ? 5   ALA A CB  1 
ATOM   24   N N   . LEU A 1 5   ? 15.072  -10.397 -8.635  1.00 25.28 ? 6   LEU A N   1 
ATOM   25   C CA  . LEU A 1 5   ? 16.027  -9.336  -8.313  1.00 23.28 ? 6   LEU A CA  1 
ATOM   26   C C   . LEU A 1 5   ? 16.308  -8.437  -9.509  1.00 26.70 ? 6   LEU A C   1 
ATOM   27   O O   . LEU A 1 5   ? 16.511  -7.236  -9.349  1.00 26.52 ? 6   LEU A O   1 
ATOM   28   C CB  . LEU A 1 5   ? 17.326  -9.931  -7.760  1.00 24.94 ? 6   LEU A CB  1 
ATOM   29   C CG  . LEU A 1 5   ? 17.197  -10.589 -6.380  1.00 30.51 ? 6   LEU A CG  1 
ATOM   30   C CD1 . LEU A 1 5   ? 18.496  -11.276 -5.970  1.00 33.24 ? 6   LEU A CD1 1 
ATOM   31   C CD2 . LEU A 1 5   ? 16.728  -9.581  -5.293  1.00 29.16 ? 6   LEU A CD2 1 
ATOM   32   N N   . SER A 1 6   ? 16.301  -8.998  -10.712 1.00 25.86 ? 7   SER A N   1 
ATOM   33   C CA  A SER A 1 6   ? 16.501  -8.192  -11.910 0.56 26.69 ? 7   SER A CA  1 
ATOM   34   C CA  C SER A 1 6   ? 16.499  -8.199  -11.915 0.44 26.70 ? 7   SER A CA  1 
ATOM   35   C C   . SER A 1 6   ? 15.344  -7.220  -12.101 1.00 25.79 ? 7   SER A C   1 
ATOM   36   O O   . SER A 1 6   ? 15.547  -6.044  -12.404 1.00 25.20 ? 7   SER A O   1 
ATOM   37   C CB  A SER A 1 6   ? 16.653  -9.081  -13.148 0.56 28.67 ? 7   SER A CB  1 
ATOM   38   C CB  C SER A 1 6   ? 16.635  -9.102  -13.144 0.44 28.67 ? 7   SER A CB  1 
ATOM   39   O OG  A SER A 1 6   ? 17.836  -9.850  -13.074 0.56 33.40 ? 7   SER A OG  1 
ATOM   40   O OG  C SER A 1 6   ? 16.734  -8.337  -14.331 0.44 26.35 ? 7   SER A OG  1 
ATOM   41   N N   . ARG A 1 7   ? 14.127  -7.714  -11.914 1.00 22.50 ? 8   ARG A N   1 
ATOM   42   C CA  . ARG A 1 7   ? 12.970  -6.856  -12.054 1.00 19.17 ? 8   ARG A CA  1 
ATOM   43   C C   . ARG A 1 7   ? 12.930  -5.803  -10.945 1.00 24.12 ? 8   ARG A C   1 
ATOM   44   O O   . ARG A 1 7   ? 12.577  -4.653  -11.201 1.00 23.77 ? 8   ARG A O   1 
ATOM   45   C CB  . ARG A 1 7   ? 11.691  -7.692  -12.061 1.00 19.94 ? 8   ARG A CB  1 
ATOM   46   C CG  . ARG A 1 7   ? 10.414  -6.859  -12.010 1.00 21.75 ? 8   ARG A CG  1 
ATOM   47   C CD  . ARG A 1 7   ? 10.217  -5.888  -13.186 1.00 22.26 ? 8   ARG A CD  1 
ATOM   48   N NE  . ARG A 1 7   ? 8.943   -5.217  -12.954 1.00 22.98 ? 8   ARG A NE  1 
ATOM   49   C CZ  . ARG A 1 7   ? 7.758   -5.732  -13.269 1.00 21.72 ? 8   ARG A CZ  1 
ATOM   50   N NH1 . ARG A 1 7   ? 7.680   -6.892  -13.910 1.00 19.56 ? 8   ARG A NH1 1 
ATOM   51   N NH2 . ARG A 1 7   ? 6.646   -5.070  -12.955 1.00 22.90 ? 8   ARG A NH2 1 
ATOM   52   N N   . LEU A 1 8   ? 13.312  -6.177  -9.727  1.00 23.27 ? 9   LEU A N   1 
ATOM   53   C CA  . LEU A 1 8   ? 13.246  -5.218  -8.618  1.00 22.47 ? 9   LEU A CA  1 
ATOM   54   C C   . LEU A 1 8   ? 14.284  -4.110  -8.783  1.00 24.29 ? 9   LEU A C   1 
ATOM   55   O O   . LEU A 1 8   ? 14.051  -2.976  -8.382  1.00 23.72 ? 9   LEU A O   1 
ATOM   56   C CB  . LEU A 1 8   ? 13.414  -5.927  -7.278  1.00 24.48 ? 9   LEU A CB  1 
ATOM   57   C CG  . LEU A 1 8   ? 12.156  -6.709  -6.894  1.00 21.94 ? 9   LEU A CG  1 
ATOM   58   C CD1 . LEU A 1 8   ? 12.446  -7.801  -5.860  1.00 23.41 ? 9   LEU A CD1 1 
ATOM   59   C CD2 . LEU A 1 8   ? 11.058  -5.747  -6.399  1.00 20.02 ? 9   LEU A CD2 1 
ATOM   60   N N   . ALA A 1 9   ? 15.423  -4.431  -9.391  1.00 24.02 ? 10  ALA A N   1 
ATOM   61   C CA  . ALA A 1 9   ? 16.417  -3.402  -9.681  1.00 25.05 ? 10  ALA A CA  1 
ATOM   62   C C   . ALA A 1 9   ? 15.860  -2.443  -10.719 1.00 26.41 ? 10  ALA A C   1 
ATOM   63   O O   . ALA A 1 9   ? 16.065  -1.223  -10.636 1.00 24.66 ? 10  ALA A O   1 
ATOM   64   C CB  . ALA A 1 9   ? 17.736  -4.031  -10.162 1.00 25.98 ? 10  ALA A CB  1 
ATOM   65   N N   . GLN A 1 10  ? 15.142  -3.004  -11.694 1.00 24.52 ? 11  GLN A N   1 
ATOM   66   C CA  . GLN A 1 10  ? 14.463  -2.219  -12.714 1.00 24.06 ? 11  GLN A CA  1 
ATOM   67   C C   . GLN A 1 10  ? 13.447  -1.273  -12.091 1.00 25.03 ? 11  GLN A C   1 
ATOM   68   O O   . GLN A 1 10  ? 13.351  -0.109  -12.480 1.00 26.22 ? 11  GLN A O   1 
ATOM   69   C CB  . GLN A 1 10  ? 13.773  -3.146  -13.714 1.00 27.15 ? 11  GLN A CB  1 
ATOM   70   C CG  . GLN A 1 10  ? 13.174  -2.457  -14.923 1.00 36.19 ? 11  GLN A CG  1 
ATOM   71   C CD  . GLN A 1 10  ? 12.803  -3.447  -16.013 1.00 51.56 ? 11  GLN A CD  1 
ATOM   72   O OE1 . GLN A 1 10  ? 13.181  -4.619  -15.954 1.00 48.72 ? 11  GLN A OE1 1 
ATOM   73   N NE2 . GLN A 1 10  ? 12.060  -2.981  -17.012 1.00 65.62 ? 11  GLN A NE2 1 
ATOM   74   N N   . GLU A 1 11  ? 12.681  -1.789  -11.130 1.00 25.86 ? 12  GLU A N   1 
ATOM   75   C CA  . GLU A 1 11  ? 11.669  -0.985  -10.455 1.00 23.78 ? 12  GLU A CA  1 
ATOM   76   C C   . GLU A 1 11  ? 12.303  0.145   -9.662  1.00 24.74 ? 12  GLU A C   1 
ATOM   77   O O   . GLU A 1 11  ? 11.802  1.264   -9.656  1.00 25.83 ? 12  GLU A O   1 
ATOM   78   C CB  . GLU A 1 11  ? 10.817  -1.853  -9.522  1.00 23.95 ? 12  GLU A CB  1 
ATOM   79   C CG  . GLU A 1 11  ? 9.910   -2.826  -10.254 1.00 25.85 ? 12  GLU A CG  1 
ATOM   80   C CD  . GLU A 1 11  ? 8.655   -2.171  -10.807 1.00 25.36 ? 12  GLU A CD  1 
ATOM   81   O OE1 . GLU A 1 11  ? 8.231   -1.126  -10.267 1.00 23.48 ? 12  GLU A OE1 1 
ATOM   82   O OE2 . GLU A 1 11  ? 8.089   -2.702  -11.792 1.00 25.81 ? 12  GLU A OE2 1 
ATOM   83   N N   . ARG A 1 12  ? 13.398  -0.167  -8.978  1.00 25.03 ? 13  ARG A N   1 
ATOM   84   C CA  . ARG A 1 12  ? 14.090  0.831   -8.173  1.00 23.48 ? 13  ARG A CA  1 
ATOM   85   C C   . ARG A 1 12  ? 14.625  1.953   -9.058  1.00 26.36 ? 13  ARG A C   1 
ATOM   86   O O   . ARG A 1 12  ? 14.494  3.126   -8.722  1.00 25.52 ? 13  ARG A O   1 
ATOM   87   C CB  . ARG A 1 12  ? 15.208  0.181   -7.366  1.00 20.78 ? 13  ARG A CB  1 
ATOM   88   C CG  . ARG A 1 12  ? 15.917  1.119   -6.396  1.00 26.22 ? 13  ARG A CG  1 
ATOM   89   C CD  . ARG A 1 12  ? 17.112  0.420   -5.729  1.00 32.16 ? 13  ARG A CD  1 
ATOM   90   N NE  . ARG A 1 12  ? 17.902  1.345   -4.920  1.00 43.37 ? 13  ARG A NE  1 
ATOM   91   C CZ  . ARG A 1 12  ? 19.003  1.954   -5.347  1.00 47.43 ? 13  ARG A CZ  1 
ATOM   92   N NH1 . ARG A 1 12  ? 19.449  1.736   -6.579  1.00 57.24 ? 13  ARG A NH1 1 
ATOM   93   N NH2 . ARG A 1 12  ? 19.660  2.780   -4.545  1.00 62.97 ? 13  ARG A NH2 1 
ATOM   94   N N   . LYS A 1 13  ? 15.183  1.594   -10.215 1.00 25.54 ? 14  LYS A N   1 
ATOM   95   C CA  . LYS A 1 13  ? 15.709  2.606   -11.130 1.00 27.62 ? 14  LYS A CA  1 
ATOM   96   C C   . LYS A 1 13  ? 14.591  3.515   -11.639 1.00 28.06 ? 14  LYS A C   1 
ATOM   97   O O   . LYS A 1 13  ? 14.745  4.736   -11.697 1.00 25.62 ? 14  LYS A O   1 
ATOM   98   C CB  . LYS A 1 13  ? 16.446  1.944   -12.310 1.00 27.26 ? 14  LYS A CB  1 
ATOM   99   C CG  . LYS A 1 13  ? 16.720  2.908   -13.467 1.00 38.70 ? 14  LYS A CG  1 
ATOM   100  C CD  . LYS A 1 13  ? 17.342  2.199   -14.664 1.00 45.02 ? 14  LYS A CD  1 
ATOM   101  C CE  . LYS A 1 13  ? 17.547  3.153   -15.844 1.00 57.64 ? 14  LYS A CE  1 
ATOM   102  N NZ  . LYS A 1 13  ? 16.635  4.343   -15.826 1.00 52.65 ? 14  LYS A NZ  1 
ATOM   103  N N   . ALA A 1 14  ? 13.457  2.917   -11.997 1.00 25.71 ? 15  ALA A N   1 
ATOM   104  C CA  . ALA A 1 14  ? 12.330  3.668   -12.526 1.00 27.50 ? 15  ALA A CA  1 
ATOM   105  C C   . ALA A 1 14  ? 11.743  4.597   -11.462 1.00 25.67 ? 15  ALA A C   1 
ATOM   106  O O   . ALA A 1 14  ? 11.441  5.760   -11.732 1.00 27.47 ? 15  ALA A O   1 
ATOM   107  C CB  . ALA A 1 14  ? 11.261  2.716   -13.052 1.00 26.58 ? 15  ALA A CB  1 
ATOM   108  N N   . TRP A 1 15  ? 11.593  4.071   -10.251 1.00 24.97 ? 16  TRP A N   1 
ATOM   109  C CA  . TRP A 1 15  ? 11.017  4.837   -9.147  1.00 23.19 ? 16  TRP A CA  1 
ATOM   110  C C   . TRP A 1 15  ? 11.876  6.070   -8.853  1.00 27.59 ? 16  TRP A C   1 
ATOM   111  O O   . TRP A 1 15  ? 11.374  7.194   -8.772  1.00 25.86 ? 16  TRP A O   1 
ATOM   112  C CB  . TRP A 1 15  ? 10.889  3.967   -7.895  1.00 25.01 ? 16  TRP A CB  1 
ATOM   113  C CG  . TRP A 1 15  ? 10.377  4.721   -6.716  1.00 22.71 ? 16  TRP A CG  1 
ATOM   114  C CD1 . TRP A 1 15  ? 11.118  5.272   -5.701  1.00 26.95 ? 16  TRP A CD1 1 
ATOM   115  C CD2 . TRP A 1 15  ? 9.014   5.020   -6.423  1.00 24.24 ? 16  TRP A CD2 1 
ATOM   116  N NE1 . TRP A 1 15  ? 10.293  5.904   -4.801  1.00 24.04 ? 16  TRP A NE1 1 
ATOM   117  C CE2 . TRP A 1 15  ? 8.996   5.759   -5.220  1.00 23.55 ? 16  TRP A CE2 1 
ATOM   118  C CE3 . TRP A 1 15  ? 7.802   4.741   -7.066  1.00 23.84 ? 16  TRP A CE3 1 
ATOM   119  C CZ2 . TRP A 1 15  ? 7.812   6.219   -4.641  1.00 24.40 ? 16  TRP A CZ2 1 
ATOM   120  C CZ3 . TRP A 1 15  ? 6.623   5.203   -6.489  1.00 23.72 ? 16  TRP A CZ3 1 
ATOM   121  C CH2 . TRP A 1 15  ? 6.639   5.931   -5.286  1.00 25.25 ? 16  TRP A CH2 1 
ATOM   122  N N   . ARG A 1 16  ? 13.178  5.852   -8.714  1.00 30.33 ? 17  ARG A N   1 
ATOM   123  C CA  . ARG A 1 16  ? 14.107  6.937   -8.410  1.00 27.86 ? 17  ARG A CA  1 
ATOM   124  C C   . ARG A 1 16  ? 14.130  7.988   -9.519  1.00 34.80 ? 17  ARG A C   1 
ATOM   125  O O   . ARG A 1 16  ? 14.275  9.175   -9.251  1.00 37.18 ? 17  ARG A O   1 
ATOM   126  C CB  . ARG A 1 16  ? 15.509  6.374   -8.163  1.00 31.11 ? 17  ARG A CB  1 
ATOM   127  C CG  . ARG A 1 16  ? 15.601  5.545   -6.879  1.00 32.11 ? 17  ARG A CG  1 
ATOM   128  C CD  . ARG A 1 16  ? 16.955  4.874   -6.737  1.00 34.17 ? 17  ARG A CD  1 
ATOM   129  N NE  . ARG A 1 16  ? 18.037  5.853   -6.690  1.00 42.11 ? 17  ARG A NE  1 
ATOM   130  C CZ  . ARG A 1 16  ? 18.436  6.469   -5.582  1.00 53.94 ? 17  ARG A CZ  1 
ATOM   131  N NH1 . ARG A 1 16  ? 17.849  6.204   -4.420  1.00 50.06 ? 17  ARG A NH1 1 
ATOM   132  N NH2 . ARG A 1 16  ? 19.425  7.350   -5.635  1.00 58.49 ? 17  ARG A NH2 1 
ATOM   133  N N   . LYS A 1 17  ? 13.950  7.550   -10.759 1.00 28.94 ? 18  LYS A N   1 
ATOM   134  C CA  . LYS A 1 17  ? 13.905  8.467   -11.891 1.00 31.41 ? 18  LYS A CA  1 
ATOM   135  C C   . LYS A 1 17  ? 12.637  9.336   -11.893 1.00 36.65 ? 18  LYS A C   1 
ATOM   136  O O   . LYS A 1 17  ? 12.687  10.528  -12.187 1.00 32.84 ? 18  LYS A O   1 
ATOM   137  C CB  . LYS A 1 17  ? 14.015  7.673   -13.199 1.00 29.46 ? 18  LYS A CB  1 
ATOM   138  C CG  . LYS A 1 17  ? 14.005  8.516   -14.460 1.00 38.01 ? 18  LYS A CG  1 
ATOM   139  C CD  . LYS A 1 17  ? 14.416  7.681   -15.674 1.00 38.34 ? 18  LYS A CD  1 
ATOM   140  C CE  . LYS A 1 17  ? 14.506  8.550   -16.931 1.00 48.87 ? 18  LYS A CE  1 
ATOM   141  N NZ  . LYS A 1 17  ? 15.022  7.794   -18.111 1.00 65.08 ? 18  LYS A NZ  1 
ATOM   142  N N   . ASP A 1 18  ? 11.503  8.740   -11.548 1.00 30.08 ? 19  ASP A N   1 
ATOM   143  C CA  . ASP A 1 18  ? 10.223  9.428   -11.637 1.00 33.09 ? 19  ASP A CA  1 
ATOM   144  C C   . ASP A 1 18  ? 9.216   8.779   -10.700 1.00 35.32 ? 19  ASP A C   1 
ATOM   145  O O   . ASP A 1 18  ? 8.854   7.622   -10.893 1.00 32.80 ? 19  ASP A O   1 
ATOM   146  C CB  . ASP A 1 18  ? 9.705   9.398   -13.084 1.00 35.53 ? 19  ASP A CB  1 
ATOM   147  C CG  . ASP A 1 18  ? 8.344   10.053  -13.235 1.00 49.58 ? 19  ASP A CG  1 
ATOM   148  O OD1 . ASP A 1 18  ? 8.097   11.072  -12.561 1.00 51.04 ? 19  ASP A OD1 1 
ATOM   149  O OD2 . ASP A 1 18  ? 7.521   9.549   -14.030 1.00 58.00 ? 19  ASP A OD2 1 
ATOM   150  N N   . HIS A 1 19  ? 8.771   9.510   -9.680  1.00 32.36 ? 20  HIS A N   1 
ATOM   151  C CA  . HIS A 1 19  ? 7.754   8.984   -8.775  1.00 28.71 ? 20  HIS A CA  1 
ATOM   152  C C   . HIS A 1 19  ? 6.872   10.110  -8.266  1.00 29.06 ? 20  HIS A C   1 
ATOM   153  O O   . HIS A 1 19  ? 7.291   11.274  -8.263  1.00 28.27 ? 20  HIS A O   1 
ATOM   154  C CB  . HIS A 1 19  ? 8.394   8.225   -7.606  1.00 29.50 ? 20  HIS A CB  1 
ATOM   155  C CG  . HIS A 1 19  ? 9.275   9.066   -6.736  1.00 27.27 ? 20  HIS A CG  1 
ATOM   156  N ND1 . HIS A 1 19  ? 8.780   9.926   -5.781  1.00 31.70 ? 20  HIS A ND1 1 
ATOM   157  C CD2 . HIS A 1 19  ? 10.623  9.166   -6.671  1.00 30.18 ? 20  HIS A CD2 1 
ATOM   158  C CE1 . HIS A 1 19  ? 9.784   10.527  -5.170  1.00 35.23 ? 20  HIS A CE1 1 
ATOM   159  N NE2 . HIS A 1 19  ? 10.913  10.079  -5.685  1.00 38.67 ? 20  HIS A NE2 1 
ATOM   160  N N   . PRO A 1 20  ? 5.635   9.772   -7.855  1.00 28.37 ? 21  PRO A N   1 
ATOM   161  C CA  . PRO A 1 20  ? 4.686   10.799  -7.403  1.00 27.64 ? 21  PRO A CA  1 
ATOM   162  C C   . PRO A 1 20  ? 5.136   11.500  -6.129  1.00 25.96 ? 21  PRO A C   1 
ATOM   163  O O   . PRO A 1 20  ? 5.697   10.880  -5.235  1.00 25.41 ? 21  PRO A O   1 
ATOM   164  C CB  . PRO A 1 20  ? 3.389   10.009  -7.166  1.00 27.18 ? 21  PRO A CB  1 
ATOM   165  C CG  . PRO A 1 20  ? 3.819   8.590   -7.000  1.00 25.76 ? 21  PRO A CG  1 
ATOM   166  C CD  . PRO A 1 20  ? 5.027   8.427   -7.883  1.00 27.47 ? 21  PRO A CD  1 
ATOM   167  N N   . PHE A 1 21  ? 4.878   12.803  -6.058  1.00 29.02 ? 22  PHE A N   1 
ATOM   168  C CA  . PHE A 1 21  ? 5.377   13.626  -4.966  1.00 25.28 ? 22  PHE A CA  1 
ATOM   169  C C   . PHE A 1 21  ? 4.824   13.197  -3.620  1.00 30.55 ? 22  PHE A C   1 
ATOM   170  O O   . PHE A 1 21  ? 3.622   12.987  -3.483  1.00 27.51 ? 22  PHE A O   1 
ATOM   171  C CB  . PHE A 1 21  ? 5.025   15.106  -5.206  1.00 25.94 ? 22  PHE A CB  1 
ATOM   172  C CG  . PHE A 1 21  ? 5.542   16.022  -4.139  1.00 30.94 ? 22  PHE A CG  1 
ATOM   173  C CD1 . PHE A 1 21  ? 6.881   16.377  -4.111  1.00 27.87 ? 22  PHE A CD1 1 
ATOM   174  C CD2 . PHE A 1 21  ? 4.693   16.522  -3.158  1.00 28.79 ? 22  PHE A CD2 1 
ATOM   175  C CE1 . PHE A 1 21  ? 7.373   17.214  -3.118  1.00 30.40 ? 22  PHE A CE1 1 
ATOM   176  C CE2 . PHE A 1 21  ? 5.176   17.359  -2.167  1.00 29.84 ? 22  PHE A CE2 1 
ATOM   177  C CZ  . PHE A 1 21  ? 6.516   17.710  -2.147  1.00 32.21 ? 22  PHE A CZ  1 
ATOM   178  N N   . GLY A 1 22  ? 5.702   13.070  -2.629  1.00 27.42 ? 23  GLY A N   1 
ATOM   179  C CA  . GLY A 1 22  ? 5.266   12.768  -1.279  1.00 26.35 ? 23  GLY A CA  1 
ATOM   180  C C   . GLY A 1 22  ? 5.286   11.282  -0.967  1.00 25.65 ? 23  GLY A C   1 
ATOM   181  O O   . GLY A 1 22  ? 5.223   10.899  0.199   1.00 25.78 ? 23  GLY A O   1 
ATOM   182  N N   . PHE A 1 23  ? 5.351   10.460  -2.012  1.00 22.46 ? 24  PHE A N   1 
ATOM   183  C CA  . PHE A 1 23  ? 5.508   9.006   -1.854  1.00 23.57 ? 24  PHE A CA  1 
ATOM   184  C C   . PHE A 1 23  ? 6.964   8.660   -1.564  1.00 23.98 ? 24  PHE A C   1 
ATOM   185  O O   . PHE A 1 23  ? 7.887   9.337   -2.029  1.00 24.53 ? 24  PHE A O   1 
ATOM   186  C CB  . PHE A 1 23  ? 5.061   8.248   -3.114  1.00 23.20 ? 24  PHE A CB  1 
ATOM   187  C CG  . PHE A 1 23  ? 3.567   8.223   -3.336  1.00 23.26 ? 24  PHE A CG  1 
ATOM   188  C CD1 . PHE A 1 23  ? 2.889   9.361   -3.766  1.00 22.49 ? 24  PHE A CD1 1 
ATOM   189  C CD2 . PHE A 1 23  ? 2.844   7.041   -3.165  1.00 21.93 ? 24  PHE A CD2 1 
ATOM   190  C CE1 . PHE A 1 23  ? 1.520   9.325   -3.999  1.00 26.45 ? 24  PHE A CE1 1 
ATOM   191  C CE2 . PHE A 1 23  ? 1.474   7.002   -3.396  1.00 23.70 ? 24  PHE A CE2 1 
ATOM   192  C CZ  . PHE A 1 23  ? 0.814   8.146   -3.819  1.00 23.04 ? 24  PHE A CZ  1 
ATOM   193  N N   . VAL A 1 24  ? 7.162   7.595   -0.805  1.00 21.84 ? 25  VAL A N   1 
ATOM   194  C CA  . VAL A 1 24  ? 8.488   7.045   -0.551  1.00 20.43 ? 25  VAL A CA  1 
ATOM   195  C C   . VAL A 1 24  ? 8.439   5.551   -0.848  1.00 24.79 ? 25  VAL A C   1 
ATOM   196  O O   . VAL A 1 24  ? 7.459   4.892   -0.530  1.00 22.01 ? 25  VAL A O   1 
ATOM   197  C CB  . VAL A 1 24  ? 8.935   7.281   0.908   1.00 25.07 ? 25  VAL A CB  1 
ATOM   198  C CG1 . VAL A 1 24  ? 10.293  6.614   1.177   1.00 23.91 ? 25  VAL A CG1 1 
ATOM   199  C CG2 . VAL A 1 24  ? 8.976   8.770   1.214   1.00 28.25 ? 25  VAL A CG2 1 
ATOM   200  N N   . ALA A 1 25  ? 9.478   5.012   -1.479  1.00 23.24 ? 26  ALA A N   1 
ATOM   201  C CA  . ALA A 1 25  ? 9.582   3.563   -1.626  1.00 25.32 ? 26  ALA A CA  1 
ATOM   202  C C   . ALA A 1 25  ? 11.048  3.165   -1.683  1.00 22.45 ? 26  ALA A C   1 
ATOM   203  O O   . ALA A 1 25  ? 11.728  3.466   -2.658  1.00 25.01 ? 26  ALA A O   1 
ATOM   204  C CB  . ALA A 1 25  ? 8.856   3.089   -2.868  1.00 25.31 ? 26  ALA A CB  1 
ATOM   205  N N   . VAL A 1 26  ? 11.549  2.510   -0.639  1.00 21.60 ? 27  VAL A N   1 
ATOM   206  C CA  . VAL A 1 26  ? 12.973  2.175   -0.612  1.00 22.85 ? 27  VAL A CA  1 
ATOM   207  C C   . VAL A 1 26  ? 13.193  0.760   -0.111  1.00 24.52 ? 27  VAL A C   1 
ATOM   208  O O   . VAL A 1 26  ? 12.512  0.305   0.805   1.00 26.86 ? 27  VAL A O   1 
ATOM   209  C CB  . VAL A 1 26  ? 13.776  3.167   0.275   1.00 27.78 ? 27  VAL A CB  1 
ATOM   210  C CG1 . VAL A 1 26  ? 13.679  4.587   -0.269  1.00 31.97 ? 27  VAL A CG1 1 
ATOM   211  C CG2 . VAL A 1 26  ? 13.282  3.137   1.704   1.00 31.64 ? 27  VAL A CG2 1 
ATOM   212  N N   A PRO A 1 27  ? 14.141  0.042   -0.730  0.40 23.31 ? 28  PRO A N   1 
ATOM   213  N N   B PRO A 1 27  ? 14.137  0.039   -0.728  0.60 23.24 ? 28  PRO A N   1 
ATOM   214  C CA  A PRO A 1 27  ? 14.520  -1.283  -0.239  0.40 23.76 ? 28  PRO A CA  1 
ATOM   215  C CA  B PRO A 1 27  ? 14.443  -1.292  -0.212  0.60 23.65 ? 28  PRO A CA  1 
ATOM   216  C C   A PRO A 1 27  ? 15.086  -1.208  1.174   0.40 26.21 ? 28  PRO A C   1 
ATOM   217  C C   B PRO A 1 27  ? 15.059  -1.207  1.177   0.60 26.22 ? 28  PRO A C   1 
ATOM   218  O O   A PRO A 1 27  ? 15.595  -0.160  1.572   0.40 27.87 ? 28  PRO A O   1 
ATOM   219  O O   B PRO A 1 27  ? 15.573  -0.156  1.560   0.60 27.89 ? 28  PRO A O   1 
ATOM   220  C CB  A PRO A 1 27  ? 15.593  -1.734  -1.237  0.40 25.43 ? 28  PRO A CB  1 
ATOM   221  C CB  B PRO A 1 27  ? 15.443  -1.844  -1.232  0.60 25.51 ? 28  PRO A CB  1 
ATOM   222  C CG  A PRO A 1 27  ? 15.320  -0.941  -2.473  0.40 23.67 ? 28  PRO A CG  1 
ATOM   223  C CG  B PRO A 1 27  ? 16.064  -0.636  -1.841  0.60 22.61 ? 28  PRO A CG  1 
ATOM   224  C CD  A PRO A 1 27  ? 14.823  0.388   -1.989  0.40 25.60 ? 28  PRO A CD  1 
ATOM   225  C CD  B PRO A 1 27  ? 14.975  0.402   -1.883  0.60 25.79 ? 28  PRO A CD  1 
ATOM   226  N N   . THR A 1 28  ? 14.987  -2.299  1.927   1.00 25.42 ? 29  THR A N   1 
ATOM   227  C CA  . THR A 1 28  ? 15.528  -2.332  3.274   1.00 28.05 ? 29  THR A CA  1 
ATOM   228  C C   . THR A 1 28  ? 16.952  -2.867  3.231   1.00 26.82 ? 29  THR A C   1 
ATOM   229  O O   . THR A 1 28  ? 17.543  -2.986  2.158   1.00 25.74 ? 29  THR A O   1 
ATOM   230  C CB  . THR A 1 28  ? 14.659  -3.183  4.203   1.00 25.57 ? 29  THR A CB  1 
ATOM   231  O OG1 . THR A 1 28  ? 14.490  -4.491  3.640   1.00 25.75 ? 29  THR A OG1 1 
ATOM   232  C CG2 . THR A 1 28  ? 13.281  -2.534  4.367   1.00 26.92 ? 29  THR A CG2 1 
ATOM   233  N N   . LYS A 1 29  ? 17.503  -3.176  4.402   1.00 25.78 ? 30  LYS A N   1 
ATOM   234  C CA  . LYS A 1 29  ? 18.847  -3.712  4.472   1.00 25.49 ? 30  LYS A CA  1 
ATOM   235  C C   . LYS A 1 29  ? 18.867  -5.048  5.173   1.00 23.03 ? 30  LYS A C   1 
ATOM   236  O O   . LYS A 1 29  ? 18.074  -5.301  6.090   1.00 29.01 ? 30  LYS A O   1 
ATOM   237  C CB  . LYS A 1 29  ? 19.787  -2.727  5.185   1.00 29.58 ? 30  LYS A CB  1 
ATOM   238  C CG  . LYS A 1 29  ? 19.936  -1.399  4.444   1.00 31.23 ? 30  LYS A CG  1 
ATOM   239  C CD  . LYS A 1 29  ? 20.961  -0.457  5.089   1.00 33.98 ? 30  LYS A CD  1 
ATOM   240  C CE  . LYS A 1 29  ? 20.958  0.906   4.396   1.00 38.93 ? 30  LYS A CE  1 
ATOM   241  N NZ  . LYS A 1 29  ? 22.006  1.828   4.940   1.00 37.27 ? 30  LYS A NZ  1 
ATOM   242  N N   . ASN A 1 30  ? 19.787  -5.900  4.734   1.00 24.75 ? 31  ASN A N   1 
ATOM   243  C CA  . ASN A 1 30  ? 20.086  -7.145  5.414   1.00 27.33 ? 31  ASN A CA  1 
ATOM   244  C C   . ASN A 1 30  ? 20.877  -6.874  6.698   1.00 32.49 ? 31  ASN A C   1 
ATOM   245  O O   . ASN A 1 30  ? 21.398  -5.784  6.868   1.00 30.23 ? 31  ASN A O   1 
ATOM   246  C CB  . ASN A 1 30  ? 20.870  -8.064  4.472   1.00 28.55 ? 31  ASN A CB  1 
ATOM   247  C CG  . ASN A 1 30  ? 20.072  -8.448  3.245   1.00 28.59 ? 31  ASN A CG  1 
ATOM   248  O OD1 . ASN A 1 30  ? 18.948  -8.950  3.357   1.00 31.76 ? 31  ASN A OD1 1 
ATOM   249  N ND2 . ASN A 1 30  ? 20.637  -8.201  2.069   1.00 34.26 ? 31  ASN A ND2 1 
ATOM   250  N N   . PRO A 1 31  ? 20.964  -7.859  7.608   1.00 33.37 ? 32  PRO A N   1 
ATOM   251  C CA  . PRO A 1 31  ? 21.747  -7.646  8.837   1.00 35.59 ? 32  PRO A CA  1 
ATOM   252  C C   . PRO A 1 31  ? 23.215  -7.269  8.603   1.00 36.57 ? 32  PRO A C   1 
ATOM   253  O O   . PRO A 1 31  ? 23.852  -6.716  9.512   1.00 33.11 ? 32  PRO A O   1 
ATOM   254  C CB  . PRO A 1 31  ? 21.646  -9.000  9.548   1.00 35.83 ? 32  PRO A CB  1 
ATOM   255  C CG  . PRO A 1 31  ? 20.351  -9.554  9.087   1.00 39.01 ? 32  PRO A CG  1 
ATOM   256  C CD  . PRO A 1 31  ? 20.221  -9.133  7.649   1.00 37.25 ? 32  PRO A CD  1 
ATOM   257  N N   . ASP A 1 32  ? 23.745  -7.551  7.416   1.00 33.92 ? 33  ASP A N   1 
ATOM   258  C CA  . ASP A 1 32  ? 25.127  -7.190  7.112   1.00 35.55 ? 33  ASP A CA  1 
ATOM   259  C C   . ASP A 1 32  ? 25.232  -5.844  6.404   1.00 33.87 ? 33  ASP A C   1 
ATOM   260  O O   . ASP A 1 32  ? 26.317  -5.447  5.982   1.00 37.90 ? 33  ASP A O   1 
ATOM   261  C CB  . ASP A 1 32  ? 25.807  -8.281  6.273   1.00 40.38 ? 33  ASP A CB  1 
ATOM   262  C CG  . ASP A 1 32  ? 25.176  -8.454  4.903   1.00 44.00 ? 33  ASP A CG  1 
ATOM   263  O OD1 . ASP A 1 32  ? 24.231  -7.714  4.566   1.00 33.99 ? 33  ASP A OD1 1 
ATOM   264  O OD2 . ASP A 1 32  ? 25.640  -9.336  4.149   1.00 38.04 ? 33  ASP A OD2 1 
ATOM   265  N N   . GLY A 1 33  ? 24.106  -5.147  6.270   1.00 27.88 ? 34  GLY A N   1 
ATOM   266  C CA  . GLY A 1 33  ? 24.089  -3.809  5.710   1.00 32.33 ? 34  GLY A CA  1 
ATOM   267  C C   . GLY A 1 33  ? 23.847  -3.717  4.214   1.00 32.00 ? 34  GLY A C   1 
ATOM   268  O O   . GLY A 1 33  ? 23.626  -2.625  3.678   1.00 32.43 ? 34  GLY A O   1 
ATOM   269  N N   . THR A 1 34  ? 23.896  -4.852  3.531   1.00 30.95 ? 35  THR A N   1 
ATOM   270  C CA  . THR A 1 34  ? 23.645  -4.866  2.099   1.00 28.57 ? 35  THR A CA  1 
ATOM   271  C C   . THR A 1 34  ? 22.167  -4.646  1.819   1.00 32.65 ? 35  THR A C   1 
ATOM   272  O O   . THR A 1 34  ? 21.329  -4.815  2.702   1.00 27.67 ? 35  THR A O   1 
ATOM   273  C CB  . THR A 1 34  ? 24.076  -6.184  1.447   1.00 30.27 ? 35  THR A CB  1 
ATOM   274  O OG1 . THR A 1 34  ? 23.390  -7.275  2.069   1.00 30.43 ? 35  THR A OG1 1 
ATOM   275  C CG2 . THR A 1 34  ? 25.584  -6.386  1.591   1.00 33.89 ? 35  THR A CG2 1 
ATOM   276  N N   . MET A 1 35  ? 21.856  -4.284  0.582   1.00 32.19 ? 36  MET A N   1 
ATOM   277  C CA  . MET A 1 35  ? 20.483  -3.972  0.193   1.00 26.64 ? 36  MET A CA  1 
ATOM   278  C C   . MET A 1 35  ? 19.626  -5.228  0.072   1.00 28.60 ? 36  MET A C   1 
ATOM   279  O O   . MET A 1 35  ? 20.066  -6.232  -0.492  1.00 28.50 ? 36  MET A O   1 
ATOM   280  C CB  . MET A 1 35  ? 20.485  -3.211  -1.126  1.00 33.31 ? 36  MET A CB  1 
ATOM   281  C CG  . MET A 1 35  ? 19.112  -2.900  -1.677  1.00 29.20 ? 36  MET A CG  1 
ATOM   282  S SD  . MET A 1 35  ? 19.221  -1.937  -3.197  1.00 35.52 ? 36  MET A SD  1 
ATOM   283  C CE  . MET A 1 35  ? 19.804  -0.365  -2.570  1.00 48.33 ? 36  MET A CE  1 
ATOM   284  N N   . ASN A 1 36  ? 18.408  -5.168  0.607   1.00 25.58 ? 37  ASN A N   1 
ATOM   285  C CA  . ASN A 1 36  ? 17.454  -6.270  0.490   1.00 27.15 ? 37  ASN A CA  1 
ATOM   286  C C   . ASN A 1 36  ? 16.285  -5.842  -0.380  1.00 25.33 ? 37  ASN A C   1 
ATOM   287  O O   . ASN A 1 36  ? 15.349  -5.207  0.096   1.00 25.13 ? 37  ASN A O   1 
ATOM   288  C CB  . ASN A 1 36  ? 16.958  -6.720  1.870   1.00 26.66 ? 37  ASN A CB  1 
ATOM   289  C CG  . ASN A 1 36  ? 15.905  -7.818  1.787   1.00 27.42 ? 37  ASN A CG  1 
ATOM   290  O OD1 . ASN A 1 36  ? 15.675  -8.398  0.731   1.00 31.03 ? 37  ASN A OD1 1 
ATOM   291  N ND2 . ASN A 1 36  ? 15.279  -8.118  2.911   1.00 30.44 ? 37  ASN A ND2 1 
ATOM   292  N N   . LEU A 1 37  ? 16.340  -6.199  -1.659  1.00 25.46 ? 38  LEU A N   1 
ATOM   293  C CA  . LEU A 1 37  ? 15.318  -5.775  -2.615  1.00 24.07 ? 38  LEU A CA  1 
ATOM   294  C C   . LEU A 1 37  ? 13.987  -6.504  -2.448  1.00 23.32 ? 38  LEU A C   1 
ATOM   295  O O   . LEU A 1 37  ? 13.012  -6.143  -3.101  1.00 24.60 ? 38  LEU A O   1 
ATOM   296  C CB  . LEU A 1 37  ? 15.821  -5.969  -4.050  1.00 27.21 ? 38  LEU A CB  1 
ATOM   297  C CG  . LEU A 1 37  ? 16.811  -4.931  -4.596  1.00 22.57 ? 38  LEU A CG  1 
ATOM   298  C CD1 . LEU A 1 37  ? 17.507  -5.470  -5.854  1.00 25.03 ? 38  LEU A CD1 1 
ATOM   299  C CD2 . LEU A 1 37  ? 16.108  -3.628  -4.904  1.00 28.11 ? 38  LEU A CD2 1 
ATOM   300  N N   . MET A 1 38  ? 13.940  -7.521  -1.594  1.00 23.60 ? 39  MET A N   1 
ATOM   301  C CA  . MET A 1 38  ? 12.725  -8.312  -1.432  1.00 21.47 ? 39  MET A CA  1 
ATOM   302  C C   . MET A 1 38  ? 11.763  -7.720  -0.389  1.00 23.03 ? 39  MET A C   1 
ATOM   303  O O   . MET A 1 38  ? 10.682  -8.250  -0.188  1.00 25.42 ? 39  MET A O   1 
ATOM   304  C CB  . MET A 1 38  ? 13.048  -9.753  -1.038  1.00 23.30 ? 39  MET A CB  1 
ATOM   305  C CG  . MET A 1 38  ? 14.032  -10.462 -1.981  1.00 24.19 ? 39  MET A CG  1 
ATOM   306  S SD  . MET A 1 38  ? 13.501  -10.474 -3.706  1.00 28.67 ? 39  MET A SD  1 
ATOM   307  C CE  . MET A 1 38  ? 12.121  -11.602 -3.645  1.00 26.60 ? 39  MET A CE  1 
ATOM   308  N N   . ASN A 1 39  ? 12.175  -6.640  0.273   1.00 22.22 ? 40  ASN A N   1 
ATOM   309  C CA  . ASN A 1 39  ? 11.423  -6.074  1.396   1.00 24.90 ? 40  ASN A CA  1 
ATOM   310  C C   . ASN A 1 39  ? 11.603  -4.563  1.357   1.00 26.21 ? 40  ASN A C   1 
ATOM   311  O O   . ASN A 1 39  ? 12.698  -4.062  1.590   1.00 26.00 ? 40  ASN A O   1 
ATOM   312  C CB  . ASN A 1 39  ? 11.919  -6.682  2.720   1.00 25.53 ? 40  ASN A CB  1 
ATOM   313  C CG  . ASN A 1 39  ? 11.195  -6.144  3.955   1.00 31.26 ? 40  ASN A CG  1 
ATOM   314  O OD1 . ASN A 1 39  ? 10.685  -5.026  3.968   1.00 29.51 ? 40  ASN A OD1 1 
ATOM   315  N ND2 . ASN A 1 39  ? 11.178  -6.949  5.016   1.00 34.18 ? 40  ASN A ND2 1 
ATOM   316  N N   . TRP A 1 40  ? 10.541  -3.842  1.019   1.00 23.23 ? 41  TRP A N   1 
ATOM   317  C CA  . TRP A 1 40  ? 10.615  -2.396  0.840   1.00 21.52 ? 41  TRP A CA  1 
ATOM   318  C C   . TRP A 1 40  ? 9.809   -1.670  1.907   1.00 22.09 ? 41  TRP A C   1 
ATOM   319  O O   . TRP A 1 40  ? 8.747   -2.137  2.315   1.00 23.26 ? 41  TRP A O   1 
ATOM   320  C CB  . TRP A 1 40  ? 10.081  -1.973  -0.531  1.00 22.87 ? 41  TRP A CB  1 
ATOM   321  C CG  . TRP A 1 40  ? 10.930  -2.323  -1.697  1.00 21.49 ? 41  TRP A CG  1 
ATOM   322  C CD1 . TRP A 1 40  ? 11.489  -3.528  -1.976  1.00 22.34 ? 41  TRP A CD1 1 
ATOM   323  C CD2 . TRP A 1 40  ? 11.272  -1.455  -2.786  1.00 23.32 ? 41  TRP A CD2 1 
ATOM   324  N NE1 . TRP A 1 40  ? 12.182  -3.463  -3.163  1.00 21.08 ? 41  TRP A NE1 1 
ATOM   325  C CE2 . TRP A 1 40  ? 12.065  -2.201  -3.681  1.00 21.90 ? 41  TRP A CE2 1 
ATOM   326  C CE3 . TRP A 1 40  ? 10.992  -0.115  -3.084  1.00 22.97 ? 41  TRP A CE3 1 
ATOM   327  C CZ2 . TRP A 1 40  ? 12.583  -1.653  -4.861  1.00 24.96 ? 41  TRP A CZ2 1 
ATOM   328  C CZ3 . TRP A 1 40  ? 11.507  0.429   -4.248  1.00 22.35 ? 41  TRP A CZ3 1 
ATOM   329  C CH2 . TRP A 1 40  ? 12.294  -0.343  -5.127  1.00 25.97 ? 41  TRP A CH2 1 
ATOM   330  N N   . GLU A 1 41  ? 10.311  -0.520  2.334   1.00 20.25 ? 42  GLU A N   1 
ATOM   331  C CA  . GLU A 1 41  ? 9.555   0.345   3.231   1.00 20.26 ? 42  GLU A CA  1 
ATOM   332  C C   . GLU A 1 41  ? 9.027   1.530   2.425   1.00 20.56 ? 42  GLU A C   1 
ATOM   333  O O   . GLU A 1 41  ? 9.789   2.233   1.757   1.00 21.82 ? 42  GLU A O   1 
ATOM   334  C CB  . GLU A 1 41  ? 10.420  0.778   4.416   1.00 20.60 ? 42  GLU A CB  1 
ATOM   335  C CG  . GLU A 1 41  ? 10.506  -0.339  5.452   1.00 21.19 ? 42  GLU A CG  1 
ATOM   336  C CD  . GLU A 1 41  ? 11.683  -0.238  6.397   1.00 30.59 ? 42  GLU A CD  1 
ATOM   337  O OE1 . GLU A 1 41  ? 12.513  0.692   6.270   1.00 30.68 ? 42  GLU A OE1 1 
ATOM   338  O OE2 . GLU A 1 41  ? 11.761  -1.110  7.281   1.00 30.46 ? 42  GLU A OE2 1 
ATOM   339  N N   . CYS A 1 42  ? 7.706   1.723   2.471   1.00 22.31 ? 43  CYS A N   1 
ATOM   340  C CA  . CYS A 1 42  ? 7.039   2.726   1.642   1.00 20.12 ? 43  CYS A CA  1 
ATOM   341  C C   . CYS A 1 42  ? 6.185   3.642   2.481   1.00 21.91 ? 43  CYS A C   1 
ATOM   342  O O   . CYS A 1 42  ? 5.848   3.319   3.617   1.00 22.80 ? 43  CYS A O   1 
ATOM   343  C CB  . CYS A 1 42  ? 6.154   2.067   0.576   1.00 20.31 ? 43  CYS A CB  1 
ATOM   344  S SG  . CYS A 1 42  ? 7.003   0.801   -0.365  1.00 24.32 ? 43  CYS A SG  1 
ATOM   345  N N   . ALA A 1 43  ? 5.843   4.792   1.911   1.00 21.11 ? 44  ALA A N   1 
ATOM   346  C CA  . ALA A 1 43  ? 4.904   5.694   2.568   1.00 21.07 ? 44  ALA A CA  1 
ATOM   347  C C   . ALA A 1 43  ? 4.026   6.323   1.518   1.00 22.62 ? 44  ALA A C   1 
ATOM   348  O O   . ALA A 1 43  ? 4.490   6.706   0.437   1.00 23.06 ? 44  ALA A O   1 
ATOM   349  C CB  . ALA A 1 43  ? 5.626   6.753   3.370   1.00 27.16 ? 44  ALA A CB  1 
ATOM   350  N N   . ILE A 1 44  ? 2.740   6.414   1.842   1.00 21.49 ? 45  ILE A N   1 
ATOM   351  C CA  . ILE A 1 44  ? 1.757   6.954   0.929   1.00 21.12 ? 45  ILE A CA  1 
ATOM   352  C C   . ILE A 1 44  ? 1.160   8.193   1.574   1.00 20.81 ? 45  ILE A C   1 
ATOM   353  O O   . ILE A 1 44  ? 0.655   8.119   2.690   1.00 22.32 ? 45  ILE A O   1 
ATOM   354  C CB  . ILE A 1 44  ? 0.617   5.941   0.630   1.00 21.17 ? 45  ILE A CB  1 
ATOM   355  C CG1 . ILE A 1 44  ? 1.155   4.700   -0.099  1.00 21.68 ? 45  ILE A CG1 1 
ATOM   356  C CG2 . ILE A 1 44  ? -0.494  6.614   -0.141  1.00 22.44 ? 45  ILE A CG2 1 
ATOM   357  C CD1 . ILE A 1 44  ? 0.141   3.566   -0.150  1.00 24.78 ? 45  ILE A CD1 1 
ATOM   358  N N   . PRO A 1 45  ? 1.222   9.336   0.876   0.50 22.09 ? 46  PRO A N   1 
ATOM   359  C CA  . PRO A 1 45  ? 0.595   10.554  1.401   0.50 23.90 ? 46  PRO A CA  1 
ATOM   360  C C   . PRO A 1 45  ? -0.907  10.572  1.147   0.50 24.53 ? 46  PRO A C   1 
ATOM   361  O O   . PRO A 1 45  ? -1.360  10.106  0.102   0.50 25.78 ? 46  PRO A O   1 
ATOM   362  C CB  . PRO A 1 45  ? 1.294   11.665  0.617   0.50 24.87 ? 46  PRO A CB  1 
ATOM   363  C CG  . PRO A 1 45  ? 1.579   11.029  -0.713  0.50 23.78 ? 46  PRO A CG  1 
ATOM   364  C CD  . PRO A 1 45  ? 1.926   9.583   -0.396  0.50 23.08 ? 46  PRO A CD  1 
ATOM   365  N N   . GLY A 1 46  ? -1.672  11.108  2.091   1.00 24.00 ? 47  GLY A N   1 
ATOM   366  C CA  . GLY A 1 46  ? -3.097  11.264  1.888   1.00 25.28 ? 47  GLY A CA  1 
ATOM   367  C C   . GLY A 1 46  ? -3.325  12.268  0.768   1.00 26.06 ? 47  GLY A C   1 
ATOM   368  O O   . GLY A 1 46  ? -2.563  13.215  0.621   1.00 27.86 ? 47  GLY A O   1 
ATOM   369  N N   . ALA A 1 47  ? -4.356  12.052  -0.039  1.00 28.02 ? 48  ALA A N   1 
ATOM   370  C CA  . ALA A 1 47  ? -4.657  12.993  -1.113  1.00 31.25 ? 48  ALA A CA  1 
ATOM   371  C C   . ALA A 1 47  ? -5.192  14.296  -0.523  1.00 29.06 ? 48  ALA A C   1 
ATOM   372  O O   . ALA A 1 47  ? -6.003  14.283  0.413   1.00 29.20 ? 48  ALA A O   1 
ATOM   373  C CB  . ALA A 1 47  ? -5.657  12.394  -2.092  1.00 28.91 ? 48  ALA A CB  1 
ATOM   374  N N   . ALA A 1 48  ? -4.720  15.421  -1.052  1.00 31.95 ? 49  ALA A N   1 
ATOM   375  C CA  . ALA A 1 48  ? -5.237  16.719  -0.636  1.00 33.45 ? 49  ALA A CA  1 
ATOM   376  C C   . ALA A 1 48  ? -6.720  16.799  -0.953  1.00 32.49 ? 49  ALA A C   1 
ATOM   377  O O   . ALA A 1 48  ? -7.188  16.196  -1.912  1.00 35.23 ? 49  ALA A O   1 
ATOM   378  C CB  . ALA A 1 48  ? -4.487  17.846  -1.321  1.00 40.06 ? 49  ALA A CB  1 
ATOM   379  N N   . GLY A 1 49  ? -7.464  17.533  -0.138  1.00 31.74 ? 50  GLY A N   1 
ATOM   380  C CA  . GLY A 1 49  ? -8.881  17.727  -0.387  1.00 30.90 ? 50  GLY A CA  1 
ATOM   381  C C   . GLY A 1 49  ? -9.739  16.543  0.018   1.00 35.14 ? 50  GLY A C   1 
ATOM   382  O O   . GLY A 1 49  ? -10.949 16.534  -0.225  1.00 31.42 ? 50  GLY A O   1 
ATOM   383  N N   . THR A 1 50  ? -9.112  15.536  0.624   1.00 32.23 ? 51  THR A N   1 
ATOM   384  C CA  . THR A 1 50  ? -9.820  14.356  1.114   1.00 30.11 ? 51  THR A CA  1 
ATOM   385  C C   . THR A 1 50  ? -9.637  14.249  2.625   1.00 27.25 ? 51  THR A C   1 
ATOM   386  O O   . THR A 1 50  ? -8.762  14.897  3.196   1.00 24.36 ? 51  THR A O   1 
ATOM   387  C CB  . THR A 1 50  ? -9.301  13.050  0.439   1.00 25.78 ? 51  THR A CB  1 
ATOM   388  O OG1 . THR A 1 50  ? -8.028  12.715  0.995   1.00 26.44 ? 51  THR A OG1 1 
ATOM   389  C CG2 . THR A 1 50  ? -9.162  13.214  -1.056  1.00 31.14 ? 51  THR A CG2 1 
ATOM   390  N N   . PRO A 1 51  ? -10.441 13.404  3.290   1.00 28.76 ? 52  PRO A N   1 
ATOM   391  C CA  . PRO A 1 51  ? -10.242 13.192  4.725   1.00 30.40 ? 52  PRO A CA  1 
ATOM   392  C C   . PRO A 1 51  ? -8.858  12.618  5.082   1.00 27.32 ? 52  PRO A C   1 
ATOM   393  O O   . PRO A 1 51  ? -8.471  12.668  6.253   1.00 26.81 ? 52  PRO A O   1 
ATOM   394  C CB  . PRO A 1 51  ? -11.349 12.193  5.084   1.00 26.76 ? 52  PRO A CB  1 
ATOM   395  C CG  . PRO A 1 51  ? -12.381 12.378  4.032   1.00 29.74 ? 52  PRO A CG  1 
ATOM   396  C CD  . PRO A 1 51  ? -11.658 12.738  2.790   1.00 33.16 ? 52  PRO A CD  1 
ATOM   397  N N   . TRP A 1 52  ? -8.127  12.093  4.097   1.00 27.09 ? 53  TRP A N   1 
ATOM   398  C CA  . TRP A 1 52  ? -6.793  11.531  4.335   1.00 26.33 ? 53  TRP A CA  1 
ATOM   399  C C   . TRP A 1 52  ? -5.696  12.590  4.268   1.00 26.68 ? 53  TRP A C   1 
ATOM   400  O O   . TRP A 1 52  ? -4.545  12.323  4.611   1.00 23.43 ? 53  TRP A O   1 
ATOM   401  C CB  . TRP A 1 52  ? -6.491  10.401  3.324   1.00 23.80 ? 53  TRP A CB  1 
ATOM   402  C CG  . TRP A 1 52  ? -7.521  9.321   3.421   1.00 23.79 ? 53  TRP A CG  1 
ATOM   403  C CD1 . TRP A 1 52  ? -8.783  9.346   2.899   1.00 27.48 ? 53  TRP A CD1 1 
ATOM   404  C CD2 . TRP A 1 52  ? -7.412  8.093   4.150   1.00 20.19 ? 53  TRP A CD2 1 
ATOM   405  N NE1 . TRP A 1 52  ? -9.460  8.200   3.245   1.00 24.53 ? 53  TRP A NE1 1 
ATOM   406  C CE2 . TRP A 1 52  ? -8.637  7.415   4.010   1.00 22.51 ? 53  TRP A CE2 1 
ATOM   407  C CE3 . TRP A 1 52  ? -6.387  7.495   4.895   1.00 21.77 ? 53  TRP A CE3 1 
ATOM   408  C CZ2 . TRP A 1 52  ? -8.874  6.178   4.600   1.00 24.21 ? 53  TRP A CZ2 1 
ATOM   409  C CZ3 . TRP A 1 52  ? -6.624  6.271   5.477   1.00 22.12 ? 53  TRP A CZ3 1 
ATOM   410  C CH2 . TRP A 1 52  ? -7.855  5.626   5.326   1.00 22.10 ? 53  TRP A CH2 1 
ATOM   411  N N   . ALA A 1 53  ? -6.061  13.795  3.841   1.00 27.53 ? 54  ALA A N   1 
ATOM   412  C CA  . ALA A 1 53  ? -5.082  14.852  3.645   1.00 25.41 ? 54  ALA A CA  1 
ATOM   413  C C   . ALA A 1 53  ? -4.225  15.084  4.880   1.00 24.02 ? 54  ALA A C   1 
ATOM   414  O O   . ALA A 1 53  ? -4.727  15.098  6.007   1.00 26.27 ? 54  ALA A O   1 
ATOM   415  C CB  . ALA A 1 53  ? -5.777  16.149  3.246   1.00 26.07 ? 54  ALA A CB  1 
ATOM   416  N N   . GLY A 1 54  ? -2.924  15.248  4.649   1.00 24.91 ? 55  GLY A N   1 
ATOM   417  C CA  . GLY A 1 54  ? -1.978  15.579  5.701   1.00 27.63 ? 55  GLY A CA  1 
ATOM   418  C C   . GLY A 1 54  ? -1.401  14.394  6.449   1.00 28.76 ? 55  GLY A C   1 
ATOM   419  O O   . GLY A 1 54  ? -0.472  14.541  7.232   1.00 30.36 ? 55  GLY A O   1 
ATOM   420  N N   . GLY A 1 55  ? -1.965  13.217  6.217   1.00 24.54 ? 56  GLY A N   1 
ATOM   421  C CA  . GLY A 1 55  ? -1.436  12.002  6.806   1.00 23.37 ? 56  GLY A CA  1 
ATOM   422  C C   . GLY A 1 55  ? -0.377  11.397  5.899   1.00 25.44 ? 56  GLY A C   1 
ATOM   423  O O   . GLY A 1 55  ? -0.364  11.634  4.683   1.00 24.09 ? 56  GLY A O   1 
ATOM   424  N N   . LEU A 1 56  ? 0.526   10.629  6.497   1.00 21.71 ? 57  LEU A N   1 
ATOM   425  C CA  . LEU A 1 56  ? 1.521   9.896   5.737   1.00 24.86 ? 57  LEU A CA  1 
ATOM   426  C C   . LEU A 1 56  ? 1.493   8.470   6.240   1.00 25.49 ? 57  LEU A C   1 
ATOM   427  O O   . LEU A 1 56  ? 1.803   8.210   7.398   1.00 27.29 ? 57  LEU A O   1 
ATOM   428  C CB  . LEU A 1 56  ? 2.913   10.509  5.890   1.00 25.83 ? 57  LEU A CB  1 
ATOM   429  C CG  . LEU A 1 56  ? 4.007   9.801   5.076   1.00 24.62 ? 57  LEU A CG  1 
ATOM   430  C CD1 . LEU A 1 56  ? 3.710   9.917   3.576   1.00 26.30 ? 57  LEU A CD1 1 
ATOM   431  C CD2 . LEU A 1 56  ? 5.378   10.374  5.422   1.00 29.66 ? 57  LEU A CD2 1 
ATOM   432  N N   . PHE A 1 57  ? 1.117   7.551   5.361   1.00 23.86 ? 58  PHE A N   1 
ATOM   433  C CA  . PHE A 1 57  ? 0.739   6.225   5.811   1.00 20.99 ? 58  PHE A CA  1 
ATOM   434  C C   . PHE A 1 57  ? 1.781   5.210   5.366   1.00 23.96 ? 58  PHE A C   1 
ATOM   435  O O   . PHE A 1 57  ? 1.976   4.965   4.169   1.00 21.80 ? 58  PHE A O   1 
ATOM   436  C CB  . PHE A 1 57  ? -0.670  5.906   5.296   1.00 21.72 ? 58  PHE A CB  1 
ATOM   437  C CG  . PHE A 1 57  ? -1.675  6.983   5.640   1.00 21.22 ? 58  PHE A CG  1 
ATOM   438  C CD1 . PHE A 1 57  ? -2.244  7.033   6.900   1.00 24.45 ? 58  PHE A CD1 1 
ATOM   439  C CD2 . PHE A 1 57  ? -2.004  7.971   4.719   1.00 22.30 ? 58  PHE A CD2 1 
ATOM   440  C CE1 . PHE A 1 57  ? -3.144  8.040   7.240   1.00 22.78 ? 58  PHE A CE1 1 
ATOM   441  C CE2 . PHE A 1 57  ? -2.904  8.986   5.058   1.00 22.33 ? 58  PHE A CE2 1 
ATOM   442  C CZ  . PHE A 1 57  ? -3.470  9.009   6.319   1.00 23.27 ? 58  PHE A CZ  1 
ATOM   443  N N   . LYS A 1 58  ? 2.459   4.636   6.356   1.00 23.00 ? 59  LYS A N   1 
ATOM   444  C CA  . LYS A 1 58  ? 3.609   3.784   6.100   1.00 22.57 ? 59  LYS A CA  1 
ATOM   445  C C   . LYS A 1 58  ? 3.190   2.353   5.843   1.00 20.14 ? 59  LYS A C   1 
ATOM   446  O O   . LYS A 1 58  ? 2.259   1.838   6.476   1.00 22.37 ? 59  LYS A O   1 
ATOM   447  C CB  . LYS A 1 58  ? 4.577   3.886   7.273   1.00 27.32 ? 59  LYS A CB  1 
ATOM   448  C CG  . LYS A 1 58  ? 5.053   5.333   7.450   1.00 30.09 ? 59  LYS A CG  1 
ATOM   449  C CD  . LYS A 1 58  ? 6.076   5.530   8.548   1.00 38.54 ? 59  LYS A CD  1 
ATOM   450  C CE  . LYS A 1 58  ? 6.567   6.992   8.538   1.00 34.83 ? 59  LYS A CE  1 
ATOM   451  N NZ  . LYS A 1 58  ? 7.602   7.241   9.577   1.00 42.90 ? 59  LYS A NZ  1 
ATOM   452  N N   . LEU A 1 59  ? 3.844   1.717   4.875   1.00 19.96 ? 60  LEU A N   1 
ATOM   453  C CA  . LEU A 1 59  ? 3.573   0.317   4.635   1.00 22.54 ? 60  LEU A CA  1 
ATOM   454  C C   . LEU A 1 59  ? 4.779   -0.420  4.094   1.00 21.37 ? 60  LEU A C   1 
ATOM   455  O O   . LEU A 1 59  ? 5.666   0.153   3.448   1.00 25.64 ? 60  LEU A O   1 
ATOM   456  C CB  . LEU A 1 59  ? 2.389   0.146   3.688   1.00 27.40 ? 60  LEU A CB  1 
ATOM   457  C CG  . LEU A 1 59  ? 2.542   0.354   2.192   1.00 29.72 ? 60  LEU A CG  1 
ATOM   458  C CD1 . LEU A 1 59  ? 1.311   -0.230  1.513   1.00 35.06 ? 60  LEU A CD1 1 
ATOM   459  C CD2 . LEU A 1 59  ? 2.706   1.819   1.850   1.00 32.36 ? 60  LEU A CD2 1 
ATOM   460  N N   . ARG A 1 60  ? 4.784   -1.711  4.376   1.00 21.29 ? 61  ARG A N   1 
ATOM   461  C CA  . ARG A 1 60  ? 5.837   -2.595  3.918   1.00 19.34 ? 61  ARG A CA  1 
ATOM   462  C C   . ARG A 1 60  ? 5.369   -3.350  2.686   1.00 20.92 ? 61  ARG A C   1 
ATOM   463  O O   . ARG A 1 60  ? 4.221   -3.799  2.617   1.00 21.60 ? 61  ARG A O   1 
ATOM   464  C CB  . ARG A 1 60  ? 6.233   -3.570  5.030   1.00 22.77 ? 61  ARG A CB  1 
ATOM   465  C CG  . ARG A 1 60  ? 7.478   -4.385  4.715   1.00 27.89 ? 61  ARG A CG  1 
ATOM   466  C CD  . ARG A 1 60  ? 7.978   -5.151  5.937   1.00 28.01 ? 61  ARG A CD  1 
ATOM   467  N NE  . ARG A 1 60  ? 8.164   -4.262  7.089   1.00 30.17 ? 61  ARG A NE  1 
ATOM   468  C CZ  . ARG A 1 60  ? 9.259   -3.537  7.311   1.00 31.66 ? 61  ARG A CZ  1 
ATOM   469  N NH1 . ARG A 1 60  ? 10.281  -3.588  6.467   1.00 27.57 ? 61  ARG A NH1 1 
ATOM   470  N NH2 . ARG A 1 60  ? 9.330   -2.759  8.384   1.00 29.10 ? 61  ARG A NH2 1 
ATOM   471  N N   . MET A 1 61  ? 6.272   -3.518  1.721   1.00 20.16 ? 62  MET A N   1 
ATOM   472  C CA  . MET A 1 61  ? 5.961   -4.238  0.502   1.00 20.24 ? 62  MET A CA  1 
ATOM   473  C C   . MET A 1 61  ? 6.900   -5.437  0.428   1.00 22.48 ? 62  MET A C   1 
ATOM   474  O O   . MET A 1 61  ? 8.122   -5.277  0.376   1.00 24.35 ? 62  MET A O   1 
ATOM   475  C CB  . MET A 1 61  ? 6.109   -3.316  -0.707  1.00 25.73 ? 62  MET A CB  1 
ATOM   476  C CG  . MET A 1 61  ? 5.517   -3.863  -1.970  1.00 28.88 ? 62  MET A CG  1 
ATOM   477  S SD  . MET A 1 61  ? 5.602   -2.668  -3.315  1.00 24.42 ? 62  MET A SD  1 
ATOM   478  C CE  . MET A 1 61  ? 4.551   -1.367  -2.711  1.00 22.13 ? 62  MET A CE  1 
ATOM   479  N N   . LEU A 1 62  ? 6.319   -6.633  0.478   1.00 21.03 ? 63  LEU A N   1 
ATOM   480  C CA  . LEU A 1 62  ? 7.083   -7.881  0.606   1.00 23.74 ? 63  LEU A CA  1 
ATOM   481  C C   . LEU A 1 62  ? 6.957   -8.734  -0.638  1.00 22.84 ? 63  LEU A C   1 
ATOM   482  O O   . LEU A 1 62  ? 5.846   -9.156  -0.983  1.00 21.31 ? 63  LEU A O   1 
ATOM   483  C CB  . LEU A 1 62  ? 6.592   -8.677  1.821   1.00 28.98 ? 63  LEU A CB  1 
ATOM   484  C CG  . LEU A 1 62  ? 6.818   -7.992  3.169   1.00 35.84 ? 63  LEU A CG  1 
ATOM   485  C CD1 . LEU A 1 62  ? 5.969   -8.636  4.246   1.00 44.35 ? 63  LEU A CD1 1 
ATOM   486  C CD2 . LEU A 1 62  ? 8.294   -8.088  3.525   1.00 34.39 ? 63  LEU A CD2 1 
ATOM   487  N N   . PHE A 1 63  ? 8.094   -9.017  -1.280  1.00 22.42 ? 64  PHE A N   1 
ATOM   488  C CA  . PHE A 1 63  ? 8.124   -9.762  -2.534  1.00 23.24 ? 64  PHE A CA  1 
ATOM   489  C C   . PHE A 1 63  ? 8.536   -11.215 -2.321  1.00 23.09 ? 64  PHE A C   1 
ATOM   490  O O   . PHE A 1 63  ? 9.449   -11.506 -1.554  1.00 24.46 ? 64  PHE A O   1 
ATOM   491  C CB  . PHE A 1 63  ? 9.086   -9.096  -3.527  1.00 21.40 ? 64  PHE A CB  1 
ATOM   492  C CG  . PHE A 1 63  ? 8.693   -7.685  -3.883  1.00 24.56 ? 64  PHE A CG  1 
ATOM   493  C CD1 . PHE A 1 63  ? 9.109   -6.611  -3.108  1.00 22.71 ? 64  PHE A CD1 1 
ATOM   494  C CD2 . PHE A 1 63  ? 7.869   -7.448  -4.967  1.00 22.05 ? 64  PHE A CD2 1 
ATOM   495  C CE1 . PHE A 1 63  ? 8.727   -5.318  -3.434  1.00 22.03 ? 64  PHE A CE1 1 
ATOM   496  C CE2 . PHE A 1 63  ? 7.488   -6.166  -5.308  1.00 20.30 ? 64  PHE A CE2 1 
ATOM   497  C CZ  . PHE A 1 63  ? 7.908   -5.092  -4.539  1.00 22.78 ? 64  PHE A CZ  1 
ATOM   498  N N   . LYS A 1 64  ? 7.822   -12.111 -2.997  1.00 22.46 ? 65  LYS A N   1 
ATOM   499  C CA  . LYS A 1 64  ? 8.167   -13.525 -3.044  1.00 24.46 ? 65  LYS A CA  1 
ATOM   500  C C   . LYS A 1 64  ? 9.232   -13.793 -4.100  1.00 24.97 ? 65  LYS A C   1 
ATOM   501  O O   . LYS A 1 64  ? 9.424   -13.010 -5.038  1.00 24.01 ? 65  LYS A O   1 
ATOM   502  C CB  . LYS A 1 64  ? 6.916   -14.366 -3.331  1.00 26.91 ? 65  LYS A CB  1 
ATOM   503  C CG  . LYS A 1 64  ? 5.998   -14.545 -2.134  1.00 36.66 ? 65  LYS A CG  1 
ATOM   504  C CD  . LYS A 1 64  ? 4.683   -15.180 -2.542  1.00 34.64 ? 65  LYS A CD  1 
ATOM   505  C CE  . LYS A 1 64  ? 4.913   -16.518 -3.216  1.00 49.31 ? 65  LYS A CE  1 
ATOM   506  N NZ  . LYS A 1 64  ? 3.613   -17.095 -3.663  1.00 57.88 ? 65  LYS A NZ  1 
ATOM   507  N N   . ASP A 1 65  ? 9.924   -14.914 -3.953  1.00 27.03 ? 66  ASP A N   1 
ATOM   508  C CA  . ASP A 1 65  ? 10.983  -15.257 -4.881  1.00 23.59 ? 66  ASP A CA  1 
ATOM   509  C C   . ASP A 1 65  ? 10.498  -15.406 -6.322  1.00 23.99 ? 66  ASP A C   1 
ATOM   510  O O   . ASP A 1 65  ? 11.288  -15.253 -7.249  1.00 30.27 ? 66  ASP A O   1 
ATOM   511  C CB  . ASP A 1 65  ? 11.678  -16.551 -4.444  1.00 26.35 ? 66  ASP A CB  1 
ATOM   512  C CG  . ASP A 1 65  ? 12.616  -16.349 -3.273  1.00 43.36 ? 66  ASP A CG  1 
ATOM   513  O OD1 . ASP A 1 65  ? 12.869  -15.188 -2.887  1.00 41.93 ? 66  ASP A OD1 1 
ATOM   514  O OD2 . ASP A 1 65  ? 13.124  -17.360 -2.752  1.00 38.13 ? 66  ASP A OD2 1 
ATOM   515  N N   . ASP A 1 66  ? 9.213   -15.702 -6.522  1.00 24.11 ? 67  ASP A N   1 
ATOM   516  C CA  . ASP A 1 66  ? 8.702   -15.823 -7.891  1.00 24.71 ? 67  ASP A CA  1 
ATOM   517  C C   . ASP A 1 66  ? 8.079   -14.529 -8.442  1.00 26.25 ? 67  ASP A C   1 
ATOM   518  O O   . ASP A 1 66  ? 7.444   -14.545 -9.487  1.00 25.86 ? 67  ASP A O   1 
ATOM   519  C CB  . ASP A 1 66  ? 7.690   -16.980 -7.991  1.00 26.29 ? 67  ASP A CB  1 
ATOM   520  C CG  . ASP A 1 66  ? 6.413   -16.732 -7.217  1.00 33.08 ? 67  ASP A CG  1 
ATOM   521  O OD1 . ASP A 1 66  ? 6.336   -15.742 -6.467  1.00 29.27 ? 67  ASP A OD1 1 
ATOM   522  O OD2 . ASP A 1 66  ? 5.476   -17.553 -7.348  1.00 29.35 ? 67  ASP A OD2 1 
ATOM   523  N N   . TYR A 1 67  ? 8.272   -13.408 -7.756  1.00 22.48 ? 68  TYR A N   1 
ATOM   524  C CA  . TYR A 1 67  ? 7.917   -12.109 -8.337  1.00 23.45 ? 68  TYR A CA  1 
ATOM   525  C C   . TYR A 1 67  ? 8.678   -11.928 -9.662  1.00 21.05 ? 68  TYR A C   1 
ATOM   526  O O   . TYR A 1 67  ? 9.861   -12.263 -9.742  1.00 23.30 ? 68  TYR A O   1 
ATOM   527  C CB  . TYR A 1 67  ? 8.244   -10.982 -7.336  1.00 23.97 ? 68  TYR A CB  1 
ATOM   528  C CG  . TYR A 1 67  ? 8.179   -9.581  -7.898  1.00 20.37 ? 68  TYR A CG  1 
ATOM   529  C CD1 . TYR A 1 67  ? 6.970   -8.901  -7.982  1.00 21.03 ? 68  TYR A CD1 1 
ATOM   530  C CD2 . TYR A 1 67  ? 9.336   -8.926  -8.308  1.00 19.99 ? 68  TYR A CD2 1 
ATOM   531  C CE1 . TYR A 1 67  ? 6.901   -7.603  -8.505  1.00 18.24 ? 68  TYR A CE1 1 
ATOM   532  C CE2 . TYR A 1 67  ? 9.285   -7.644  -8.825  1.00 20.01 ? 68  TYR A CE2 1 
ATOM   533  C CZ  . TYR A 1 67  ? 8.068   -6.980  -8.909  1.00 19.50 ? 68  TYR A CZ  1 
ATOM   534  O OH  . TYR A 1 67  ? 8.024   -5.698  -9.422  1.00 21.86 ? 68  TYR A OH  1 
ATOM   535  N N   . PRO A 1 68  ? 8.030   -11.363 -10.700 1.00 21.26 ? 69  PRO A N   1 
ATOM   536  C CA  . PRO A 1 68  ? 6.695   -10.758 -10.758 1.00 19.17 ? 69  PRO A CA  1 
ATOM   537  C C   . PRO A 1 68  ? 5.575   -11.699 -11.196 1.00 19.87 ? 69  PRO A C   1 
ATOM   538  O O   . PRO A 1 68  ? 4.517   -11.210 -11.614 1.00 21.40 ? 69  PRO A O   1 
ATOM   539  C CB  . PRO A 1 68  ? 6.881   -9.635  -11.780 1.00 19.64 ? 69  PRO A CB  1 
ATOM   540  C CG  . PRO A 1 68  ? 7.882   -10.219 -12.761 1.00 19.34 ? 69  PRO A CG  1 
ATOM   541  C CD  . PRO A 1 68  ? 8.806   -11.080 -11.921 1.00 21.69 ? 69  PRO A CD  1 
ATOM   542  N N   . SER A 1 69  ? 5.778   -13.006 -11.094 1.00 20.46 ? 70  SER A N   1 
ATOM   543  C CA  . SER A 1 69  ? 4.664   -13.930 -11.294 1.00 22.44 ? 70  SER A CA  1 
ATOM   544  C C   . SER A 1 69  ? 3.565   -13.596 -10.281 1.00 23.47 ? 70  SER A C   1 
ATOM   545  O O   . SER A 1 69  ? 2.375   -13.565 -10.602 1.00 20.72 ? 70  SER A O   1 
ATOM   546  C CB  . SER A 1 69  ? 5.132   -15.371 -11.140 1.00 22.11 ? 70  SER A CB  1 
ATOM   547  O OG  . SER A 1 69  ? 4.087   -16.298 -11.369 1.00 22.03 ? 70  SER A OG  1 
ATOM   548  N N   . SER A 1 70  ? 4.005   -13.307 -9.060  1.00 23.16 ? 71  SER A N   1 
ATOM   549  C CA  . SER A 1 70  ? 3.130   -13.011 -7.935  1.00 23.13 ? 71  SER A CA  1 
ATOM   550  C C   . SER A 1 70  ? 3.204   -11.538 -7.571  1.00 22.82 ? 71  SER A C   1 
ATOM   551  O O   . SER A 1 70  ? 4.235   -10.897 -7.772  1.00 22.50 ? 71  SER A O   1 
ATOM   552  C CB  . SER A 1 70  ? 3.536   -13.855 -6.724  1.00 23.65 ? 71  SER A CB  1 
ATOM   553  O OG  . SER A 1 70  ? 4.907   -13.635 -6.414  1.00 25.78 ? 71  SER A OG  1 
ATOM   554  N N   . PRO A 1 71  ? 2.120   -10.998 -7.003  1.00 22.42 ? 72  PRO A N   1 
ATOM   555  C CA  . PRO A 1 71  ? 2.151   -9.641  -6.462  1.00 20.18 ? 72  PRO A CA  1 
ATOM   556  C C   . PRO A 1 71  ? 2.863   -9.601  -5.117  1.00 22.22 ? 72  PRO A C   1 
ATOM   557  O O   . PRO A 1 71  ? 2.936   -10.630 -4.434  1.00 23.07 ? 72  PRO A O   1 
ATOM   558  C CB  . PRO A 1 71  ? 0.666   -9.302  -6.282  1.00 20.15 ? 72  PRO A CB  1 
ATOM   559  C CG  . PRO A 1 71  ? 0.027   -10.622 -6.037  1.00 19.89 ? 72  PRO A CG  1 
ATOM   560  C CD  . PRO A 1 71  ? 0.794   -11.629 -6.852  1.00 20.96 ? 72  PRO A CD  1 
ATOM   561  N N   . PRO A 1 72  ? 3.382   -8.433  -4.731  1.00 21.17 ? 73  PRO A N   1 
ATOM   562  C CA  . PRO A 1 72  ? 3.870   -8.298  -3.360  1.00 24.58 ? 73  PRO A CA  1 
ATOM   563  C C   . PRO A 1 72  ? 2.727   -8.348  -2.358  1.00 23.10 ? 73  PRO A C   1 
ATOM   564  O O   . PRO A 1 72  ? 1.597   -8.009  -2.712  1.00 23.44 ? 73  PRO A O   1 
ATOM   565  C CB  . PRO A 1 72  ? 4.511   -6.913  -3.350  1.00 21.72 ? 73  PRO A CB  1 
ATOM   566  C CG  . PRO A 1 72  ? 3.756   -6.162  -4.388  1.00 22.47 ? 73  PRO A CG  1 
ATOM   567  C CD  . PRO A 1 72  ? 3.488   -7.169  -5.482  1.00 21.50 ? 73  PRO A CD  1 
ATOM   568  N N   . LYS A 1 73  ? 3.020   -8.756  -1.128  1.00 20.31 ? 74  LYS A N   1 
ATOM   569  C CA  . LYS A 1 73  ? 2.113   -8.510  -0.022  1.00 21.90 ? 74  LYS A CA  1 
ATOM   570  C C   . LYS A 1 73  ? 2.357   -7.086  0.450   1.00 21.71 ? 74  LYS A C   1 
ATOM   571  O O   . LYS A 1 73  ? 3.501   -6.691  0.658   1.00 20.66 ? 74  LYS A O   1 
ATOM   572  C CB  . LYS A 1 73  ? 2.329   -9.508  1.123   1.00 22.06 ? 74  LYS A CB  1 
ATOM   573  C CG  . LYS A 1 73  ? 1.417   -9.259  2.314   1.00 23.96 ? 74  LYS A CG  1 
ATOM   574  C CD  . LYS A 1 73  ? 1.373   -10.452 3.258   1.00 34.47 ? 74  LYS A CD  1 
ATOM   575  C CE  . LYS A 1 73  ? 2.504   -10.424 4.245   1.00 43.89 ? 74  LYS A CE  1 
ATOM   576  N NZ  . LYS A 1 73  ? 2.041   -10.955 5.566   1.00 49.24 ? 74  LYS A NZ  1 
ATOM   577  N N   . CYS A 1 74  ? 1.288   -6.311  0.599   1.00 20.74 ? 75  CYS A N   1 
ATOM   578  C CA  . CYS A 1 74  ? 1.398   -4.928  1.033   1.00 19.00 ? 75  CYS A CA  1 
ATOM   579  C C   . CYS A 1 74  ? 0.714   -4.762  2.367   1.00 20.95 ? 75  CYS A C   1 
ATOM   580  O O   . CYS A 1 74  ? -0.462  -5.073  2.498   1.00 21.97 ? 75  CYS A O   1 
ATOM   581  C CB  . CYS A 1 74  ? 0.774   -3.986  0.011   1.00 18.51 ? 75  CYS A CB  1 
ATOM   582  S SG  . CYS A 1 74  ? 1.577   -4.096  -1.612  1.00 22.94 ? 75  CYS A SG  1 
ATOM   583  N N   . LYS A 1 75  ? 1.453   -4.281  3.354   1.00 19.41 ? 76  LYS A N   1 
ATOM   584  C CA  . LYS A 1 75  ? 0.956   -4.306  4.729   1.00 18.63 ? 76  LYS A CA  1 
ATOM   585  C C   . LYS A 1 75  ? 1.223   -2.989  5.430   1.00 21.02 ? 76  LYS A C   1 
ATOM   586  O O   . LYS A 1 75  ? 2.369   -2.585  5.617   1.00 20.92 ? 76  LYS A O   1 
ATOM   587  C CB  . LYS A 1 75  ? 1.618   -5.477  5.477   1.00 24.47 ? 76  LYS A CB  1 
ATOM   588  C CG  . LYS A 1 75  ? 1.164   -5.706  6.912   1.00 27.70 ? 76  LYS A CG  1 
ATOM   589  C CD  . LYS A 1 75  ? 1.567   -7.110  7.363   1.00 41.73 ? 76  LYS A CD  1 
ATOM   590  C CE  . LYS A 1 75  ? 1.509   -7.271  8.880   1.00 42.77 ? 76  LYS A CE  1 
ATOM   591  N NZ  . LYS A 1 75  ? 1.807   -8.678  9.283   1.00 50.14 ? 76  LYS A NZ  1 
ATOM   592  N N   . PHE A 1 76  ? 0.154   -2.297  5.800   1.00 20.93 ? 77  PHE A N   1 
ATOM   593  C CA  . PHE A 1 76  ? 0.314   -1.065  6.550   1.00 25.51 ? 77  PHE A CA  1 
ATOM   594  C C   . PHE A 1 76  ? 0.913   -1.368  7.918   1.00 22.13 ? 77  PHE A C   1 
ATOM   595  O O   . PHE A 1 76  ? 0.490   -2.309  8.596   1.00 23.98 ? 77  PHE A O   1 
ATOM   596  C CB  . PHE A 1 76  ? -1.025  -0.337  6.681   1.00 19.57 ? 77  PHE A CB  1 
ATOM   597  C CG  . PHE A 1 76  ? -1.410  0.420   5.447   1.00 19.83 ? 77  PHE A CG  1 
ATOM   598  C CD1 . PHE A 1 76  ? -0.709  1.560   5.078   1.00 22.26 ? 77  PHE A CD1 1 
ATOM   599  C CD2 . PHE A 1 76  ? -2.469  -0.003  4.656   1.00 20.88 ? 77  PHE A CD2 1 
ATOM   600  C CE1 . PHE A 1 76  ? -1.046  2.268   3.939   1.00 18.58 ? 77  PHE A CE1 1 
ATOM   601  C CE2 . PHE A 1 76  ? -2.824  0.714   3.516   1.00 20.04 ? 77  PHE A CE2 1 
ATOM   602  C CZ  . PHE A 1 76  ? -2.102  1.846   3.155   1.00 19.09 ? 77  PHE A CZ  1 
ATOM   603  N N   . GLU A 1 77  ? 1.925   -0.586  8.280   1.00 21.42 ? 78  GLU A N   1 
ATOM   604  C CA  . GLU A 1 77  ? 2.575   -0.664  9.584   1.00 23.60 ? 78  GLU A CA  1 
ATOM   605  C C   . GLU A 1 77  ? 2.695   0.735   10.177  1.00 26.39 ? 78  GLU A C   1 
ATOM   606  O O   . GLU A 1 77  ? 3.498   1.540   9.701   1.00 28.55 ? 78  GLU A O   1 
ATOM   607  C CB  . GLU A 1 77  ? 3.961   -1.295  9.462   1.00 30.65 ? 78  GLU A CB  1 
ATOM   608  C CG  . GLU A 1 77  ? 3.941   -2.735  9.045   1.00 30.97 ? 78  GLU A CG  1 
ATOM   609  C CD  . GLU A 1 77  ? 5.332   -3.361  9.029   1.00 38.74 ? 78  GLU A CD  1 
ATOM   610  O OE1 . GLU A 1 77  ? 5.425   -4.560  8.706   1.00 47.27 ? 78  GLU A OE1 1 
ATOM   611  O OE2 . GLU A 1 77  ? 6.318   -2.654  9.330   1.00 42.58 ? 78  GLU A OE2 1 
ATOM   612  N N   . PRO A 1 78  ? 1.902   1.041   11.219  1.00 25.06 ? 79  PRO A N   1 
ATOM   613  C CA  . PRO A 1 78  ? 0.911   0.196   11.903  1.00 21.36 ? 79  PRO A CA  1 
ATOM   614  C C   . PRO A 1 78  ? -0.358  -0.025  11.078  1.00 21.81 ? 79  PRO A C   1 
ATOM   615  O O   . PRO A 1 78  ? -0.555  0.660   10.074  1.00 25.56 ? 79  PRO A O   1 
ATOM   616  C CB  . PRO A 1 78  ? 0.593   1.005   13.160  1.00 31.99 ? 79  PRO A CB  1 
ATOM   617  C CG  . PRO A 1 78  ? 0.748   2.412   12.711  1.00 27.28 ? 79  PRO A CG  1 
ATOM   618  C CD  . PRO A 1 78  ? 1.927   2.406   11.775  1.00 25.44 ? 79  PRO A CD  1 
ATOM   619  N N   . PRO A 1 79  ? -1.217  -0.969  11.498  1.00 24.18 ? 80  PRO A N   1 
ATOM   620  C CA  . PRO A 1 79  ? -2.488  -1.192  10.799  1.00 22.26 ? 80  PRO A CA  1 
ATOM   621  C C   . PRO A 1 79  ? -3.363  0.064   10.746  1.00 22.32 ? 80  PRO A C   1 
ATOM   622  O O   . PRO A 1 79  ? -3.298  0.894   11.653  1.00 27.66 ? 80  PRO A O   1 
ATOM   623  C CB  . PRO A 1 79  ? -3.148  -2.298  11.631  1.00 24.77 ? 80  PRO A CB  1 
ATOM   624  C CG  . PRO A 1 79  ? -1.990  -3.068  12.203  1.00 30.69 ? 80  PRO A CG  1 
ATOM   625  C CD  . PRO A 1 79  ? -0.939  -2.021  12.494  1.00 30.23 ? 80  PRO A CD  1 
ATOM   626  N N   . LEU A 1 80  ? -4.131  0.209   9.676   1.00 23.22 ? 81  LEU A N   1 
ATOM   627  C CA  . LEU A 1 80  ? -4.982  1.378   9.483   1.00 23.35 ? 81  LEU A CA  1 
ATOM   628  C C   . LEU A 1 80  ? -6.455  1.039   9.578   1.00 24.58 ? 81  LEU A C   1 
ATOM   629  O O   . LEU A 1 80  ? -6.897  -0.052  9.209   1.00 26.09 ? 81  LEU A O   1 
ATOM   630  C CB  . LEU A 1 80  ? -4.740  2.024   8.111   1.00 28.38 ? 81  LEU A CB  1 
ATOM   631  C CG  . LEU A 1 80  ? -3.393  2.637   7.770   1.00 33.92 ? 81  LEU A CG  1 
ATOM   632  C CD1 . LEU A 1 80  ? -3.477  3.274   6.397   1.00 32.51 ? 81  LEU A CD1 1 
ATOM   633  C CD2 . LEU A 1 80  ? -2.980  3.646   8.829   1.00 33.05 ? 81  LEU A CD2 1 
ATOM   634  N N   . PHE A 1 81  ? -7.212  2.012   10.064  1.00 24.27 ? 82  PHE A N   1 
ATOM   635  C CA  . PHE A 1 81  ? -8.659  2.012   9.959   1.00 23.80 ? 82  PHE A CA  1 
ATOM   636  C C   . PHE A 1 81  ? -9.070  2.263   8.507   1.00 23.87 ? 82  PHE A C   1 
ATOM   637  O O   . PHE A 1 81  ? -8.861  3.364   7.982   1.00 24.89 ? 82  PHE A O   1 
ATOM   638  C CB  . PHE A 1 81  ? -9.207  3.087   10.908  1.00 24.48 ? 82  PHE A CB  1 
ATOM   639  C CG  . PHE A 1 81  ? -10.697 3.273   10.877  1.00 25.20 ? 82  PHE A CG  1 
ATOM   640  C CD1 . PHE A 1 81  ? -11.279 4.182   10.008  1.00 28.26 ? 82  PHE A CD1 1 
ATOM   641  C CD2 . PHE A 1 81  ? -11.514 2.587   11.764  1.00 30.40 ? 82  PHE A CD2 1 
ATOM   642  C CE1 . PHE A 1 81  ? -12.653 4.382   10.001  1.00 29.29 ? 82  PHE A CE1 1 
ATOM   643  C CE2 . PHE A 1 81  ? -12.890 2.793   11.767  1.00 25.15 ? 82  PHE A CE2 1 
ATOM   644  C CZ  . PHE A 1 81  ? -13.455 3.686   10.879  1.00 25.10 ? 82  PHE A CZ  1 
ATOM   645  N N   . HIS A 1 82  ? -9.643  1.241   7.867   1.00 21.73 ? 83  HIS A N   1 
ATOM   646  C CA  . HIS A 1 82  ? -10.130 1.308   6.487   1.00 20.93 ? 83  HIS A CA  1 
ATOM   647  C C   . HIS A 1 82  ? -10.902 0.019   6.211   1.00 22.13 ? 83  HIS A C   1 
ATOM   648  O O   . HIS A 1 82  ? -10.477 -1.043  6.673   1.00 22.87 ? 83  HIS A O   1 
ATOM   649  C CB  . HIS A 1 82  ? -8.968  1.463   5.495   1.00 22.53 ? 83  HIS A CB  1 
ATOM   650  C CG  . HIS A 1 82  ? -9.405  1.642   4.075   1.00 21.08 ? 83  HIS A CG  1 
ATOM   651  N ND1 . HIS A 1 82  ? -9.812  0.593   3.278   1.00 21.79 ? 83  HIS A ND1 1 
ATOM   652  C CD2 . HIS A 1 82  ? -9.492  2.753   3.306   1.00 20.93 ? 83  HIS A CD2 1 
ATOM   653  C CE1 . HIS A 1 82  ? -10.134 1.049   2.081   1.00 24.06 ? 83  HIS A CE1 1 
ATOM   654  N NE2 . HIS A 1 82  ? -9.954  2.360   2.075   1.00 21.99 ? 83  HIS A NE2 1 
ATOM   655  N N   . PRO A 1 83  ? -12.024 0.089   5.473   1.00 21.14 ? 84  PRO A N   1 
ATOM   656  C CA  . PRO A 1 83  ? -12.829 -1.125  5.264   1.00 21.18 ? 84  PRO A CA  1 
ATOM   657  C C   . PRO A 1 83  ? -12.088 -2.272  4.582   1.00 22.99 ? 84  PRO A C   1 
ATOM   658  O O   . PRO A 1 83  ? -12.469 -3.423  4.779   1.00 23.96 ? 84  PRO A O   1 
ATOM   659  C CB  . PRO A 1 83  ? -13.964 -0.641  4.364   1.00 24.70 ? 84  PRO A CB  1 
ATOM   660  C CG  . PRO A 1 83  ? -14.142 0.776   4.763   1.00 21.42 ? 84  PRO A CG  1 
ATOM   661  C CD  . PRO A 1 83  ? -12.724 1.284   4.970   1.00 23.93 ? 84  PRO A CD  1 
ATOM   662  N N   . ASN A 1 84  ? -11.069 -1.957  3.794   1.00 22.04 ? 85  ASN A N   1 
ATOM   663  C CA  . ASN A 1 84  ? -10.407 -2.958  2.974   1.00 22.19 ? 85  ASN A CA  1 
ATOM   664  C C   . ASN A 1 84  ? -8.995  -3.260  3.442   1.00 23.26 ? 85  ASN A C   1 
ATOM   665  O O   . ASN A 1 84  ? -8.193  -3.801  2.682   1.00 23.79 ? 85  ASN A O   1 
ATOM   666  C CB  . ASN A 1 84  ? -10.370 -2.505  1.514   1.00 21.14 ? 85  ASN A CB  1 
ATOM   667  C CG  . ASN A 1 84  ? -11.742 -2.156  0.983   1.00 24.40 ? 85  ASN A CG  1 
ATOM   668  O OD1 . ASN A 1 84  ? -11.974 -1.046  0.517   1.00 25.25 ? 85  ASN A OD1 1 
ATOM   669  N ND2 . ASN A 1 84  ? -12.668 -3.112  1.056   1.00 25.43 ? 85  ASN A ND2 1 
ATOM   670  N N   . VAL A 1 85  ? -8.682  -2.892  4.678   1.00 19.06 ? 86  VAL A N   1 
ATOM   671  C CA  . VAL A 1 85  ? -7.387  -3.244  5.263   1.00 19.95 ? 86  VAL A CA  1 
ATOM   672  C C   . VAL A 1 85  ? -7.633  -4.195  6.435   1.00 19.92 ? 86  VAL A C   1 
ATOM   673  O O   . VAL A 1 85  ? -8.325  -3.840  7.386   1.00 21.38 ? 86  VAL A O   1 
ATOM   674  C CB  . VAL A 1 85  ? -6.605  -1.992  5.734   1.00 21.21 ? 86  VAL A CB  1 
ATOM   675  C CG1 . VAL A 1 85  ? -5.317  -2.384  6.460   1.00 21.25 ? 86  VAL A CG1 1 
ATOM   676  C CG2 . VAL A 1 85  ? -6.311  -1.074  4.555   1.00 22.62 ? 86  VAL A CG2 1 
ATOM   677  N N   . TYR A 1 86  ? -7.081  -5.406  6.360   1.00 19.58 ? 87  TYR A N   1 
ATOM   678  C CA  . TYR A 1 86  ? -7.233  -6.380  7.444   1.00 20.06 ? 87  TYR A CA  1 
ATOM   679  C C   . TYR A 1 86  ? -6.662  -5.817  8.737   1.00 25.50 ? 87  TYR A C   1 
ATOM   680  O O   . TYR A 1 86  ? -5.806  -4.934  8.710   1.00 22.83 ? 87  TYR A O   1 
ATOM   681  C CB  . TYR A 1 86  ? -6.526  -7.709  7.082   1.00 19.82 ? 87  TYR A CB  1 
ATOM   682  C CG  . TYR A 1 86  ? -7.251  -8.463  5.993   1.00 19.65 ? 87  TYR A CG  1 
ATOM   683  C CD1 . TYR A 1 86  ? -8.407  -9.175  6.274   1.00 22.64 ? 87  TYR A CD1 1 
ATOM   684  C CD2 . TYR A 1 86  ? -6.801  -8.436  4.674   1.00 22.49 ? 87  TYR A CD2 1 
ATOM   685  C CE1 . TYR A 1 86  ? -9.094  -9.852  5.278   1.00 23.44 ? 87  TYR A CE1 1 
ATOM   686  C CE2 . TYR A 1 86  ? -7.489  -9.107  3.671   1.00 21.52 ? 87  TYR A CE2 1 
ATOM   687  C CZ  . TYR A 1 86  ? -8.624  -9.816  3.980   1.00 24.50 ? 87  TYR A CZ  1 
ATOM   688  O OH  . TYR A 1 86  ? -9.299  -10.487 2.989   1.00 25.68 ? 87  TYR A OH  1 
ATOM   689  N N   . PRO A 1 87  ? -7.118  -6.337  9.887   1.00 21.04 ? 88  PRO A N   1 
ATOM   690  C CA  . PRO A 1 87  ? -6.545  -5.920  11.174  1.00 24.57 ? 88  PRO A CA  1 
ATOM   691  C C   . PRO A 1 87  ? -5.025  -6.111  11.262  1.00 24.21 ? 88  PRO A C   1 
ATOM   692  O O   . PRO A 1 87  ? -4.364  -5.403  12.036  1.00 25.60 ? 88  PRO A O   1 
ATOM   693  C CB  . PRO A 1 87  ? -7.268  -6.817  12.179  1.00 29.21 ? 88  PRO A CB  1 
ATOM   694  C CG  . PRO A 1 87  ? -8.560  -7.150  11.525  1.00 29.78 ? 88  PRO A CG  1 
ATOM   695  C CD  . PRO A 1 87  ? -8.276  -7.231  10.052  1.00 22.01 ? 88  PRO A CD  1 
ATOM   696  N N   . SER A 1 88  ? -4.479  -7.044  10.481  1.00 22.31 ? 89  SER A N   1 
ATOM   697  C CA  . SER A 1 88  ? -3.042  -7.279  10.418  1.00 22.68 ? 89  SER A CA  1 
ATOM   698  C C   . SER A 1 88  ? -2.308  -6.108  9.793   1.00 24.38 ? 89  SER A C   1 
ATOM   699  O O   . SER A 1 88  ? -1.113  -5.945  9.999   1.00 22.03 ? 89  SER A O   1 
ATOM   700  C CB  . SER A 1 88  ? -2.743  -8.523  9.597   1.00 22.97 ? 89  SER A CB  1 
ATOM   701  O OG  . SER A 1 88  ? -3.138  -8.319  8.251   1.00 21.44 ? 89  SER A OG  1 
ATOM   702  N N   . GLY A 1 89  ? -3.037  -5.315  9.017   1.00 21.20 ? 90  GLY A N   1 
ATOM   703  C CA  . GLY A 1 89  ? -2.445  -4.277  8.193   1.00 21.53 ? 90  GLY A CA  1 
ATOM   704  C C   . GLY A 1 89  ? -2.434  -4.625  6.707   1.00 22.25 ? 90  GLY A C   1 
ATOM   705  O O   . GLY A 1 89  ? -2.205  -3.765  5.854   1.00 20.98 ? 90  GLY A O   1 
ATOM   706  N N   . THR A 1 90  ? -2.643  -5.896  6.382   1.00 22.34 ? 91  THR A N   1 
ATOM   707  C CA  . THR A 1 90  ? -2.536  -6.333  4.992   1.00 18.47 ? 91  THR A CA  1 
ATOM   708  C C   . THR A 1 90  ? -3.649  -5.717  4.138   1.00 21.03 ? 91  THR A C   1 
ATOM   709  O O   . THR A 1 90  ? -4.804  -5.641  4.568   1.00 21.73 ? 91  THR A O   1 
ATOM   710  C CB  . THR A 1 90  ? -2.566  -7.863  4.908   1.00 21.64 ? 91  THR A CB  1 
ATOM   711  O OG1 . THR A 1 90  ? -1.415  -8.373  5.601   1.00 23.01 ? 91  THR A OG1 1 
ATOM   712  C CG2 . THR A 1 90  ? -2.522  -8.329  3.463   1.00 25.01 ? 91  THR A CG2 1 
ATOM   713  N N   . VAL A 1 91  ? -3.285  -5.261  2.937   1.00 19.95 ? 92  VAL A N   1 
ATOM   714  C CA  . VAL A 1 91  ? -4.218  -4.582  2.037   1.00 20.77 ? 92  VAL A CA  1 
ATOM   715  C C   . VAL A 1 91  ? -5.004  -5.559  1.179   1.00 23.46 ? 92  VAL A C   1 
ATOM   716  O O   . VAL A 1 91  ? -4.407  -6.450  0.564   1.00 23.96 ? 92  VAL A O   1 
ATOM   717  C CB  . VAL A 1 91  ? -3.467  -3.603  1.105   1.00 21.28 ? 92  VAL A CB  1 
ATOM   718  C CG1 . VAL A 1 91  ? -4.408  -2.990  0.074   1.00 23.78 ? 92  VAL A CG1 1 
ATOM   719  C CG2 . VAL A 1 91  ? -2.775  -2.522  1.917   1.00 22.18 ? 92  VAL A CG2 1 
ATOM   720  N N   . CYS A 1 92  ? -6.333  -5.386  1.128   1.00 20.32 ? 93  CYS A N   1 
ATOM   721  C CA  . CYS A 1 92  ? -7.198  -6.213  0.285   1.00 22.22 ? 93  CYS A CA  1 
ATOM   722  C C   . CYS A 1 92  ? -7.540  -5.433  -0.982  1.00 23.19 ? 93  CYS A C   1 
ATOM   723  O O   . CYS A 1 92  ? -8.284  -4.449  -0.929  1.00 22.19 ? 93  CYS A O   1 
ATOM   724  C CB  . CYS A 1 92  ? -8.466  -6.621  1.049   1.00 25.03 ? 93  CYS A CB  1 
ATOM   725  S SG  . CYS A 1 92  ? -9.577  -7.757  0.171   1.00 28.82 ? 93  CYS A SG  1 
ATOM   726  N N   . LEU A 1 93  ? -6.976  -5.859  -2.110  1.00 22.69 ? 94  LEU A N   1 
ATOM   727  C CA  . LEU A 1 93  ? -7.081  -5.110  -3.366  1.00 23.29 ? 94  LEU A CA  1 
ATOM   728  C C   . LEU A 1 93  ? -6.887  -6.079  -4.518  1.00 23.39 ? 94  LEU A C   1 
ATOM   729  O O   . LEU A 1 93  ? -5.952  -6.873  -4.486  1.00 23.23 ? 94  LEU A O   1 
ATOM   730  C CB  . LEU A 1 93  ? -6.037  -3.991  -3.413  1.00 21.70 ? 94  LEU A CB  1 
ATOM   731  C CG  . LEU A 1 93  ? -6.037  -3.034  -4.605  1.00 23.17 ? 94  LEU A CG  1 
ATOM   732  C CD1 . LEU A 1 93  ? -7.360  -2.275  -4.689  1.00 28.76 ? 94  LEU A CD1 1 
ATOM   733  C CD2 . LEU A 1 93  ? -4.869  -2.060  -4.488  1.00 23.93 ? 94  LEU A CD2 1 
ATOM   734  N N   . SER A 1 94  ? -7.756  -6.019  -5.534  1.00 25.30 ? 95  SER A N   1 
ATOM   735  C CA  A SER A 1 94  ? -7.736  -7.029  -6.592  0.76 26.40 ? 95  SER A CA  1 
ATOM   736  C CA  B SER A 1 94  ? -7.751  -7.004  -6.618  0.24 26.45 ? 95  SER A CA  1 
ATOM   737  C C   . SER A 1 94  ? -6.426  -7.085  -7.383  1.00 20.49 ? 95  SER A C   1 
ATOM   738  O O   . SER A 1 94  ? -5.997  -8.171  -7.775  1.00 24.63 ? 95  SER A O   1 
ATOM   739  C CB  A SER A 1 94  ? -8.906  -6.806  -7.553  0.76 30.25 ? 95  SER A CB  1 
ATOM   740  C CB  B SER A 1 94  ? -8.884  -6.706  -7.603  0.24 30.15 ? 95  SER A CB  1 
ATOM   741  O OG  A SER A 1 94  ? -10.125 -7.165  -6.925  0.76 35.30 ? 95  SER A OG  1 
ATOM   742  O OG  B SER A 1 94  ? -8.744  -5.417  -8.170  0.24 28.37 ? 95  SER A OG  1 
ATOM   743  N N   . ILE A 1 95  ? -5.768  -5.946  -7.602  1.00 23.37 ? 96  ILE A N   1 
ATOM   744  C CA  . ILE A 1 95  ? -4.500  -6.013  -8.339  1.00 23.59 ? 96  ILE A CA  1 
ATOM   745  C C   . ILE A 1 95  ? -3.394  -6.666  -7.512  1.00 23.68 ? 96  ILE A C   1 
ATOM   746  O O   . ILE A 1 95  ? -2.318  -6.955  -8.046  1.00 24.10 ? 96  ILE A O   1 
ATOM   747  C CB  . ILE A 1 95  ? -3.993  -4.631  -8.815  1.00 23.88 ? 96  ILE A CB  1 
ATOM   748  C CG1 . ILE A 1 95  ? -3.784  -3.674  -7.634  1.00 27.33 ? 96  ILE A CG1 1 
ATOM   749  C CG2 . ILE A 1 95  ? -4.913  -4.060  -9.883  1.00 27.92 ? 96  ILE A CG2 1 
ATOM   750  C CD1 . ILE A 1 95  ? -2.979  -2.418  -7.999  1.00 30.38 ? 96  ILE A CD1 1 
ATOM   751  N N   . LEU A 1 96  ? -3.659  -6.924  -6.228  1.00 22.70 ? 97  LEU A N   1 
ATOM   752  C CA  . LEU A 1 96  ? -2.664  -7.549  -5.359  1.00 24.04 ? 97  LEU A CA  1 
ATOM   753  C C   . LEU A 1 96  ? -2.937  -9.038  -5.135  1.00 22.80 ? 97  LEU A C   1 
ATOM   754  O O   . LEU A 1 96  ? -2.424  -9.635  -4.198  1.00 22.99 ? 97  LEU A O   1 
ATOM   755  C CB  . LEU A 1 96  ? -2.598  -6.819  -4.017  1.00 23.71 ? 97  LEU A CB  1 
ATOM   756  C CG  . LEU A 1 96  ? -2.214  -5.344  -4.097  1.00 25.63 ? 97  LEU A CG  1 
ATOM   757  C CD1 . LEU A 1 96  ? -2.146  -4.751  -2.697  1.00 23.72 ? 97  LEU A CD1 1 
ATOM   758  C CD2 . LEU A 1 96  ? -0.881  -5.183  -4.816  1.00 27.26 ? 97  LEU A CD2 1 
ATOM   759  N N   . GLU A 1 97  ? -3.743  -9.636  -6.007  1.00 24.59 ? 98  GLU A N   1 
ATOM   760  C CA  . GLU A 1 97  ? -4.019  -11.072 -5.945  1.00 22.70 ? 98  GLU A CA  1 
ATOM   761  C C   . GLU A 1 97  ? -3.755  -11.687 -7.309  1.00 23.55 ? 98  GLU A C   1 
ATOM   762  O O   . GLU A 1 97  ? -4.302  -11.228 -8.318  1.00 26.26 ? 98  GLU A O   1 
ATOM   763  C CB  . GLU A 1 97  ? -5.466  -11.337 -5.493  1.00 27.72 ? 98  GLU A CB  1 
ATOM   764  C CG  . GLU A 1 97  ? -5.702  -11.000 -4.014  1.00 31.10 ? 98  GLU A CG  1 
ATOM   765  C CD  . GLU A 1 97  ? -7.114  -11.309 -3.512  1.00 46.21 ? 98  GLU A CD  1 
ATOM   766  O OE1 . GLU A 1 97  ? -7.599  -12.449 -3.704  1.00 43.13 ? 98  GLU A OE1 1 
ATOM   767  O OE2 . GLU A 1 97  ? -7.731  -10.409 -2.898  1.00 45.26 ? 98  GLU A OE2 1 
ATOM   768  N N   . GLU A 1 98  ? -2.892  -12.701 -7.308  1.00 26.47 ? 99  GLU A N   1 
ATOM   769  C CA  . GLU A 1 98  ? -2.417  -13.393 -8.510  1.00 26.86 ? 99  GLU A CA  1 
ATOM   770  C C   . GLU A 1 98  ? -3.575  -13.904 -9.336  1.00 30.53 ? 99  GLU A C   1 
ATOM   771  O O   . GLU A 1 98  ? -3.557  -13.844 -10.568 1.00 33.17 ? 99  GLU A O   1 
ATOM   772  C CB  . GLU A 1 98  ? -1.500  -14.551 -8.105  1.00 27.53 ? 99  GLU A CB  1 
ATOM   773  C CG  . GLU A 1 98  ? -0.771  -15.263 -9.242  1.00 33.77 ? 99  GLU A CG  1 
ATOM   774  C CD  . GLU A 1 98  ? 0.180   -16.353 -8.721  1.00 40.92 ? 99  GLU A CD  1 
ATOM   775  O OE1 . GLU A 1 98  ? 1.047   -16.049 -7.864  1.00 36.06 ? 99  GLU A OE1 1 
ATOM   776  O OE2 . GLU A 1 98  ? 0.049   -17.523 -9.149  1.00 37.21 ? 99  GLU A OE2 1 
ATOM   777  N N   . ASP A 1 99  ? -4.593  -14.403 -8.649  1.00 30.39 ? 100 ASP A N   1 
ATOM   778  C CA  . ASP A 1 99  ? -5.745  -15.001 -9.319  1.00 38.62 ? 100 ASP A CA  1 
ATOM   779  C C   . ASP A 1 99  ? -6.846  -13.992 -9.644  1.00 41.20 ? 100 ASP A C   1 
ATOM   780  O O   . ASP A 1 99  ? -7.886  -14.359 -10.188 1.00 39.76 ? 100 ASP A O   1 
ATOM   781  C CB  . ASP A 1 99  ? -6.307  -16.140 -8.464  1.00 44.83 ? 100 ASP A CB  1 
ATOM   782  C CG  . ASP A 1 99  ? -5.289  -17.249 -8.235  1.00 51.21 ? 100 ASP A CG  1 
ATOM   783  O OD1 . ASP A 1 99  ? -4.599  -17.638 -9.204  1.00 50.92 ? 100 ASP A OD1 1 
ATOM   784  O OD2 . ASP A 1 99  ? -5.163  -17.724 -7.084  1.00 57.41 ? 100 ASP A OD2 1 
ATOM   785  N N   . LYS A 1 100 ? -6.628  -12.718 -9.323  1.00 30.72 ? 101 LYS A N   1 
ATOM   786  C CA  . LYS A 1 100 ? -7.596  -11.699 -9.704  1.00 27.56 ? 101 LYS A CA  1 
ATOM   787  C C   . LYS A 1 100 ? -7.001  -10.745 -10.737 1.00 33.83 ? 101 LYS A C   1 
ATOM   788  O O   . LYS A 1 100 ? -6.905  -11.090 -11.917 1.00 34.48 ? 101 LYS A O   1 
ATOM   789  C CB  . LYS A 1 100 ? -8.113  -10.951 -8.472  1.00 30.77 ? 101 LYS A CB  1 
ATOM   790  C CG  . LYS A 1 100 ? -8.904  -11.867 -7.532  1.00 30.20 ? 101 LYS A CG  1 
ATOM   791  C CD  . LYS A 1 100 ? -9.651  -11.084 -6.459  1.00 37.43 ? 101 LYS A CD  1 
ATOM   792  C CE  . LYS A 1 100 ? -10.487 -12.012 -5.590  1.00 43.29 ? 101 LYS A CE  1 
ATOM   793  N NZ  . LYS A 1 100 ? -11.234 -11.260 -4.541  1.00 45.10 ? 101 LYS A NZ  1 
ATOM   794  N N   . ASP A 1 101 ? -6.584  -9.559  -10.320 1.00 25.38 ? 102 ASP A N   1 
ATOM   795  C CA  . ASP A 1 101 ? -6.184  -8.568  -11.311 1.00 24.14 ? 102 ASP A CA  1 
ATOM   796  C C   . ASP A 1 101 ? -4.690  -8.262  -11.336 1.00 23.69 ? 102 ASP A C   1 
ATOM   797  O O   . ASP A 1 101 ? -4.268  -7.341  -12.029 1.00 25.77 ? 102 ASP A O   1 
ATOM   798  C CB  . ASP A 1 101 ? -6.970  -7.278  -11.104 1.00 25.01 ? 102 ASP A CB  1 
ATOM   799  C CG  . ASP A 1 101 ? -8.449  -7.453  -11.382 1.00 31.05 ? 102 ASP A CG  1 
ATOM   800  O OD1 . ASP A 1 101 ? -8.816  -8.464  -12.013 1.00 33.93 ? 102 ASP A OD1 1 
ATOM   801  O OD2 . ASP A 1 101 ? -9.236  -6.581  -10.968 1.00 34.06 ? 102 ASP A OD2 1 
ATOM   802  N N   . TRP A 1 102 ? -3.883  -9.021  -10.601 1.00 22.10 ? 103 TRP A N   1 
ATOM   803  C CA  . TRP A 1 102 ? -2.439  -8.850  -10.743 1.00 20.76 ? 103 TRP A CA  1 
ATOM   804  C C   . TRP A 1 102 ? -2.009  -9.165  -12.168 1.00 22.55 ? 103 TRP A C   1 
ATOM   805  O O   . TRP A 1 102 ? -2.478  -10.135 -12.764 1.00 25.32 ? 103 TRP A O   1 
ATOM   806  C CB  . TRP A 1 102 ? -1.663  -9.751  -9.775  1.00 23.17 ? 103 TRP A CB  1 
ATOM   807  C CG  . TRP A 1 102 ? -0.167  -9.732  -10.011 1.00 20.65 ? 103 TRP A CG  1 
ATOM   808  C CD1 . TRP A 1 102 ? 0.598   -10.751 -10.508 1.00 20.58 ? 103 TRP A CD1 1 
ATOM   809  C CD2 . TRP A 1 102 ? 0.735   -8.640  -9.759  1.00 18.01 ? 103 TRP A CD2 1 
ATOM   810  N NE1 . TRP A 1 102 ? 1.920   -10.355 -10.587 1.00 20.81 ? 103 TRP A NE1 1 
ATOM   811  C CE2 . TRP A 1 102 ? 2.031   -9.076  -10.118 1.00 20.60 ? 103 TRP A CE2 1 
ATOM   812  C CE3 . TRP A 1 102 ? 0.573   -7.346  -9.249  1.00 20.15 ? 103 TRP A CE3 1 
ATOM   813  C CZ2 . TRP A 1 102 ? 3.158   -8.259  -9.993  1.00 23.50 ? 103 TRP A CZ2 1 
ATOM   814  C CZ3 . TRP A 1 102 ? 1.687   -6.539  -9.116  1.00 21.62 ? 103 TRP A CZ3 1 
ATOM   815  C CH2 . TRP A 1 102 ? 2.963   -6.992  -9.498  1.00 20.77 ? 103 TRP A CH2 1 
ATOM   816  N N   . ARG A 1 103 ? -1.113  -8.336  -12.693 1.00 20.00 ? 104 ARG A N   1 
ATOM   817  C CA  . ARG A 1 103 ? -0.385  -8.623  -13.928 1.00 21.50 ? 104 ARG A CA  1 
ATOM   818  C C   . ARG A 1 103 ? 1.087   -8.396  -13.655 1.00 21.83 ? 104 ARG A C   1 
ATOM   819  O O   . ARG A 1 103 ? 1.443   -7.405  -13.026 1.00 23.21 ? 104 ARG A O   1 
ATOM   820  C CB  . ARG A 1 103 ? -0.829  -7.708  -15.071 1.00 26.80 ? 104 ARG A CB  1 
ATOM   821  C CG  . ARG A 1 103 ? -2.249  -7.888  -15.545 1.00 30.81 ? 104 ARG A CG  1 
ATOM   822  C CD  . ARG A 1 103 ? -2.489  -7.012  -16.783 1.00 36.01 ? 104 ARG A CD  1 
ATOM   823  N NE  . ARG A 1 103 ? -3.817  -7.210  -17.354 1.00 37.94 ? 104 ARG A NE  1 
ATOM   824  C CZ  . ARG A 1 103 ? -4.134  -6.958  -18.623 1.00 30.85 ? 104 ARG A CZ  1 
ATOM   825  N NH1 . ARG A 1 103 ? -3.218  -6.515  -19.468 1.00 32.46 ? 104 ARG A NH1 1 
ATOM   826  N NH2 . ARG A 1 103 ? -5.366  -7.167  -19.048 1.00 36.68 ? 104 ARG A NH2 1 
ATOM   827  N N   . PRO A 1 104 ? 1.960   -9.276  -14.161 1.00 19.47 ? 105 PRO A N   1 
ATOM   828  C CA  . PRO A 1 104 ? 3.397   -9.107  -13.909 1.00 18.48 ? 105 PRO A CA  1 
ATOM   829  C C   . PRO A 1 104 ? 3.932   -7.718  -14.282 1.00 22.56 ? 105 PRO A C   1 
ATOM   830  O O   . PRO A 1 104 ? 4.841   -7.245  -13.616 1.00 23.93 ? 105 PRO A O   1 
ATOM   831  C CB  . PRO A 1 104 ? 4.022   -10.190 -14.791 1.00 22.69 ? 105 PRO A CB  1 
ATOM   832  C CG  . PRO A 1 104 ? 3.000   -11.294 -14.733 1.00 23.39 ? 105 PRO A CG  1 
ATOM   833  C CD  . PRO A 1 104 ? 1.662   -10.578 -14.782 1.00 22.78 ? 105 PRO A CD  1 
ATOM   834  N N   . ALA A 1 105 ? 3.349   -7.061  -15.282 1.00 21.74 ? 106 ALA A N   1 
ATOM   835  C CA  . ALA A 1 105 ? 3.859   -5.766  -15.733 1.00 22.37 ? 106 ALA A CA  1 
ATOM   836  C C   . ALA A 1 105 ? 3.555   -4.604  -14.773 1.00 22.08 ? 106 ALA A C   1 
ATOM   837  O O   . ALA A 1 105 ? 4.124   -3.518  -14.920 1.00 24.43 ? 106 ALA A O   1 
ATOM   838  C CB  . ALA A 1 105 ? 3.306   -5.444  -17.122 1.00 25.91 ? 106 ALA A CB  1 
ATOM   839  N N   . ILE A 1 106 ? 2.668   -4.819  -13.802 1.00 21.07 ? 107 ILE A N   1 
ATOM   840  C CA  A ILE A 1 106 ? 2.293   -3.754  -12.866 0.69 19.69 ? 107 ILE A CA  1 
ATOM   841  C CA  B ILE A 1 106 ? 2.296   -3.763  -12.860 0.31 19.80 ? 107 ILE A CA  1 
ATOM   842  C C   . ILE A 1 106 ? 3.518   -3.313  -12.061 1.00 21.39 ? 107 ILE A C   1 
ATOM   843  O O   . ILE A 1 106 ? 4.271   -4.146  -11.536 1.00 23.06 ? 107 ILE A O   1 
ATOM   844  C CB  A ILE A 1 106 ? 1.169   -4.203  -11.918 0.69 19.54 ? 107 ILE A CB  1 
ATOM   845  C CB  B ILE A 1 106 ? 1.189   -4.222  -11.893 0.31 19.60 ? 107 ILE A CB  1 
ATOM   846  C CG1 A ILE A 1 106 ? -0.151  -4.352  -12.675 0.69 19.68 ? 107 ILE A CG1 1 
ATOM   847  C CG1 B ILE A 1 106 ? -0.065  -4.638  -12.662 0.31 20.08 ? 107 ILE A CG1 1 
ATOM   848  C CG2 A ILE A 1 106 ? 0.980   -3.204  -10.786 0.69 19.02 ? 107 ILE A CG2 1 
ATOM   849  C CG2 B ILE A 1 106 ? 0.843   -3.114  -10.908 0.31 19.19 ? 107 ILE A CG2 1 
ATOM   850  C CD1 A ILE A 1 106 ? -1.297  -4.874  -11.815 0.69 23.56 ? 107 ILE A CD1 1 
ATOM   851  C CD1 B ILE A 1 106 ? -1.179  -5.161  -11.769 0.31 22.97 ? 107 ILE A CD1 1 
ATOM   852  N N   . THR A 1 107 ? 3.714   -1.999  -11.984 1.00 20.99 ? 108 THR A N   1 
ATOM   853  C CA  . THR A 1 107 ? 4.880   -1.416  -11.326 1.00 19.17 ? 108 THR A CA  1 
ATOM   854  C C   . THR A 1 107 ? 4.636   -1.052  -9.876  1.00 19.92 ? 108 THR A C   1 
ATOM   855  O O   . THR A 1 107 ? 3.495   -0.909  -9.437  1.00 20.89 ? 108 THR A O   1 
ATOM   856  C CB  . THR A 1 107 ? 5.345   -0.142  -12.046 1.00 20.11 ? 108 THR A CB  1 
ATOM   857  O OG1 . THR A 1 107 ? 4.322   0.864   -11.955 1.00 22.51 ? 108 THR A OG1 1 
ATOM   858  C CG2 . THR A 1 107 ? 5.639   -0.449  -13.514 1.00 24.07 ? 108 THR A CG2 1 
ATOM   859  N N   . ILE A 1 108 ? 5.723   -0.853  -9.139  1.00 21.17 ? 109 ILE A N   1 
ATOM   860  C CA  . ILE A 1 108 ? 5.602   -0.421  -7.752  1.00 22.20 ? 109 ILE A CA  1 
ATOM   861  C C   . ILE A 1 108 ? 4.847   0.906   -7.670  1.00 23.51 ? 109 ILE A C   1 
ATOM   862  O O   . ILE A 1 108 ? 3.998   1.097   -6.791  1.00 22.86 ? 109 ILE A O   1 
ATOM   863  C CB  . ILE A 1 108 ? 6.996   -0.304  -7.085  1.00 22.99 ? 109 ILE A CB  1 
ATOM   864  C CG1 . ILE A 1 108 ? 7.562   -1.699  -6.828  1.00 21.36 ? 109 ILE A CG1 1 
ATOM   865  C CG2 . ILE A 1 108 ? 6.900   0.473   -5.771  1.00 22.61 ? 109 ILE A CG2 1 
ATOM   866  C CD1 . ILE A 1 108 ? 8.954   -1.697  -6.227  1.00 27.21 ? 109 ILE A CD1 1 
ATOM   867  N N   . LYS A 1 109 ? 5.143   1.823   -8.590  1.00 22.52 ? 110 LYS A N   1 
ATOM   868  C CA  . LYS A 1 109 ? 4.413   3.084   -8.667  1.00 24.45 ? 110 LYS A CA  1 
ATOM   869  C C   . LYS A 1 109 ? 2.908   2.858   -8.872  1.00 22.11 ? 110 LYS A C   1 
ATOM   870  O O   . LYS A 1 109 ? 2.095   3.494   -8.228  1.00 21.69 ? 110 LYS A O   1 
ATOM   871  C CB  . LYS A 1 109 ? 4.987   3.946   -9.798  1.00 25.91 ? 110 LYS A CB  1 
ATOM   872  C CG  . LYS A 1 109 ? 4.299   5.286   -10.013 1.00 28.36 ? 110 LYS A CG  1 
ATOM   873  C CD  . LYS A 1 109 ? 5.106   6.086   -11.032 1.00 33.87 ? 110 LYS A CD  1 
ATOM   874  C CE  . LYS A 1 109 ? 4.231   6.991   -11.881 1.00 57.55 ? 110 LYS A CE  1 
ATOM   875  N NZ  . LYS A 1 109 ? 4.963   7.452   -13.105 1.00 57.33 ? 110 LYS A NZ  1 
ATOM   876  N N   . GLN A 1 110 ? 2.540   1.954   -9.772  1.00 21.84 ? 111 GLN A N   1 
ATOM   877  C CA  . GLN A 1 110 ? 1.127   1.664   -9.987  1.00 20.49 ? 111 GLN A CA  1 
ATOM   878  C C   . GLN A 1 110 ? 0.469   1.032   -8.759  1.00 20.69 ? 111 GLN A C   1 
ATOM   879  O O   . GLN A 1 110 ? -0.693  1.318   -8.451  1.00 20.69 ? 111 GLN A O   1 
ATOM   880  C CB  . GLN A 1 110 ? 0.962   0.777   -11.215 1.00 26.21 ? 111 GLN A CB  1 
ATOM   881  C CG  . GLN A 1 110 ? 1.133   1.575   -12.498 1.00 28.03 ? 111 GLN A CG  1 
ATOM   882  C CD  . GLN A 1 110 ? 1.332   0.707   -13.714 1.00 29.96 ? 111 GLN A CD  1 
ATOM   883  O OE1 . GLN A 1 110 ? 1.592   -0.490  -13.604 1.00 24.93 ? 111 GLN A OE1 1 
ATOM   884  N NE2 . GLN A 1 110 ? 1.205   1.309   -14.890 1.00 40.07 ? 111 GLN A NE2 1 
ATOM   885  N N   . ILE A 1 111 ? 1.218   0.194   -8.047  1.00 22.96 ? 112 ILE A N   1 
ATOM   886  C CA  . ILE A 1 111 ? 0.720   -0.385  -6.808  1.00 20.32 ? 112 ILE A CA  1 
ATOM   887  C C   . ILE A 1 111 ? 0.447   0.686   -5.759  1.00 20.72 ? 112 ILE A C   1 
ATOM   888  O O   . ILE A 1 111 ? -0.633  0.736   -5.161  1.00 21.55 ? 112 ILE A O   1 
ATOM   889  C CB  . ILE A 1 111 ? 1.711   -1.413  -6.231  1.00 20.34 ? 112 ILE A CB  1 
ATOM   890  C CG1 . ILE A 1 111 ? 1.782   -2.637  -7.141  1.00 22.67 ? 112 ILE A CG1 1 
ATOM   891  C CG2 . ILE A 1 111 ? 1.300   -1.811  -4.826  1.00 23.42 ? 112 ILE A CG2 1 
ATOM   892  C CD1 . ILE A 1 111 ? 2.915   -3.567  -6.782  1.00 23.29 ? 112 ILE A CD1 1 
ATOM   893  N N   . LEU A 1 112 ? 1.419   1.570   -5.549  1.00 22.29 ? 113 LEU A N   1 
ATOM   894  C CA  . LEU A 1 112 ? 1.263   2.567   -4.497  1.00 20.95 ? 113 LEU A CA  1 
ATOM   895  C C   . LEU A 1 112 ? 0.161   3.572   -4.836  1.00 21.79 ? 113 LEU A C   1 
ATOM   896  O O   . LEU A 1 112 ? -0.603  3.963   -3.949  1.00 20.65 ? 113 LEU A O   1 
ATOM   897  C CB  . LEU A 1 112 ? 2.591   3.273   -4.224  1.00 21.08 ? 113 LEU A CB  1 
ATOM   898  C CG  . LEU A 1 112 ? 3.633   2.353   -3.576  1.00 21.65 ? 113 LEU A CG  1 
ATOM   899  C CD1 . LEU A 1 112 ? 4.992   3.044   -3.495  1.00 23.45 ? 113 LEU A CD1 1 
ATOM   900  C CD2 . LEU A 1 112 ? 3.184   1.915   -2.187  1.00 19.73 ? 113 LEU A CD2 1 
ATOM   901  N N   . LEU A 1 113 ? 0.035   3.952   -6.110  1.00 22.41 ? 114 LEU A N   1 
ATOM   902  C CA  . LEU A 1 113 ? -1.065  4.842   -6.516  1.00 21.91 ? 114 LEU A CA  1 
ATOM   903  C C   . LEU A 1 113 ? -2.413  4.136   -6.376  1.00 22.43 ? 114 LEU A C   1 
ATOM   904  O O   . LEU A 1 113 ? -3.418  4.749   -5.987  1.00 23.98 ? 114 LEU A O   1 
ATOM   905  C CB  . LEU A 1 113 ? -0.857  5.332   -7.951  1.00 21.25 ? 114 LEU A CB  1 
ATOM   906  C CG  . LEU A 1 113 ? 0.233   6.398   -8.092  1.00 23.75 ? 114 LEU A CG  1 
ATOM   907  C CD1 . LEU A 1 113 ? 0.541   6.617   -9.561  1.00 28.78 ? 114 LEU A CD1 1 
ATOM   908  C CD2 . LEU A 1 113 ? -0.205  7.694   -7.456  1.00 27.67 ? 114 LEU A CD2 1 
ATOM   909  N N   . GLY A 1 114 ? -2.414  2.840   -6.663  1.00 22.10 ? 115 GLY A N   1 
ATOM   910  C CA  . GLY A 1 114 ? -3.604  2.011   -6.538  1.00 21.38 ? 115 GLY A CA  1 
ATOM   911  C C   . GLY A 1 114 ? -4.081  1.933   -5.103  1.00 24.47 ? 115 GLY A C   1 
ATOM   912  O O   . GLY A 1 114 ? -5.280  2.037   -4.816  1.00 24.18 ? 115 GLY A O   1 
ATOM   913  N N   . ILE A 1 115 ? -3.137  1.760   -4.186  1.00 20.20 ? 116 ILE A N   1 
ATOM   914  C CA  . ILE A 1 115 ? -3.469  1.759   -2.764  1.00 19.32 ? 116 ILE A CA  1 
ATOM   915  C C   . ILE A 1 115 ? -3.919  3.142   -2.294  1.00 22.20 ? 116 ILE A C   1 
ATOM   916  O O   . ILE A 1 115 ? -4.855  3.242   -1.503  1.00 21.38 ? 116 ILE A O   1 
ATOM   917  C CB  . ILE A 1 115 ? -2.277  1.257   -1.913  1.00 19.40 ? 116 ILE A CB  1 
ATOM   918  C CG1 . ILE A 1 115 ? -1.997  -0.202  -2.269  1.00 21.33 ? 116 ILE A CG1 1 
ATOM   919  C CG2 . ILE A 1 115 ? -2.621  1.357   -0.433  1.00 20.05 ? 116 ILE A CG2 1 
ATOM   920  C CD1 . ILE A 1 115 ? -0.778  -0.817  -1.560  1.00 20.75 ? 116 ILE A CD1 1 
ATOM   921  N N   . GLN A 1 116 ? -3.273  4.210   -2.762  1.00 21.85 ? 117 GLN A N   1 
ATOM   922  C CA  . GLN A 1 116 ? -3.728  5.554   -2.399  1.00 23.55 ? 117 GLN A CA  1 
ATOM   923  C C   . GLN A 1 116 ? -5.169  5.775   -2.838  1.00 22.49 ? 117 GLN A C   1 
ATOM   924  O O   . GLN A 1 116 ? -5.982  6.342   -2.096  1.00 22.98 ? 117 GLN A O   1 
ATOM   925  C CB  . GLN A 1 116 ? -2.833  6.630   -3.021  1.00 22.64 ? 117 GLN A CB  1 
ATOM   926  C CG  . GLN A 1 116 ? -3.168  8.025   -2.506  1.00 23.50 ? 117 GLN A CG  1 
ATOM   927  C CD  . GLN A 1 116 ? -2.556  9.130   -3.355  1.00 27.07 ? 117 GLN A CD  1 
ATOM   928  O OE1 . GLN A 1 116 ? -2.537  9.047   -4.586  1.00 23.73 ? 117 GLN A OE1 1 
ATOM   929  N NE2 . GLN A 1 116 ? -2.047  10.166  -2.699  1.00 24.63 ? 117 GLN A NE2 1 
ATOM   930  N N   . GLU A 1 117 ? -5.497  5.320   -4.041  1.00 21.97 ? 118 GLU A N   1 
ATOM   931  C CA  . GLU A 1 117 ? -6.864  5.470   -4.547  1.00 22.77 ? 118 GLU A CA  1 
ATOM   932  C C   . GLU A 1 117 ? -7.848  4.666   -3.704  1.00 27.57 ? 118 GLU A C   1 
ATOM   933  O O   . GLU A 1 117 ? -8.958  5.124   -3.414  1.00 26.60 ? 118 GLU A O   1 
ATOM   934  C CB  . GLU A 1 117 ? -6.936  5.043   -6.015  1.00 27.23 ? 118 GLU A CB  1 
ATOM   935  C CG  . GLU A 1 117 ? -8.351  4.945   -6.582  1.00 33.95 ? 118 GLU A CG  1 
ATOM   936  C CD  . GLU A 1 117 ? -8.386  4.312   -7.967  1.00 53.13 ? 118 GLU A CD  1 
ATOM   937  O OE1 . GLU A 1 117 ? -8.056  3.109   -8.095  1.00 41.80 ? 118 GLU A OE1 1 
ATOM   938  O OE2 . GLU A 1 117 ? -8.738  5.025   -8.933  1.00 61.75 ? 118 GLU A OE2 1 
ATOM   939  N N   . LEU A 1 118 ? -7.438  3.465   -3.310  1.00 23.35 ? 119 LEU A N   1 
ATOM   940  C CA  . LEU A 1 118 ? -8.244  2.633   -2.423  1.00 21.02 ? 119 LEU A CA  1 
ATOM   941  C C   . LEU A 1 118 ? -8.531  3.320   -1.093  1.00 24.10 ? 119 LEU A C   1 
ATOM   942  O O   . LEU A 1 118 ? -9.654  3.241   -0.585  1.00 24.85 ? 119 LEU A O   1 
ATOM   943  C CB  . LEU A 1 118 ? -7.533  1.296   -2.171  1.00 22.15 ? 119 LEU A CB  1 
ATOM   944  C CG  . LEU A 1 118 ? -8.231  0.364   -1.181  1.00 24.47 ? 119 LEU A CG  1 
ATOM   945  C CD1 . LEU A 1 118 ? -9.563  -0.152  -1.755  1.00 22.97 ? 119 LEU A CD1 1 
ATOM   946  C CD2 . LEU A 1 118 ? -7.294  -0.779  -0.779  1.00 22.22 ? 119 LEU A CD2 1 
ATOM   947  N N   . LEU A 1 119 ? -7.525  3.986   -0.525  1.00 21.83 ? 120 LEU A N   1 
ATOM   948  C CA  . LEU A 1 119 ? -7.696  4.651   0.763   1.00 21.99 ? 120 LEU A CA  1 
ATOM   949  C C   . LEU A 1 119 ? -8.914  5.568   0.721   1.00 24.86 ? 120 LEU A C   1 
ATOM   950  O O   . LEU A 1 119 ? -9.739  5.567   1.629   1.00 23.99 ? 120 LEU A O   1 
ATOM   951  C CB  . LEU A 1 119 ? -6.455  5.466   1.145   1.00 20.20 ? 120 LEU A CB  1 
ATOM   952  C CG  . LEU A 1 119 ? -5.218  4.661   1.542   1.00 22.39 ? 120 LEU A CG  1 
ATOM   953  C CD1 . LEU A 1 119 ? -4.075  5.596   1.909   1.00 26.16 ? 120 LEU A CD1 1 
ATOM   954  C CD2 . LEU A 1 119 ? -5.546  3.715   2.684   1.00 23.63 ? 120 LEU A CD2 1 
ATOM   955  N N   . ASN A 1 120 ? -9.047  6.322   -0.357  1.00 23.98 ? 121 ASN A N   1 
ATOM   956  C CA  . ASN A 1 120 ? -10.114 7.309   -0.419  1.00 30.78 ? 121 ASN A CA  1 
ATOM   957  C C   . ASN A 1 120 ? -11.424 6.796   -1.009  1.00 29.49 ? 121 ASN A C   1 
ATOM   958  O O   . ASN A 1 120 ? -12.434 7.496   -0.985  1.00 29.04 ? 121 ASN A O   1 
ATOM   959  C CB  . ASN A 1 120 ? -9.650  8.528   -1.209  1.00 37.37 ? 121 ASN A CB  1 
ATOM   960  C CG  . ASN A 1 120 ? -10.589 9.712   -1.048  1.00 34.82 ? 121 ASN A CG  1 
ATOM   961  O OD1 . ASN A 1 120 ? -11.131 9.970   0.045   1.00 33.70 ? 121 ASN A OD1 1 
ATOM   962  N ND2 . ASN A 1 120 ? -10.821 10.417  -2.145  1.00 39.18 ? 121 ASN A ND2 1 
ATOM   963  N N   . GLU A 1 121 ? -11.417 5.577   -1.528  1.00 23.62 ? 122 GLU A N   1 
ATOM   964  C CA  . GLU A 1 121 ? -12.610 4.988   -2.121  1.00 25.45 ? 122 GLU A CA  1 
ATOM   965  C C   . GLU A 1 121 ? -12.668 3.489   -1.826  1.00 26.49 ? 122 GLU A C   1 
ATOM   966  O O   . GLU A 1 121 ? -12.227 2.660   -2.630  1.00 25.74 ? 122 GLU A O   1 
ATOM   967  C CB  . GLU A 1 121 ? -12.650 5.249   -3.631  1.00 29.53 ? 122 GLU A CB  1 
ATOM   968  C CG  . GLU A 1 121 ? -13.886 4.691   -4.350  1.00 34.54 ? 122 GLU A CG  1 
ATOM   969  C CD  . GLU A 1 121 ? -15.213 5.235   -3.812  1.00 38.92 ? 122 GLU A CD  1 
ATOM   970  O OE1 . GLU A 1 121 ? -15.214 6.259   -3.097  1.00 33.98 ? 122 GLU A OE1 1 
ATOM   971  O OE2 . GLU A 1 121 ? -16.268 4.625   -4.106  1.00 38.85 ? 122 GLU A OE2 1 
ATOM   972  N N   . PRO A 1 122 ? -13.207 3.139   -0.655  1.00 25.60 ? 123 PRO A N   1 
ATOM   973  C CA  . PRO A 1 122 ? -13.342 1.733   -0.270  1.00 24.98 ? 123 PRO A CA  1 
ATOM   974  C C   . PRO A 1 122 ? -14.204 0.922   -1.223  1.00 30.42 ? 123 PRO A C   1 
ATOM   975  O O   . PRO A 1 122 ? -15.125 1.446   -1.860  1.00 30.24 ? 123 PRO A O   1 
ATOM   976  C CB  . PRO A 1 122 ? -14.005 1.817   1.111   1.00 22.33 ? 123 PRO A CB  1 
ATOM   977  C CG  . PRO A 1 122 ? -13.562 3.121   1.638   1.00 24.58 ? 123 PRO A CG  1 
ATOM   978  C CD  . PRO A 1 122 ? -13.618 4.034   0.439   1.00 25.80 ? 123 PRO A CD  1 
ATOM   979  N N   . ASN A 1 123 ? -13.889 -0.363  -1.309  1.00 27.06 ? 124 ASN A N   1 
ATOM   980  C CA  . ASN A 1 123 ? -14.672 -1.309  -2.085  1.00 27.84 ? 124 ASN A CA  1 
ATOM   981  C C   . ASN A 1 123 ? -15.603 -2.087  -1.168  1.00 30.69 ? 124 ASN A C   1 
ATOM   982  O O   . ASN A 1 123 ? -15.153 -2.915  -0.381  1.00 29.69 ? 124 ASN A O   1 
ATOM   983  C CB  . ASN A 1 123 ? -13.750 -2.260  -2.843  1.00 29.48 ? 124 ASN A CB  1 
ATOM   984  C CG  . ASN A 1 123 ? -14.481 -3.067  -3.909  1.00 44.90 ? 124 ASN A CG  1 
ATOM   985  O OD1 . ASN A 1 123 ? -15.643 -3.450  -3.739  1.00 46.49 ? 124 ASN A OD1 1 
ATOM   986  N ND2 . ASN A 1 123 ? -13.799 -3.323  -5.023  1.00 48.27 ? 124 ASN A ND2 1 
ATOM   987  N N   . ILE A 1 124 ? -16.900 -1.829  -1.260  1.00 31.41 ? 125 ILE A N   1 
ATOM   988  C CA  . ILE A 1 124 ? -17.835 -2.458  -0.330  1.00 31.97 ? 125 ILE A CA  1 
ATOM   989  C C   . ILE A 1 124 ? -17.991 -3.961  -0.577  1.00 35.74 ? 125 ILE A C   1 
ATOM   990  O O   . ILE A 1 124 ? -18.565 -4.670  0.246   1.00 38.93 ? 125 ILE A O   1 
ATOM   991  C CB  . ILE A 1 124 ? -19.226 -1.781  -0.374  1.00 36.36 ? 125 ILE A CB  1 
ATOM   992  C CG1 . ILE A 1 124 ? -19.562 -1.321  -1.792  1.00 45.71 ? 125 ILE A CG1 1 
ATOM   993  C CG2 . ILE A 1 124 ? -19.251 -0.596  0.576   1.00 42.51 ? 125 ILE A CG2 1 
ATOM   994  C CD1 . ILE A 1 124 ? -19.865 -2.438  -2.761  1.00 47.90 ? 125 ILE A CD1 1 
ATOM   995  N N   . GLN A 1 125 ? -17.469 -4.446  -1.696  1.00 33.13 ? 126 GLN A N   1 
ATOM   996  C CA  . GLN A 1 125 ? -17.510 -5.878  -1.987  1.00 36.48 ? 126 GLN A CA  1 
ATOM   997  C C   . GLN A 1 125 ? -16.389 -6.661  -1.294  1.00 37.84 ? 126 GLN A C   1 
ATOM   998  O O   . GLN A 1 125 ? -16.402 -7.891  -1.277  1.00 41.70 ? 126 GLN A O   1 
ATOM   999  C CB  . GLN A 1 125 ? -17.443 -6.112  -3.498  1.00 43.01 ? 126 GLN A CB  1 
ATOM   1000 C CG  . GLN A 1 125 ? -18.664 -5.595  -4.264  1.00 55.45 ? 126 GLN A CG  1 
ATOM   1001 C CD  . GLN A 1 125 ? -19.972 -6.217  -3.784  1.00 61.17 ? 126 GLN A CD  1 
ATOM   1002 O OE1 . GLN A 1 125 ? -20.892 -5.512  -3.360  1.00 59.83 ? 126 GLN A OE1 1 
ATOM   1003 N NE2 . GLN A 1 125 ? -20.059 -7.544  -3.848  1.00 63.09 ? 126 GLN A NE2 1 
ATOM   1004 N N   . ASP A 1 126 ? -15.427 -5.948  -0.715  1.00 36.96 ? 127 ASP A N   1 
ATOM   1005 C CA  . ASP A 1 126 ? -14.249 -6.578  -0.111  1.00 33.25 ? 127 ASP A CA  1 
ATOM   1006 C C   . ASP A 1 126 ? -14.060 -6.232  1.358   1.00 29.84 ? 127 ASP A C   1 
ATOM   1007 O O   . ASP A 1 126 ? -12.995 -5.724  1.726   1.00 33.22 ? 127 ASP A O   1 
ATOM   1008 C CB  . ASP A 1 126 ? -12.971 -6.159  -0.857  1.00 32.81 ? 127 ASP A CB  1 
ATOM   1009 C CG  . ASP A 1 126 ? -12.846 -6.791  -2.223  1.00 45.69 ? 127 ASP A CG  1 
ATOM   1010 O OD1 . ASP A 1 126 ? -13.394 -7.896  -2.433  1.00 45.59 ? 127 ASP A OD1 1 
ATOM   1011 O OD2 . ASP A 1 126 ? -12.169 -6.181  -3.082  1.00 46.92 ? 127 ASP A OD2 1 
ATOM   1012 N N   . PRO A 1 127 ? -15.073 -6.492  2.211   1.00 25.75 ? 128 PRO A N   1 
ATOM   1013 C CA  . PRO A 1 127 ? -14.880 -6.148  3.626   1.00 28.15 ? 128 PRO A CA  1 
ATOM   1014 C C   . PRO A 1 127 ? -13.709 -6.916  4.223   1.00 29.86 ? 128 PRO A C   1 
ATOM   1015 O O   . PRO A 1 127 ? -13.670 -8.155  4.141   1.00 26.11 ? 128 PRO A O   1 
ATOM   1016 C CB  . PRO A 1 127 ? -16.208 -6.565  4.277   1.00 30.00 ? 128 PRO A CB  1 
ATOM   1017 C CG  . PRO A 1 127 ? -16.710 -7.646  3.413   1.00 34.16 ? 128 PRO A CG  1 
ATOM   1018 C CD  . PRO A 1 127 ? -16.285 -7.302  2.006   1.00 32.46 ? 128 PRO A CD  1 
ATOM   1019 N N   . ALA A 1 128 ? -12.750 -6.195  4.795   1.00 26.33 ? 129 ALA A N   1 
ATOM   1020 C CA  . ALA A 1 128 ? -11.558 -6.840  5.343   1.00 23.54 ? 129 ALA A CA  1 
ATOM   1021 C C   . ALA A 1 128 ? -11.452 -6.623  6.848   1.00 24.04 ? 129 ALA A C   1 
ATOM   1022 O O   . ALA A 1 128 ? -10.801 -7.386  7.557   1.00 26.88 ? 129 ALA A O   1 
ATOM   1023 C CB  . ALA A 1 128 ? -10.308 -6.330  4.632   1.00 24.92 ? 129 ALA A CB  1 
ATOM   1024 N N   . GLN A 1 129 ? -12.099 -5.581  7.351   1.00 23.02 ? 130 GLN A N   1 
ATOM   1025 C CA  . GLN A 1 129 ? -12.153 -5.406  8.789   1.00 24.52 ? 130 GLN A CA  1 
ATOM   1026 C C   . GLN A 1 129 ? -13.542 -4.927  9.160   1.00 30.15 ? 130 GLN A C   1 
ATOM   1027 O O   . GLN A 1 129 ? -14.110 -4.034  8.526   1.00 32.30 ? 130 GLN A O   1 
ATOM   1028 C CB  . GLN A 1 129 ? -11.072 -4.448  9.299   1.00 32.66 ? 130 GLN A CB  1 
ATOM   1029 C CG  . GLN A 1 129 ? -11.237 -3.013  8.897   1.00 28.70 ? 130 GLN A CG  1 
ATOM   1030 C CD  . GLN A 1 129 ? -10.402 -2.058  9.746   1.00 35.46 ? 130 GLN A CD  1 
ATOM   1031 O OE1 . GLN A 1 129 ? -10.930 -1.387  10.632  1.00 40.87 ? 130 GLN A OE1 1 
ATOM   1032 N NE2 . GLN A 1 129 ? -9.101  -1.978  9.462   1.00 24.67 ? 130 GLN A NE2 1 
ATOM   1033 N N   . ALA A 1 130 ? -14.087 -5.551  10.192  1.00 31.88 ? 131 ALA A N   1 
ATOM   1034 C CA  . ALA A 1 130 ? -15.492 -5.389  10.515  1.00 26.32 ? 131 ALA A CA  1 
ATOM   1035 C C   . ALA A 1 130 ? -15.853 -3.955  10.913  1.00 27.24 ? 131 ALA A C   1 
ATOM   1036 O O   . ALA A 1 130 ? -16.859 -3.410  10.444  1.00 30.38 ? 131 ALA A O   1 
ATOM   1037 C CB  . ALA A 1 130 ? -15.869 -6.357  11.625  1.00 30.07 ? 131 ALA A CB  1 
ATOM   1038 N N   . GLU A 1 131 ? -15.036 -3.348  11.773  1.00 30.85 ? 132 GLU A N   1 
ATOM   1039 C CA  . GLU A 1 131 ? -15.382 -2.044  12.342  1.00 31.85 ? 132 GLU A CA  1 
ATOM   1040 C C   . GLU A 1 131 ? -15.450 -0.949  11.294  1.00 28.94 ? 132 GLU A C   1 
ATOM   1041 O O   . GLU A 1 131 ? -16.479 -0.294  11.145  1.00 27.22 ? 132 GLU A O   1 
ATOM   1042 C CB  . GLU A 1 131 ? -14.384 -1.625  13.423  1.00 43.20 ? 132 GLU A CB  1 
ATOM   1043 C CG  . GLU A 1 131 ? -14.896 -0.457  14.263  1.00 41.45 ? 132 GLU A CG  1 
ATOM   1044 C CD  . GLU A 1 131 ? -13.793 0.336   14.938  1.00 50.66 ? 132 GLU A CD  1 
ATOM   1045 O OE1 . GLU A 1 131 ? -14.120 1.128   15.847  1.00 57.41 ? 132 GLU A OE1 1 
ATOM   1046 O OE2 . GLU A 1 131 ? -12.610 0.185   14.552  1.00 42.97 ? 132 GLU A OE2 1 
ATOM   1047 N N   . ALA A 1 132 ? -14.361 -0.747  10.560  1.00 27.36 ? 133 ALA A N   1 
ATOM   1048 C CA  . ALA A 1 132 ? -14.337 0.331   9.580   1.00 27.98 ? 133 ALA A CA  1 
ATOM   1049 C C   . ALA A 1 132 ? -15.395 0.114   8.500   1.00 24.65 ? 133 ALA A C   1 
ATOM   1050 O O   . ALA A 1 132 ? -15.999 1.064   8.014   1.00 26.53 ? 133 ALA A O   1 
ATOM   1051 C CB  . ALA A 1 132 ? -12.952 0.458   8.955   1.00 26.69 ? 133 ALA A CB  1 
ATOM   1052 N N   . TYR A 1 133 ? -15.606 -1.141  8.115   1.00 24.03 ? 134 TYR A N   1 
ATOM   1053 C CA  A TYR A 1 133 ? -16.593 -1.457  7.093   0.59 28.05 ? 134 TYR A CA  1 
ATOM   1054 C CA  B TYR A 1 133 ? -16.597 -1.461  7.096   0.41 28.05 ? 134 TYR A CA  1 
ATOM   1055 C C   . TYR A 1 133 ? -18.003 -1.130  7.580   1.00 28.43 ? 134 TYR A C   1 
ATOM   1056 O O   . TYR A 1 133 ? -18.790 -0.517  6.865   1.00 27.15 ? 134 TYR A O   1 
ATOM   1057 C CB  A TYR A 1 133 ? -16.505 -2.928  6.694   0.59 29.18 ? 134 TYR A CB  1 
ATOM   1058 C CB  B TYR A 1 133 ? -16.514 -2.934  6.708   0.41 29.19 ? 134 TYR A CB  1 
ATOM   1059 C CG  A TYR A 1 133 ? -17.332 -3.263  5.480   0.59 32.56 ? 134 TYR A CG  1 
ATOM   1060 C CG  B TYR A 1 133 ? -17.503 -3.326  5.638   0.41 32.04 ? 134 TYR A CG  1 
ATOM   1061 C CD1 A TYR A 1 133 ? -16.793 -3.164  4.206   0.59 32.20 ? 134 TYR A CD1 1 
ATOM   1062 C CD1 B TYR A 1 133 ? -17.240 -3.063  4.302   0.41 33.23 ? 134 TYR A CD1 1 
ATOM   1063 C CD2 A TYR A 1 133 ? -18.653 -3.665  5.604   0.59 29.62 ? 134 TYR A CD2 1 
ATOM   1064 C CD2 B TYR A 1 133 ? -18.693 -3.963  5.961   0.41 30.40 ? 134 TYR A CD2 1 
ATOM   1065 C CE1 A TYR A 1 133 ? -17.545 -3.467  3.089   0.59 36.54 ? 134 TYR A CE1 1 
ATOM   1066 C CE1 B TYR A 1 133 ? -18.134 -3.416  3.318   0.41 36.17 ? 134 TYR A CE1 1 
ATOM   1067 C CE2 A TYR A 1 133 ? -19.416 -3.968  4.490   0.59 30.44 ? 134 TYR A CE2 1 
ATOM   1068 C CE2 B TYR A 1 133 ? -19.597 -4.323  4.977   0.41 32.67 ? 134 TYR A CE2 1 
ATOM   1069 C CZ  A TYR A 1 133 ? -18.857 -3.864  3.237   0.59 36.33 ? 134 TYR A CZ  1 
ATOM   1070 C CZ  B TYR A 1 133 ? -19.309 -4.046  3.660   0.41 33.11 ? 134 TYR A CZ  1 
ATOM   1071 O OH  A TYR A 1 133 ? -19.602 -4.162  2.120   0.59 35.06 ? 134 TYR A OH  1 
ATOM   1072 O OH  B TYR A 1 133 ? -20.196 -4.399  2.672   0.41 40.46 ? 134 TYR A OH  1 
ATOM   1073 N N   . THR A 1 134 ? -18.306 -1.547  8.800   1.00 24.22 ? 135 THR A N   1 
ATOM   1074 C CA  . THR A 1 134 ? -19.621 -1.300  9.381   1.00 30.36 ? 135 THR A CA  1 
ATOM   1075 C C   . THR A 1 134 ? -19.893 0.196   9.495   1.00 29.20 ? 135 THR A C   1 
ATOM   1076 O O   . THR A 1 134 ? -20.980 0.677   9.152   1.00 29.99 ? 135 THR A O   1 
ATOM   1077 C CB  . THR A 1 134 ? -19.737 -1.983  10.756  1.00 31.50 ? 135 THR A CB  1 
ATOM   1078 O OG1 . THR A 1 134 ? -19.639 -3.403  10.580  1.00 34.09 ? 135 THR A OG1 1 
ATOM   1079 C CG2 . THR A 1 134 ? -21.068 -1.649  11.427  1.00 33.43 ? 135 THR A CG2 1 
ATOM   1080 N N   . ILE A 1 135 ? -18.897 0.950   9.942   1.00 26.40 ? 136 ILE A N   1 
ATOM   1081 C CA  . ILE A 1 135 ? -19.089 2.388   10.083  1.00 24.12 ? 136 ILE A CA  1 
ATOM   1082 C C   . ILE A 1 135 ? -19.240 3.059   8.721   1.00 27.44 ? 136 ILE A C   1 
ATOM   1083 O O   . ILE A 1 135 ? -20.078 3.938   8.541   1.00 26.29 ? 136 ILE A O   1 
ATOM   1084 C CB  . ILE A 1 135 ? -17.934 3.038   10.858  1.00 24.64 ? 136 ILE A CB  1 
ATOM   1085 C CG1 . ILE A 1 135 ? -17.845 2.431   12.262  1.00 26.39 ? 136 ILE A CG1 1 
ATOM   1086 C CG2 . ILE A 1 135 ? -18.132 4.547   10.939  1.00 27.06 ? 136 ILE A CG2 1 
ATOM   1087 C CD1 . ILE A 1 135 ? -16.731 3.007   13.105  1.00 28.82 ? 136 ILE A CD1 1 
ATOM   1088 N N   . TYR A 1 136 ? -18.441 2.633   7.751   1.00 26.29 ? 137 TYR A N   1 
ATOM   1089 C CA  . TYR A 1 136 ? -18.556 3.171   6.403   1.00 27.71 ? 137 TYR A CA  1 
ATOM   1090 C C   . TYR A 1 136 ? -19.968 2.997   5.855   1.00 28.99 ? 137 TYR A C   1 
ATOM   1091 O O   . TYR A 1 136 ? -20.506 3.891   5.205   1.00 32.50 ? 137 TYR A O   1 
ATOM   1092 C CB  . TYR A 1 136 ? -17.549 2.490   5.473   1.00 27.09 ? 137 TYR A CB  1 
ATOM   1093 C CG  . TYR A 1 136 ? -17.472 3.107   4.103   1.00 26.26 ? 137 TYR A CG  1 
ATOM   1094 C CD1 . TYR A 1 136 ? -16.749 4.275   3.889   1.00 27.78 ? 137 TYR A CD1 1 
ATOM   1095 C CD2 . TYR A 1 136 ? -18.106 2.522   3.020   1.00 34.30 ? 137 TYR A CD2 1 
ATOM   1096 C CE1 . TYR A 1 136 ? -16.663 4.844   2.624   1.00 32.88 ? 137 TYR A CE1 1 
ATOM   1097 C CE2 . TYR A 1 136 ? -18.032 3.087   1.761   1.00 31.58 ? 137 TYR A CE2 1 
ATOM   1098 C CZ  . TYR A 1 136 ? -17.306 4.245   1.568   1.00 32.91 ? 137 TYR A CZ  1 
ATOM   1099 O OH  . TYR A 1 136 ? -17.230 4.810   0.310   1.00 37.28 ? 137 TYR A OH  1 
ATOM   1100 N N   . CYS A 1 137 ? -20.571 1.848   6.138   1.00 28.24 ? 138 CYS A N   1 
ATOM   1101 C CA  . CYS A 1 137 ? -21.903 1.541   5.635   1.00 28.60 ? 138 CYS A CA  1 
ATOM   1102 C C   . CYS A 1 137 ? -22.991 2.299   6.377   1.00 36.22 ? 138 CYS A C   1 
ATOM   1103 O O   . CYS A 1 137 ? -23.980 2.724   5.776   1.00 33.85 ? 138 CYS A O   1 
ATOM   1104 C CB  . CYS A 1 137 ? -22.185 0.053   5.738   1.00 28.76 ? 138 CYS A CB  1 
ATOM   1105 S SG  . CYS A 1 137 ? -21.209 -0.946  4.574   1.00 35.88 ? 138 CYS A SG  1 
ATOM   1106 N N   . GLN A 1 138 ? -22.802 2.451   7.685   1.00 29.20 ? 139 GLN A N   1 
ATOM   1107 C CA  . GLN A 1 138 ? -23.866 2.943   8.563   1.00 28.38 ? 139 GLN A CA  1 
ATOM   1108 C C   . GLN A 1 138 ? -23.879 4.453   8.763   1.00 33.24 ? 139 GLN A C   1 
ATOM   1109 O O   . GLN A 1 138 ? -24.934 5.043   9.004   1.00 34.39 ? 139 GLN A O   1 
ATOM   1110 C CB  . GLN A 1 138 ? -23.763 2.268   9.926   1.00 33.34 ? 139 GLN A CB  1 
ATOM   1111 C CG  . GLN A 1 138 ? -24.158 0.801   9.936   1.00 33.09 ? 139 GLN A CG  1 
ATOM   1112 C CD  . GLN A 1 138 ? -24.019 0.178   11.309  1.00 41.90 ? 139 GLN A CD  1 
ATOM   1113 O OE1 . GLN A 1 138 ? -23.538 0.818   12.249  1.00 44.44 ? 139 GLN A OE1 1 
ATOM   1114 N NE2 . GLN A 1 138 ? -24.437 -1.078  11.434  1.00 43.70 ? 139 GLN A NE2 1 
ATOM   1115 N N   . ASN A 1 139 ? -22.710 5.077   8.692   1.00 27.48 ? 140 ASN A N   1 
ATOM   1116 C CA  . ASN A 1 139 ? -22.601 6.498   8.983   1.00 25.96 ? 140 ASN A CA  1 
ATOM   1117 C C   . ASN A 1 139 ? -21.358 7.099   8.342   1.00 31.21 ? 140 ASN A C   1 
ATOM   1118 O O   . ASN A 1 139 ? -20.272 7.061   8.919   1.00 27.37 ? 140 ASN A O   1 
ATOM   1119 C CB  . ASN A 1 139 ? -22.582 6.723   10.501  1.00 29.52 ? 140 ASN A CB  1 
ATOM   1120 C CG  . ASN A 1 139 ? -22.675 8.192   10.889  1.00 29.45 ? 140 ASN A CG  1 
ATOM   1121 O OD1 . ASN A 1 139 ? -22.334 9.087   10.114  1.00 27.54 ? 140 ASN A OD1 1 
ATOM   1122 N ND2 . ASN A 1 139 ? -23.124 8.443   12.115  1.00 28.05 ? 140 ASN A ND2 1 
ATOM   1123 N N   . ARG A 1 140 ? -21.522 7.670   7.155   1.00 31.94 ? 141 ARG A N   1 
ATOM   1124 C CA  . ARG A 1 140 ? -20.381 8.180   6.404   1.00 34.31 ? 141 ARG A CA  1 
ATOM   1125 C C   . ARG A 1 140 ? -19.750 9.387   7.100   1.00 34.84 ? 141 ARG A C   1 
ATOM   1126 O O   . ARG A 1 140 ? -18.544 9.613   7.007   1.00 30.91 ? 141 ARG A O   1 
ATOM   1127 C CB  . ARG A 1 140 ? -20.803 8.533   4.969   1.00 35.10 ? 141 ARG A CB  1 
ATOM   1128 C CG  . ARG A 1 140 ? -19.644 8.659   3.985   1.00 44.33 ? 141 ARG A CG  1 
ATOM   1129 C CD  . ARG A 1 140 ? -18.881 7.337   3.838   1.00 36.44 ? 141 ARG A CD  1 
ATOM   1130 N NE  . ARG A 1 140 ? -19.753 6.214   3.501   1.00 35.08 ? 141 ARG A NE  1 
ATOM   1131 C CZ  . ARG A 1 140 ? -20.211 5.963   2.276   1.00 40.47 ? 141 ARG A CZ  1 
ATOM   1132 N NH1 . ARG A 1 140 ? -19.887 6.762   1.267   1.00 41.45 ? 141 ARG A NH1 1 
ATOM   1133 N NH2 . ARG A 1 140 ? -21.002 4.919   2.063   1.00 40.79 ? 141 ARG A NH2 1 
ATOM   1134 N N   . VAL A 1 141 ? -20.564 10.168  7.804   1.00 31.47 ? 142 VAL A N   1 
ATOM   1135 C CA  . VAL A 1 141 ? -20.037 11.305  8.543   1.00 31.81 ? 142 VAL A CA  1 
ATOM   1136 C C   . VAL A 1 141 ? -19.114 10.850  9.678   1.00 28.98 ? 142 VAL A C   1 
ATOM   1137 O O   . VAL A 1 141 ? -18.019 11.411  9.867   1.00 27.71 ? 142 VAL A O   1 
ATOM   1138 C CB  . VAL A 1 141 ? -21.176 12.179  9.105   1.00 30.97 ? 142 VAL A CB  1 
ATOM   1139 C CG1 . VAL A 1 141 ? -20.622 13.218  10.058  1.00 36.47 ? 142 VAL A CG1 1 
ATOM   1140 C CG2 . VAL A 1 141 ? -21.942 12.841  7.961   1.00 38.24 ? 142 VAL A CG2 1 
ATOM   1141 N N   . GLU A 1 142 ? -19.535 9.822   10.413  1.00 26.81 ? 143 GLU A N   1 
ATOM   1142 C CA  . GLU A 1 142 ? -18.707 9.250   11.469  1.00 25.67 ? 143 GLU A CA  1 
ATOM   1143 C C   . GLU A 1 142 ? -17.453 8.613   10.877  1.00 26.47 ? 143 GLU A C   1 
ATOM   1144 O O   . GLU A 1 142 ? -16.358 8.776   11.413  1.00 25.84 ? 143 GLU A O   1 
ATOM   1145 C CB  . GLU A 1 142 ? -19.481 8.211   12.284  1.00 29.56 ? 143 GLU A CB  1 
ATOM   1146 C CG  . GLU A 1 142 ? -18.668 7.513   13.371  1.00 28.88 ? 143 GLU A CG  1 
ATOM   1147 C CD  . GLU A 1 142 ? -18.295 8.429   14.539  1.00 32.55 ? 143 GLU A CD  1 
ATOM   1148 O OE1 . GLU A 1 142 ? -17.494 7.999   15.401  1.00 29.41 ? 143 GLU A OE1 1 
ATOM   1149 O OE2 . GLU A 1 142 ? -18.809 9.568   14.602  1.00 31.51 ? 143 GLU A OE2 1 
ATOM   1150 N N   . TYR A 1 143 ? -17.628 7.906   9.765   1.00 26.12 ? 144 TYR A N   1 
ATOM   1151 C CA  . TYR A 1 143 ? -16.500 7.282   9.067   1.00 23.86 ? 144 TYR A CA  1 
ATOM   1152 C C   . TYR A 1 143 ? -15.413 8.296   8.764   1.00 27.45 ? 144 TYR A C   1 
ATOM   1153 O O   . TYR A 1 143 ? -14.248 8.090   9.109   1.00 28.37 ? 144 TYR A O   1 
ATOM   1154 C CB  . TYR A 1 143 ? -16.960 6.626   7.773   1.00 25.37 ? 144 TYR A CB  1 
ATOM   1155 C CG  . TYR A 1 143 ? -15.803 6.053   6.983   1.00 25.51 ? 144 TYR A CG  1 
ATOM   1156 C CD1 . TYR A 1 143 ? -15.226 4.852   7.355   1.00 26.13 ? 144 TYR A CD1 1 
ATOM   1157 C CD2 . TYR A 1 143 ? -15.283 6.723   5.889   1.00 24.93 ? 144 TYR A CD2 1 
ATOM   1158 C CE1 . TYR A 1 143 ? -14.153 4.318   6.644   1.00 21.65 ? 144 TYR A CE1 1 
ATOM   1159 C CE2 . TYR A 1 143 ? -14.210 6.199   5.165   1.00 24.63 ? 144 TYR A CE2 1 
ATOM   1160 C CZ  . TYR A 1 143 ? -13.656 5.001   5.557   1.00 25.05 ? 144 TYR A CZ  1 
ATOM   1161 O OH  . TYR A 1 143 ? -12.596 4.480   4.854   1.00 25.06 ? 144 TYR A OH  1 
ATOM   1162 N N   . GLU A 1 144 ? -15.800 9.395   8.124   1.00 26.94 ? 145 GLU A N   1 
ATOM   1163 C CA  . GLU A 1 144 ? -14.840 10.424  7.736   1.00 24.72 ? 145 GLU A CA  1 
ATOM   1164 C C   . GLU A 1 144 ? -14.203 11.117  8.940   1.00 26.66 ? 145 GLU A C   1 
ATOM   1165 O O   . GLU A 1 144 ? -13.047 11.531  8.890   1.00 27.21 ? 145 GLU A O   1 
ATOM   1166 C CB  . GLU A 1 144 ? -15.504 11.433  6.803   1.00 30.31 ? 145 GLU A CB  1 
ATOM   1167 C CG  . GLU A 1 144 ? -15.896 10.807  5.481   1.00 36.42 ? 145 GLU A CG  1 
ATOM   1168 C CD  . GLU A 1 144 ? -16.022 11.818  4.364   1.00 47.17 ? 145 GLU A CD  1 
ATOM   1169 O OE1 . GLU A 1 144 ? -15.985 13.038  4.647   1.00 54.87 ? 145 GLU A OE1 1 
ATOM   1170 O OE2 . GLU A 1 144 ? -16.153 11.388  3.198   1.00 45.38 ? 145 GLU A OE2 1 
ATOM   1171 N N   . LYS A 1 145 ? -14.956 11.236  10.027  1.00 25.79 ? 146 LYS A N   1 
ATOM   1172 C CA  . LYS A 1 145 ? -14.408 11.757  11.267  1.00 26.12 ? 146 LYS A CA  1 
ATOM   1173 C C   . LYS A 1 145 ? -13.260 10.877  11.790  1.00 30.21 ? 146 LYS A C   1 
ATOM   1174 O O   . LYS A 1 145 ? -12.207 11.377  12.191  1.00 27.84 ? 146 LYS A O   1 
ATOM   1175 C CB  . LYS A 1 145 ? -15.532 11.873  12.301  1.00 28.62 ? 146 LYS A CB  1 
ATOM   1176 C CG  . LYS A 1 145 ? -15.079 12.225  13.694  1.00 37.11 ? 146 LYS A CG  1 
ATOM   1177 C CD  . LYS A 1 145 ? -16.289 12.282  14.622  1.00 38.82 ? 146 LYS A CD  1 
ATOM   1178 C CE  . LYS A 1 145 ? -15.884 12.470  16.069  1.00 38.46 ? 146 LYS A CE  1 
ATOM   1179 N NZ  . LYS A 1 145 ? -17.097 12.698  16.924  1.00 30.20 ? 146 LYS A NZ  1 
ATOM   1180 N N   . ARG A 1 146 ? -13.470 9.566   11.785  1.00 26.80 ? 147 ARG A N   1 
ATOM   1181 C CA  . ARG A 1 146 ? -12.438 8.625   12.213  1.00 27.84 ? 147 ARG A CA  1 
ATOM   1182 C C   . ARG A 1 146 ? -11.222 8.701   11.289  1.00 26.08 ? 147 ARG A C   1 
ATOM   1183 O O   . ARG A 1 146 ? -10.084 8.651   11.752  1.00 24.53 ? 147 ARG A O   1 
ATOM   1184 C CB  . ARG A 1 146 ? -12.982 7.193   12.238  1.00 27.28 ? 147 ARG A CB  1 
ATOM   1185 C CG  . ARG A 1 146 ? -14.065 6.925   13.279  1.00 29.57 ? 147 ARG A CG  1 
ATOM   1186 C CD  . ARG A 1 146 ? -13.479 6.736   14.667  1.00 36.25 ? 147 ARG A CD  1 
ATOM   1187 N NE  . ARG A 1 146 ? -12.504 5.642   14.729  1.00 40.04 ? 147 ARG A NE  1 
ATOM   1188 C CZ  . ARG A 1 146 ? -12.816 4.364   14.926  1.00 39.96 ? 147 ARG A CZ  1 
ATOM   1189 N NH1 . ARG A 1 146 ? -14.084 3.994   15.070  1.00 41.14 ? 147 ARG A NH1 1 
ATOM   1190 N NH2 . ARG A 1 146 ? -11.856 3.449   14.972  1.00 36.81 ? 147 ARG A NH2 1 
ATOM   1191 N N   . VAL A 1 147 ? -11.475 8.841   9.990   1.00 26.27 ? 148 VAL A N   1 
ATOM   1192 C CA  . VAL A 1 147 ? -10.389 8.941   9.007   1.00 22.72 ? 148 VAL A CA  1 
ATOM   1193 C C   . VAL A 1 147 ? -9.571  10.221  9.211   1.00 25.22 ? 148 VAL A C   1 
ATOM   1194 O O   . VAL A 1 147 ? -8.350  10.194  9.140   1.00 26.03 ? 148 VAL A O   1 
ATOM   1195 C CB  . VAL A 1 147 ? -10.922 8.894   7.557   1.00 25.99 ? 148 VAL A CB  1 
ATOM   1196 C CG1 . VAL A 1 147 ? -9.810  9.234   6.580   1.00 26.24 ? 148 VAL A CG1 1 
ATOM   1197 C CG2 . VAL A 1 147 ? -11.492 7.503   7.227   1.00 25.32 ? 148 VAL A CG2 1 
ATOM   1198 N N   A ARG A 1 148 ? -10.238 11.343  9.477   0.55 26.26 ? 149 ARG A N   1 
ATOM   1199 N N   C ARG A 1 148 ? -10.244 11.340  9.474   0.45 26.25 ? 149 ARG A N   1 
ATOM   1200 C CA  A ARG A 1 148 ? -9.510  12.591  9.689   0.55 22.41 ? 149 ARG A CA  1 
ATOM   1201 C CA  C ARG A 1 148 ? -9.535  12.597  9.691   0.45 22.51 ? 149 ARG A CA  1 
ATOM   1202 C C   A ARG A 1 148 ? -8.674  12.531  10.960  0.55 24.02 ? 149 ARG A C   1 
ATOM   1203 C C   C ARG A 1 148 ? -8.694  12.552  10.963  0.45 24.04 ? 149 ARG A C   1 
ATOM   1204 O O   A ARG A 1 148 ? -7.572  13.067  11.008  0.55 26.41 ? 149 ARG A O   1 
ATOM   1205 O O   C ARG A 1 148 ? -7.604  13.115  11.010  0.45 26.40 ? 149 ARG A O   1 
ATOM   1206 C CB  A ARG A 1 148 ? -10.468 13.791  9.752   0.55 23.64 ? 149 ARG A CB  1 
ATOM   1207 C CB  C ARG A 1 148 ? -10.518 13.781  9.748   0.45 23.68 ? 149 ARG A CB  1 
ATOM   1208 C CG  A ARG A 1 148 ? -11.200 14.074  8.453   0.55 25.47 ? 149 ARG A CG  1 
ATOM   1209 C CG  C ARG A 1 148 ? -10.748 14.459  8.402   0.45 27.27 ? 149 ARG A CG  1 
ATOM   1210 C CD  A ARG A 1 148 ? -11.876 15.445  8.480   0.55 31.67 ? 149 ARG A CD  1 
ATOM   1211 C CD  C ARG A 1 148 ? -11.644 15.702  8.513   0.45 31.04 ? 149 ARG A CD  1 
ATOM   1212 N NE  A ARG A 1 148 ? -12.762 15.600  9.630   0.55 34.74 ? 149 ARG A NE  1 
ATOM   1213 N NE  C ARG A 1 148 ? -13.057 15.394  8.290   0.45 32.19 ? 149 ARG A NE  1 
ATOM   1214 C CZ  A ARG A 1 148 ? -14.016 15.155  9.676   0.55 33.80 ? 149 ARG A CZ  1 
ATOM   1215 C CZ  C ARG A 1 148 ? -13.968 15.305  9.257   0.45 33.20 ? 149 ARG A CZ  1 
ATOM   1216 N NH1 A ARG A 1 148 ? -14.535 14.516  8.636   0.55 34.68 ? 149 ARG A NH1 1 
ATOM   1217 N NH1 C ARG A 1 148 ? -13.625 15.511  10.524  0.45 37.17 ? 149 ARG A NH1 1 
ATOM   1218 N NH2 A ARG A 1 148 ? -14.751 15.344  10.765  0.55 34.63 ? 149 ARG A NH2 1 
ATOM   1219 N NH2 C ARG A 1 148 ? -15.226 15.017  8.956   0.45 35.78 ? 149 ARG A NH2 1 
ATOM   1220 N N   . ALA A 1 149 ? -9.196  11.875  11.990  1.00 23.96 ? 150 ALA A N   1 
ATOM   1221 C CA  . ALA A 1 149 ? -8.461  11.732  13.238  1.00 25.36 ? 150 ALA A CA  1 
ATOM   1222 C C   . ALA A 1 149 ? -7.215  10.879  12.988  1.00 26.44 ? 150 ALA A C   1 
ATOM   1223 O O   . ALA A 1 149 ? -6.127  11.180  13.480  1.00 25.46 ? 150 ALA A O   1 
ATOM   1224 C CB  . ALA A 1 149 ? -9.347  11.117  14.324  1.00 26.54 ? 150 ALA A CB  1 
ATOM   1225 N N   . GLN A 1 150 ? -7.381  9.832   12.191  1.00 25.60 ? 151 GLN A N   1 
ATOM   1226 C CA  . GLN A 1 150 ? -6.260  8.966   11.858  1.00 23.08 ? 151 GLN A CA  1 
ATOM   1227 C C   . GLN A 1 150 ? -5.204  9.706   11.046  1.00 26.14 ? 151 GLN A C   1 
ATOM   1228 O O   . GLN A 1 150 ? -4.008  9.509   11.260  1.00 25.14 ? 151 GLN A O   1 
ATOM   1229 C CB  . GLN A 1 150 ? -6.753  7.742   11.107  1.00 23.03 ? 151 GLN A CB  1 
ATOM   1230 C CG  . GLN A 1 150 ? -5.644  6.803   10.643  1.00 20.19 ? 151 GLN A CG  1 
ATOM   1231 C CD  . GLN A 1 150 ? -6.217  5.500   10.162  1.00 20.90 ? 151 GLN A CD  1 
ATOM   1232 O OE1 . GLN A 1 150 ? -6.062  4.465   10.814  1.00 25.92 ? 151 GLN A OE1 1 
ATOM   1233 N NE2 . GLN A 1 150 ? -6.903  5.539   9.025   1.00 21.96 ? 151 GLN A NE2 1 
ATOM   1234 N N   . ALA A 1 151 ? -5.640  10.568  10.126  1.00 24.54 ? 152 ALA A N   1 
ATOM   1235 C CA  . ALA A 1 151 ? -4.692  11.319  9.303   1.00 28.03 ? 152 ALA A CA  1 
ATOM   1236 C C   . ALA A 1 151 ? -3.863  12.266  10.171  1.00 27.38 ? 152 ALA A C   1 
ATOM   1237 O O   . ALA A 1 151 ? -2.669  12.452  9.949   1.00 25.96 ? 152 ALA A O   1 
ATOM   1238 C CB  . ALA A 1 151 ? -5.427  12.091  8.213   1.00 26.98 ? 152 ALA A CB  1 
ATOM   1239 N N   . LYS A 1 152 ? -4.511  12.877  11.155  1.00 26.59 ? 153 LYS A N   1 
ATOM   1240 C CA  . LYS A 1 152 ? -3.814  13.738  12.105  1.00 27.66 ? 153 LYS A CA  1 
ATOM   1241 C C   . LYS A 1 152 ? -2.779  12.960  12.927  1.00 29.72 ? 153 LYS A C   1 
ATOM   1242 O O   . LYS A 1 152 ? -1.650  13.419  13.140  1.00 29.77 ? 153 LYS A O   1 
ATOM   1243 C CB  . LYS A 1 152 ? -4.834  14.418  13.024  1.00 31.96 ? 153 LYS A CB  1 
ATOM   1244 C CG  . LYS A 1 152 ? -4.255  15.460  13.952  1.00 43.49 ? 153 LYS A CG  1 
ATOM   1245 C CD  . LYS A 1 152 ? -5.363  16.219  14.674  1.00 36.04 ? 153 LYS A CD  1 
ATOM   1246 C CE  . LYS A 1 152 ? -4.770  17.254  15.610  1.00 62.69 ? 153 LYS A CE  1 
ATOM   1247 N NZ  . LYS A 1 152 ? -3.725  18.056  14.917  1.00 64.89 ? 153 LYS A NZ  1 
ATOM   1248 N N   . LYS A 1 153 ? -3.175  11.777  13.389  1.00 28.24 ? 154 LYS A N   1 
ATOM   1249 C CA  . LYS A 1 153 ? -2.296  10.895  14.140  1.00 26.46 ? 154 LYS A CA  1 
ATOM   1250 C C   . LYS A 1 153 ? -1.039  10.564  13.346  1.00 27.74 ? 154 LYS A C   1 
ATOM   1251 O O   . LYS A 1 153 ? 0.049   10.460  13.911  1.00 30.27 ? 154 LYS A O   1 
ATOM   1252 C CB  . LYS A 1 153 ? -3.037  9.609   14.512  1.00 27.70 ? 154 LYS A CB  1 
ATOM   1253 C CG  . LYS A 1 153 ? -2.185  8.572   15.223  1.00 33.67 ? 154 LYS A CG  1 
ATOM   1254 C CD  . LYS A 1 153 ? -3.035  7.383   15.668  1.00 39.22 ? 154 LYS A CD  1 
ATOM   1255 C CE  . LYS A 1 153 ? -2.208  6.368   16.446  1.00 42.91 ? 154 LYS A CE  1 
ATOM   1256 N NZ  . LYS A 1 153 ? -3.092  5.404   17.155  1.00 44.02 ? 154 LYS A NZ  1 
ATOM   1257 N N   . PHE A 1 154 ? -1.186  10.429  12.031  1.00 30.10 ? 155 PHE A N   1 
ATOM   1258 C CA  . PHE A 1 154 ? -0.055  10.044  11.192  1.00 26.65 ? 155 PHE A CA  1 
ATOM   1259 C C   . PHE A 1 154 ? 0.478   11.201  10.346  1.00 27.30 ? 155 PHE A C   1 
ATOM   1260 O O   . PHE A 1 154 ? 1.086   10.992  9.295   1.00 29.72 ? 155 PHE A O   1 
ATOM   1261 C CB  . PHE A 1 154 ? -0.444  8.852   10.301  1.00 24.23 ? 155 PHE A CB  1 
ATOM   1262 C CG  . PHE A 1 154 ? -0.695  7.592   11.080  1.00 27.93 ? 155 PHE A CG  1 
ATOM   1263 C CD1 . PHE A 1 154 ? 0.306   7.043   11.872  1.00 31.28 ? 155 PHE A CD1 1 
ATOM   1264 C CD2 . PHE A 1 154 ? -1.932  6.966   11.039  1.00 33.58 ? 155 PHE A CD2 1 
ATOM   1265 C CE1 . PHE A 1 154 ? 0.075   5.886   12.609  1.00 26.51 ? 155 PHE A CE1 1 
ATOM   1266 C CE2 . PHE A 1 154 ? -2.169  5.810   11.767  1.00 29.92 ? 155 PHE A CE2 1 
ATOM   1267 C CZ  . PHE A 1 154 ? -1.160  5.267   12.546  1.00 30.54 ? 155 PHE A CZ  1 
ATOM   1268 N N   . ALA A 1 155 ? 0.271   12.426  10.816  1.00 26.68 ? 156 ALA A N   1 
ATOM   1269 C CA  . ALA A 1 155 ? 0.881   13.582  10.170  1.00 28.49 ? 156 ALA A CA  1 
ATOM   1270 C C   . ALA A 1 155 ? 2.387   13.515  10.363  1.00 40.74 ? 156 ALA A C   1 
ATOM   1271 O O   . ALA A 1 155 ? 2.851   13.174  11.450  1.00 41.55 ? 156 ALA A O   1 
ATOM   1272 C CB  . ALA A 1 155 ? 0.317   14.878  10.740  1.00 31.78 ? 156 ALA A CB  1 
ATOM   1273 N N   . PRO A 1 156 ? 3.159   13.809  9.303   1.00 32.13 ? 157 PRO A N   1 
ATOM   1274 C CA  . PRO A 1 156 ? 4.622   13.760  9.419   1.00 45.45 ? 157 PRO A CA  1 
ATOM   1275 C C   . PRO A 1 156 ? 5.160   14.748  10.452  1.00 46.06 ? 157 PRO A C   1 
ATOM   1276 O O   . PRO A 1 156 ? 4.642   15.865  10.522  1.00 42.52 ? 157 PRO A O   1 
ATOM   1277 C CB  . PRO A 1 156 ? 5.103   14.133  8.012   1.00 40.99 ? 157 PRO A CB  1 
ATOM   1278 C CG  . PRO A 1 156 ? 3.974   13.793  7.120   1.00 42.24 ? 157 PRO A CG  1 
ATOM   1279 C CD  . PRO A 1 156 ? 2.728   14.074  7.921   1.00 33.60 ? 157 PRO A CD  1 
HETATM 1280 C C4  . 5VL B 2 .   ? 7.698   0.355   7.874   1.00 28.96 ? 201 5VL A C4  1 
HETATM 1281 C C5  . 5VL B 2 .   ? 7.120   0.870   6.727   1.00 26.23 ? 201 5VL A C5  1 
HETATM 1282 C C6  . 5VL B 2 .   ? 7.522   2.107   6.247   1.00 26.43 ? 201 5VL A C6  1 
HETATM 1283 C C7  . 5VL B 2 .   ? 8.505   2.843   6.902   1.00 29.57 ? 201 5VL A C7  1 
HETATM 1284 C C8  . 5VL B 2 .   ? 8.864   4.191   6.296   1.00 28.02 ? 201 5VL A C8  1 
HETATM 1285 C C10 . 5VL B 2 .   ? 9.067   5.522   4.295   1.00 32.26 ? 201 5VL A C10 1 
HETATM 1286 C C13 . 5VL B 2 .   ? 9.256   5.305   7.048   1.00 34.14 ? 201 5VL A C13 1 
HETATM 1287 O O1  . 5VL B 2 .   ? 10.092  3.000   8.758   1.00 37.60 ? 201 5VL A O1  1 
HETATM 1288 C C2  . 5VL B 2 .   ? 9.090   2.312   8.052   1.00 32.23 ? 201 5VL A C2  1 
HETATM 1289 C C3  . 5VL B 2 .   ? 8.680   1.082   8.529   1.00 30.76 ? 201 5VL A C3  1 
HETATM 1290 C C9  . 5VL B 2 .   ? 8.774   4.316   4.916   1.00 26.86 ? 201 5VL A C9  1 
HETATM 1291 C C11 . 5VL B 2 .   ? 9.459   6.624   5.045   1.00 34.60 ? 201 5VL A C11 1 
HETATM 1292 C C12 . 5VL B 2 .   ? 9.554   6.506   6.421   1.00 36.32 ? 201 5VL A C12 1 
HETATM 1293 O O14 . 5VL B 2 .   ? 9.371   5.239   8.445   1.00 30.73 ? 201 5VL A O14 1 
HETATM 1294 O O   . HOH C 3 .   ? 17.877  -10.079 4.948   1.00 46.46 ? 301 HOH A O   1 
HETATM 1295 O O   . HOH C 3 .   ? -7.633  -3.488  -7.852  1.00 27.70 ? 302 HOH A O   1 
HETATM 1296 O O   . HOH C 3 .   ? -17.145 13.836  9.225   1.00 35.40 ? 303 HOH A O   1 
HETATM 1297 O O   . HOH C 3 .   ? 3.621   -10.583 7.229   1.00 49.24 ? 304 HOH A O   1 
HETATM 1298 O O   . HOH C 3 .   ? 3.535   -18.060 -5.800  1.00 48.59 ? 305 HOH A O   1 
HETATM 1299 O O   . HOH C 3 .   ? -22.414 -3.689  2.327   1.00 45.44 ? 306 HOH A O   1 
HETATM 1300 O O   . HOH C 3 .   ? -7.519  -14.576 -4.833  1.00 39.59 ? 307 HOH A O   1 
HETATM 1301 O O   . HOH C 3 .   ? -15.866 13.102  1.492   1.00 47.53 ? 308 HOH A O   1 
HETATM 1302 O O   . HOH C 3 .   ? 9.141   11.410  -1.622  1.00 46.60 ? 309 HOH A O   1 
HETATM 1303 O O   . HOH C 3 .   ? -17.038 3.355   -1.679  1.00 42.17 ? 310 HOH A O   1 
HETATM 1304 O O   . HOH C 3 .   ? -5.179  5.959   18.377  1.00 55.62 ? 311 HOH A O   1 
HETATM 1305 O O   . HOH C 3 .   ? -6.207  -8.767  -1.816  1.00 37.13 ? 312 HOH A O   1 
HETATM 1306 O O   . HOH C 3 .   ? 13.890  -2.242  8.045   1.00 43.31 ? 313 HOH A O   1 
HETATM 1307 O O   . HOH C 3 .   ? -17.351 9.537   17.435  1.00 47.88 ? 314 HOH A O   1 
HETATM 1308 O O   . HOH C 3 .   ? 16.952  6.049   -11.746 1.00 33.16 ? 315 HOH A O   1 
HETATM 1309 O O   . HOH C 3 .   ? -6.083  -19.229 -5.194  1.00 48.88 ? 316 HOH A O   1 
HETATM 1310 O O   . HOH C 3 .   ? -16.465 5.642   15.703  1.00 46.02 ? 317 HOH A O   1 
HETATM 1311 O O   . HOH C 3 .   ? -11.669 1.886   -5.038  1.00 33.60 ? 318 HOH A O   1 
HETATM 1312 O O   . HOH C 3 .   ? 18.522  2.354   -8.918  1.00 39.61 ? 319 HOH A O   1 
HETATM 1313 O O   . HOH C 3 .   ? 14.158  3.584   -15.608 1.00 35.79 ? 320 HOH A O   1 
HETATM 1314 O O   . HOH C 3 .   ? 3.312   -17.247 -9.066  1.00 26.32 ? 321 HOH A O   1 
HETATM 1315 O O   . HOH C 3 .   ? -12.061 6.049   2.717   1.00 27.91 ? 322 HOH A O   1 
HETATM 1316 O O   . HOH C 3 .   ? 22.890  -6.223  11.897  1.00 47.61 ? 323 HOH A O   1 
HETATM 1317 O O   . HOH C 3 .   ? -2.419  2.296   -10.169 1.00 34.10 ? 324 HOH A O   1 
HETATM 1318 O O   . HOH C 3 .   ? 18.382  -0.323  -9.779  1.00 34.62 ? 325 HOH A O   1 
HETATM 1319 O O   . HOH C 3 .   ? -5.302  -4.102  14.124  1.00 36.74 ? 326 HOH A O   1 
HETATM 1320 O O   . HOH C 3 .   ? -1.642  -13.108 -12.249 1.00 34.02 ? 327 HOH A O   1 
HETATM 1321 O O   . HOH C 3 .   ? 5.640   -4.325  -9.272  1.00 22.68 ? 328 HOH A O   1 
HETATM 1322 O O   . HOH C 3 .   ? -27.289 3.819   9.144   1.00 35.30 ? 329 HOH A O   1 
HETATM 1323 O O   . HOH C 3 .   ? 4.699   2.849   -13.683 1.00 34.45 ? 330 HOH A O   1 
HETATM 1324 O O   . HOH C 3 .   ? -2.786  -10.629 6.979   1.00 25.19 ? 331 HOH A O   1 
HETATM 1325 O O   . HOH C 3 .   ? -5.082  -5.828  -14.065 1.00 33.08 ? 332 HOH A O   1 
HETATM 1326 O O   . HOH C 3 .   ? -24.917 1.202   14.497  1.00 44.22 ? 333 HOH A O   1 
HETATM 1327 O O   . HOH C 3 .   ? -6.923  15.400  9.814   1.00 35.25 ? 334 HOH A O   1 
HETATM 1328 O O   . HOH C 3 .   ? -3.890  15.347  -3.588  1.00 47.14 ? 335 HOH A O   1 
HETATM 1329 O O   . HOH C 3 .   ? 17.605  -5.012  -13.759 1.00 35.61 ? 336 HOH A O   1 
HETATM 1330 O O   . HOH C 3 .   ? -7.379  1.132   -6.429  1.00 25.49 ? 337 HOH A O   1 
HETATM 1331 O O   . HOH C 3 .   ? 14.021  0.738   -14.928 1.00 32.08 ? 338 HOH A O   1 
HETATM 1332 O O   . HOH C 3 .   ? 11.157  6.880   9.585   1.00 43.98 ? 339 HOH A O   1 
HETATM 1333 O O   . HOH C 3 .   ? -1.963  10.861  -6.474  1.00 36.14 ? 340 HOH A O   1 
HETATM 1334 O O   . HOH C 3 .   ? 14.821  11.903  -13.051 1.00 46.39 ? 341 HOH A O   1 
HETATM 1335 O O   . HOH C 3 .   ? -1.529  15.046  2.286   1.00 31.20 ? 342 HOH A O   1 
HETATM 1336 O O   . HOH C 3 .   ? -0.859  -9.136  -2.076  1.00 27.97 ? 343 HOH A O   1 
HETATM 1337 O O   . HOH C 3 .   ? -12.517 16.309  1.945   1.00 42.34 ? 344 HOH A O   1 
HETATM 1338 O O   . HOH C 3 .   ? 15.536  -6.417  5.197   1.00 37.48 ? 345 HOH A O   1 
HETATM 1339 O O   . HOH C 3 .   ? 0.499   13.874  3.468   1.00 40.07 ? 346 HOH A O   1 
HETATM 1340 O O   . HOH C 3 .   ? 5.920   -20.164 -7.837  1.00 38.55 ? 347 HOH A O   1 
HETATM 1341 O O   . HOH C 3 .   ? 8.844   -1.946  -14.268 1.00 38.86 ? 348 HOH A O   1 
HETATM 1342 O O   . HOH C 3 .   ? -10.545 -3.834  -2.266  1.00 28.22 ? 349 HOH A O   1 
HETATM 1343 O O   . HOH C 3 .   ? -7.240  15.060  7.009   1.00 29.63 ? 350 HOH A O   1 
HETATM 1344 O O   . HOH C 3 .   ? -9.570  7.324   14.054  1.00 33.29 ? 351 HOH A O   1 
HETATM 1345 O O   . HOH C 3 .   ? 24.472  -0.284  4.754   1.00 37.79 ? 352 HOH A O   1 
HETATM 1346 O O   . HOH C 3 .   ? 14.058  3.956   -3.956  1.00 29.79 ? 353 HOH A O   1 
HETATM 1347 O O   . HOH C 3 .   ? -8.863  -14.273 -2.143  1.00 42.05 ? 354 HOH A O   1 
HETATM 1348 O O   . HOH C 3 .   ? -11.943 -10.913 3.424   1.00 40.13 ? 355 HOH A O   1 
HETATM 1349 O O   . HOH C 3 .   ? 6.529   -3.075  -16.114 1.00 31.93 ? 356 HOH A O   1 
HETATM 1350 O O   . HOH C 3 .   ? 23.901  -3.960  -1.186  1.00 38.68 ? 357 HOH A O   1 
HETATM 1351 O O   . HOH C 3 .   ? 26.196  -5.663  10.421  1.00 40.86 ? 358 HOH A O   1 
HETATM 1352 O O   . HOH C 3 .   ? -5.429  4.258   13.459  1.00 41.48 ? 359 HOH A O   1 
HETATM 1353 O O   . HOH C 3 .   ? -13.731 -5.947  -5.765  1.00 51.31 ? 360 HOH A O   1 
HETATM 1354 O O   . HOH C 3 .   ? -6.609  9.000   -2.137  1.00 37.66 ? 361 HOH A O   1 
HETATM 1355 O O   . HOH C 3 .   ? 11.812  -0.651  9.976   1.00 46.48 ? 362 HOH A O   1 
HETATM 1356 O O   . HOH C 3 .   ? 11.130  -13.442 -0.602  1.00 38.80 ? 363 HOH A O   1 
HETATM 1357 O O   . HOH C 3 .   ? 2.732   17.437  9.356   1.00 46.66 ? 364 HOH A O   1 
HETATM 1358 O O   . HOH C 3 .   ? 0.480   2.662   8.389   1.00 24.73 ? 365 HOH A O   1 
HETATM 1359 O O   . HOH C 3 .   ? -3.880  7.496   -6.406  1.00 31.68 ? 366 HOH A O   1 
HETATM 1360 O O   . HOH C 3 .   ? 12.343  -9.405  4.632   1.00 44.68 ? 367 HOH A O   1 
HETATM 1361 O O   . HOH C 3 .   ? 1.075   -4.190  10.508  1.00 38.29 ? 368 HOH A O   1 
HETATM 1362 O O   . HOH C 3 .   ? 8.431   5.527   -12.616 1.00 39.01 ? 369 HOH A O   1 
HETATM 1363 O O   . HOH C 3 .   ? 3.521   9.124   9.340   1.00 38.00 ? 370 HOH A O   1 
HETATM 1364 O O   . HOH C 3 .   ? 10.822  -14.794 -10.239 1.00 30.08 ? 371 HOH A O   1 
HETATM 1365 O O   . HOH C 3 .   ? -16.389 2.562   -5.928  1.00 46.72 ? 372 HOH A O   1 
HETATM 1366 O O   . HOH C 3 .   ? 2.707   -1.478  -16.111 1.00 39.82 ? 373 HOH A O   1 
HETATM 1367 O O   . HOH C 3 .   ? -8.490  -3.961  -10.499 1.00 34.93 ? 374 HOH A O   1 
HETATM 1368 O O   . HOH C 3 .   ? -5.954  9.804   0.046   1.00 39.92 ? 375 HOH A O   1 
HETATM 1369 O O   . HOH C 3 .   ? 22.416  -7.262  -1.510  1.00 41.06 ? 376 HOH A O   1 
HETATM 1370 O O   . HOH C 3 .   ? -9.277  4.343   14.553  1.00 47.28 ? 377 HOH A O   1 
HETATM 1371 O O   . HOH C 3 .   ? -6.005  -2.509  10.106  1.00 32.92 ? 378 HOH A O   1 
HETATM 1372 O O   . HOH C 3 .   ? -11.814 13.863  13.331  1.00 31.67 ? 379 HOH A O   1 
HETATM 1373 O O   . HOH C 3 .   ? 0.347   17.161  7.578   1.00 46.32 ? 380 HOH A O   1 
HETATM 1374 O O   . HOH C 3 .   ? 15.649  9.918   -6.965  1.00 41.13 ? 381 HOH A O   1 
HETATM 1375 O O   . HOH C 3 .   ? 9.112   9.322   10.614  1.00 51.26 ? 382 HOH A O   1 
HETATM 1376 O O   . HOH C 3 .   ? -20.153 11.714  13.457  1.00 31.06 ? 383 HOH A O   1 
HETATM 1377 O O   . HOH C 3 .   ? -6.704  8.334   7.888   1.00 25.64 ? 384 HOH A O   1 
HETATM 1378 O O   . HOH C 3 .   ? -10.886 -9.228  9.641   1.00 28.19 ? 385 HOH A O   1 
HETATM 1379 O O   . HOH C 3 .   ? 7.956   13.715  -7.099  1.00 36.37 ? 386 HOH A O   1 
HETATM 1380 O O   . HOH C 3 .   ? -5.891  12.220  16.055  1.00 34.86 ? 387 HOH A O   1 
HETATM 1381 O O   . HOH C 3 .   ? 12.621  -17.093 -10.083 1.00 46.22 ? 388 HOH A O   1 
HETATM 1382 O O   . HOH C 3 .   ? 16.494  -11.050 0.390   1.00 40.12 ? 389 HOH A O   1 
HETATM 1383 O O   . HOH C 3 .   ? 5.731   -11.523 -4.778  1.00 25.50 ? 390 HOH A O   1 
HETATM 1384 O O   . HOH C 3 .   ? 1.439   12.966  -5.232  1.00 32.41 ? 391 HOH A O   1 
HETATM 1385 O O   . HOH C 3 .   ? 6.766   11.924  2.295   1.00 41.04 ? 392 HOH A O   1 
HETATM 1386 O O   . HOH C 3 .   ? 6.003   2.452   10.550  1.00 41.09 ? 393 HOH A O   1 
HETATM 1387 O O   . HOH C 3 .   ? 17.990  -17.336 -9.722  1.00 46.99 ? 394 HOH A O   1 
HETATM 1388 O O   . HOH C 3 .   ? -11.664 -8.477  -8.883  1.00 52.18 ? 395 HOH A O   1 
HETATM 1389 O O   . HOH C 3 .   ? 28.899  -6.389  6.590   1.00 54.35 ? 396 HOH A O   1 
HETATM 1390 O O   . HOH C 3 .   ? 14.331  1.189   4.177   1.00 45.17 ? 397 HOH A O   1 
HETATM 1391 O O   . HOH C 3 .   ? -14.885 7.514   0.401   1.00 43.65 ? 398 HOH A O   1 
HETATM 1392 O O   . HOH C 3 .   ? -10.169 -4.563  -5.479  1.00 30.50 ? 399 HOH A O   1 
HETATM 1393 O O   . HOH C 3 .   ? 0.512   -8.398  11.779  1.00 43.56 ? 400 HOH A O   1 
HETATM 1394 O O   . HOH C 3 .   ? 12.067  -19.994 -2.962  1.00 49.00 ? 401 HOH A O   1 
HETATM 1395 O O   . HOH C 3 .   ? 16.480  -1.901  6.738   1.00 31.87 ? 402 HOH A O   1 
HETATM 1396 O O   . HOH C 3 .   ? -12.617 -7.789  11.177  1.00 36.49 ? 403 HOH A O   1 
HETATM 1397 O O   . HOH C 3 .   ? 9.604   -16.562 -1.644  1.00 42.47 ? 404 HOH A O   1 
HETATM 1398 O O   . HOH C 3 .   ? -0.860  13.968  -1.544  1.00 36.72 ? 405 HOH A O   1 
HETATM 1399 O O   . HOH C 3 .   ? -0.914  12.592  -3.690  1.00 29.25 ? 406 HOH A O   1 
HETATM 1400 O O   . HOH C 3 .   ? -20.115 5.963   -1.474  1.00 44.62 ? 407 HOH A O   1 
HETATM 1401 O O   . HOH C 3 .   ? 15.200  -13.157 -4.369  1.00 42.33 ? 408 HOH A O   1 
HETATM 1402 O O   . HOH C 3 .   ? 9.500   -8.094  -15.786 1.00 27.79 ? 409 HOH A O   1 
HETATM 1403 O O   . HOH C 3 .   ? 8.552   13.483  -2.687  1.00 33.79 ? 410 HOH A O   1 
HETATM 1404 O O   . HOH C 3 .   ? 17.910  -11.311 2.051   1.00 45.55 ? 411 HOH A O   1 
HETATM 1405 O O   . HOH C 3 .   ? 11.424  7.124   -2.434  1.00 28.09 ? 412 HOH A O   1 
HETATM 1406 O O   . HOH C 3 .   ? 0.400   10.933  16.751  1.00 49.76 ? 413 HOH A O   1 
HETATM 1407 O O   . HOH C 3 .   ? -12.670 -4.430  13.057  1.00 40.97 ? 414 HOH A O   1 
HETATM 1408 O O   . HOH C 3 .   ? -10.187 -8.083  -4.170  1.00 38.75 ? 415 HOH A O   1 
HETATM 1409 O O   . HOH C 3 .   ? -9.681  7.708   -4.528  1.00 43.07 ? 416 HOH A O   1 
HETATM 1410 O O   . HOH C 3 .   ? 16.720  3.445   -3.282  1.00 30.92 ? 417 HOH A O   1 
HETATM 1411 O O   . HOH C 3 .   ? -12.374 8.750   2.387   1.00 35.53 ? 418 HOH A O   1 
HETATM 1412 O O   . HOH C 3 .   ? 16.653  1.074   3.997   1.00 45.30 ? 419 HOH A O   1 
HETATM 1413 O O   . HOH C 3 .   ? 19.428  -10.867 -10.842 1.00 38.24 ? 420 HOH A O   1 
HETATM 1414 O O   . HOH C 3 .   ? 4.634   -7.963  9.586   1.00 52.83 ? 421 HOH A O   1 
HETATM 1415 O O   . HOH C 3 .   ? 15.065  -16.577 -10.946 1.00 39.14 ? 422 HOH A O   1 
HETATM 1416 O O   . HOH C 3 .   ? 10.714  6.164   -14.550 1.00 36.25 ? 423 HOH A O   1 
HETATM 1417 O O   . HOH C 3 .   ? -17.457 14.464  7.109   1.00 50.40 ? 424 HOH A O   1 
HETATM 1418 O O   . HOH C 3 .   ? -5.021  -9.293  1.054   1.00 35.30 ? 425 HOH A O   1 
HETATM 1419 O O   . HOH C 3 .   ? 19.413  -15.275 -6.308  1.00 51.00 ? 426 HOH A O   1 
HETATM 1420 O O   . HOH C 3 .   ? 19.455  -9.713  -0.178  1.00 44.91 ? 427 HOH A O   1 
HETATM 1421 O O   . HOH C 3 .   ? -1.499  -7.174  0.112   1.00 24.17 ? 428 HOH A O   1 
HETATM 1422 O O   . HOH C 3 .   ? 12.836  -10.020 -14.532 1.00 38.86 ? 429 HOH A O   1 
HETATM 1423 O O   . HOH C 3 .   ? 2.002   14.562  -1.559  1.00 34.59 ? 430 HOH A O   1 
HETATM 1424 O O   . HOH C 3 .   ? 7.737   1.795   -10.079 1.00 32.66 ? 431 HOH A O   1 
HETATM 1425 O O   . HOH C 3 .   ? -1.941  -13.797 -4.718  1.00 32.34 ? 432 HOH A O   1 
HETATM 1426 O O   . HOH C 3 .   ? 18.053  6.400   -14.206 1.00 43.88 ? 433 HOH A O   1 
HETATM 1427 O O   . HOH C 3 .   ? -2.325  -6.409  13.973  1.00 46.98 ? 434 HOH A O   1 
HETATM 1428 O O   . HOH C 3 .   ? 9.939   -10.663 1.425   1.00 34.51 ? 435 HOH A O   1 
HETATM 1429 O O   . HOH C 3 .   ? 3.963   14.130  -8.590  1.00 33.93 ? 436 HOH A O   1 
HETATM 1430 O O   . HOH C 3 .   ? -7.353  -9.835  -14.613 1.00 43.57 ? 437 HOH A O   1 
HETATM 1431 O O   . HOH C 3 .   ? 19.433  -6.934  -8.646  1.00 34.79 ? 438 HOH A O   1 
HETATM 1432 O O   . HOH C 3 .   ? 18.532  -8.104  -2.506  1.00 33.53 ? 439 HOH A O   1 
HETATM 1433 O O   . HOH C 3 .   ? 5.712   9.847   -11.152 1.00 38.06 ? 440 HOH A O   1 
HETATM 1434 O O   . HOH C 3 .   ? -23.046 11.294  13.162  1.00 36.72 ? 441 HOH A O   1 
HETATM 1435 O O   . HOH C 3 .   ? 1.981   -19.859 -8.878  1.00 48.41 ? 442 HOH A O   1 
HETATM 1436 O O   . HOH C 3 .   ? 1.276   5.129   9.122   1.00 35.58 ? 443 HOH A O   1 
HETATM 1437 O O   . HOH C 3 .   ? 18.835  -0.548  0.840   1.00 41.86 ? 444 HOH A O   1 
HETATM 1438 O O   . HOH C 3 .   ? -7.141  -15.280 -13.036 1.00 51.97 ? 445 HOH A O   1 
HETATM 1439 O O   . HOH C 3 .   ? 1.773   -8.396  -17.602 1.00 28.86 ? 446 HOH A O   1 
HETATM 1440 O O   . HOH C 3 .   ? 0.531   -14.776 -5.074  1.00 42.52 ? 447 HOH A O   1 
HETATM 1441 O O   . HOH C 3 .   ? -3.593  15.389  8.889   1.00 41.99 ? 448 HOH A O   1 
HETATM 1442 O O   . HOH C 3 .   ? -24.567 11.088  9.245   1.00 49.62 ? 449 HOH A O   1 
HETATM 1443 O O   . HOH C 3 .   ? -4.578  -14.947 -5.569  1.00 37.91 ? 450 HOH A O   1 
HETATM 1444 O O   . HOH C 3 .   ? -17.875 15.415  11.062  1.00 42.27 ? 451 HOH A O   1 
HETATM 1445 O O   . HOH C 3 .   ? 13.411  -10.617 2.556   1.00 42.99 ? 452 HOH A O   1 
HETATM 1446 O O   . HOH C 3 .   ? -11.112 -1.818  -4.281  1.00 37.55 ? 453 HOH A O   1 
HETATM 1447 O O   . HOH C 3 .   ? -24.359 7.210   5.811   1.00 39.74 ? 454 HOH A O   1 
HETATM 1448 O O   . HOH C 3 .   ? -18.944 14.763  15.290  1.00 37.68 ? 455 HOH A O   1 
HETATM 1449 O O   . HOH C 3 .   ? -23.957 9.817   7.315   1.00 46.81 ? 456 HOH A O   1 
HETATM 1450 O O   . HOH C 3 .   ? -12.099 -4.725  -7.846  1.00 49.12 ? 457 HOH A O   1 
HETATM 1451 O O   . HOH C 3 .   ? -5.360  -20.085 -11.246 1.00 54.46 ? 458 HOH A O   1 
HETATM 1452 O O   . HOH C 3 .   ? 12.076  0.325   -16.908 1.00 48.04 ? 459 HOH A O   1 
HETATM 1453 O O   . HOH C 3 .   ? 0.119   -6.354  -19.087 1.00 38.76 ? 460 HOH A O   1 
HETATM 1454 O O   . HOH C 3 .   ? 8.411   9.919   7.597   1.00 49.63 ? 461 HOH A O   1 
HETATM 1455 O O   . HOH C 3 .   ? 19.634  -7.702  -10.717 1.00 46.39 ? 462 HOH A O   1 
HETATM 1456 O O   . HOH C 3 .   ? 2.563   4.456   -14.517 1.00 44.55 ? 463 HOH A O   1 
HETATM 1457 O O   . HOH C 3 .   ? 17.937  -2.410  -13.661 1.00 37.06 ? 464 HOH A O   1 
HETATM 1458 O O   . HOH C 3 .   ? -9.387  14.940  13.676  1.00 36.44 ? 465 HOH A O   1 
HETATM 1459 O O   . HOH C 3 .   ? 11.396  9.658   -1.968  1.00 45.65 ? 466 HOH A O   1 
HETATM 1460 O O   . HOH C 3 .   ? -13.133 -9.529  0.710   1.00 48.11 ? 467 HOH A O   1 
HETATM 1461 O O   . HOH C 3 .   ? 20.253  -13.652 -8.010  1.00 56.24 ? 468 HOH A O   1 
HETATM 1462 O O   . HOH C 3 .   ? -10.887 8.483   16.258  1.00 36.09 ? 469 HOH A O   1 
HETATM 1463 O O   . HOH C 3 .   ? 18.997  -1.729  -7.492  1.00 41.79 ? 470 HOH A O   1 
HETATM 1464 O O   . HOH C 3 .   ? 0.214   -5.921  13.380  1.00 52.51 ? 471 HOH A O   1 
HETATM 1465 O O   . HOH C 3 .   ? 18.963  5.017   -10.110 1.00 45.03 ? 472 HOH A O   1 
HETATM 1466 O O   . HOH C 3 .   ? -8.286  -0.167  12.822  1.00 45.45 ? 473 HOH A O   1 
HETATM 1467 O O   . HOH C 3 .   ? -6.813  7.391   14.853  1.00 41.94 ? 474 HOH A O   1 
HETATM 1468 O O   . HOH C 3 .   ? -9.071  16.872  6.293   1.00 45.97 ? 475 HOH A O   1 
HETATM 1469 O O   . HOH C 3 .   ? -10.854 -10.741 -0.404  1.00 41.77 ? 476 HOH A O   1 
HETATM 1470 O O   . HOH C 3 .   ? -11.660 3.286   -7.079  1.00 39.20 ? 477 HOH A O   1 
HETATM 1471 O O   . HOH C 3 .   ? 17.762  10.178  -17.184 1.00 51.05 ? 478 HOH A O   1 
HETATM 1472 O O   . HOH C 3 .   ? -7.109  -2.063  12.646  1.00 44.00 ? 479 HOH A O   1 
HETATM 1473 O O   . HOH C 3 .   ? -8.220  -18.089 -4.920  1.00 48.06 ? 480 HOH A O   1 
HETATM 1474 O O   . HOH C 3 .   ? 17.649  8.637   -10.870 1.00 36.09 ? 481 HOH A O   1 
HETATM 1475 O O   . HOH C 3 .   ? -6.710  9.700   16.985  1.00 44.45 ? 482 HOH A O   1 
HETATM 1476 O O   . HOH C 3 .   ? -24.263 12.174  11.386  1.00 48.70 ? 483 HOH A O   1 
HETATM 1477 O O   . HOH C 3 .   ? 19.632  5.067   -18.175 1.00 57.33 ? 484 HOH A O   1 
HETATM 1478 O O   . HOH C 3 .   ? -12.764 10.074  15.816  1.00 42.36 ? 485 HOH A O   1 
HETATM 1479 O O   . HOH C 3 .   ? 14.171  6.719   -3.141  1.00 33.92 ? 486 HOH A O   1 
HETATM 1480 O O   . HOH C 3 .   ? -3.266  13.300  17.014  1.00 46.77 ? 487 HOH A O   1 
HETATM 1481 O O   . HOH C 3 .   ? 15.846  7.149   -1.135  1.00 52.81 ? 488 HOH A O   1 
HETATM 1482 O O   . HOH C 3 .   ? 14.782  8.742   -4.583  1.00 45.48 ? 489 HOH A O   1 
HETATM 1483 O O   . HOH C 3 .   ? 7.635   2.996   -12.662 1.00 37.14 ? 490 HOH A O   1 
HETATM 1484 O O   . HOH C 3 .   ? -1.989  17.458  1.415   1.00 48.40 ? 491 HOH A O   1 
HETATM 1485 O O   . HOH C 3 .   ? 20.530  -7.744  -4.205  1.00 45.89 ? 492 HOH A O   1 
HETATM 1486 O O   . HOH C 3 .   ? -10.518 -1.954  -7.056  1.00 45.38 ? 493 HOH A O   1 
HETATM 1487 O O   . HOH C 3 .   ? -19.426 2.194   -1.927  1.00 47.21 ? 494 HOH A O   1 
HETATM 1488 O O   . HOH C 3 .   ? 21.027  -0.287  0.778   1.00 45.08 ? 495 HOH A O   1 
HETATM 1489 O O   . HOH C 3 .   ? 17.351  -12.828 -2.749  1.00 51.94 ? 496 HOH A O   1 
HETATM 1490 O O   . HOH C 3 .   ? 8.458   14.947  -0.230  1.00 43.97 ? 497 HOH A O   1 
HETATM 1491 O O   . HOH C 3 .   ? 5.509   13.767  3.135   1.00 52.71 ? 498 HOH A O   1 
HETATM 1492 O O   . HOH C 3 .   ? -3.000  13.344  -5.143  1.00 50.61 ? 499 HOH A O   1 
HETATM 1493 O O   . HOH C 3 .   ? 9.517   13.917  -4.816  1.00 50.77 ? 500 HOH A O   1 
HETATM 1494 O O   . HOH C 3 .   ? -10.467 -10.449 -15.309 1.00 47.00 ? 501 HOH A O   1 
HETATM 1495 O O   . HOH C 3 .   ? -7.842  8.334   -5.872  1.00 52.69 ? 502 HOH A O   1 
HETATM 1496 O O   . HOH C 3 .   ? -9.832  0.181   -5.561  1.00 29.56 ? 503 HOH A O   1 
HETATM 1497 O O   . HOH C 3 .   ? -12.188 12.754  16.259  1.00 34.45 ? 504 HOH A O   1 
HETATM 1498 O O   . HOH C 3 .   ? -6.118  -0.917  -7.823  1.00 29.78 ? 505 HOH A O   1 
HETATM 1499 O O   . HOH C 3 .   ? -9.553  -15.681 -6.414  1.00 54.22 ? 506 HOH A O   1 
HETATM 1500 O O   . HOH C 3 .   ? 20.106  -1.476  -12.194 1.00 52.43 ? 507 HOH A O   1 
HETATM 1501 O O   . HOH C 3 .   ? 9.139   12.617  0.947   1.00 45.98 ? 508 HOH A O   1 
HETATM 1502 O O   . HOH C 3 .   ? 16.304  -0.743  -15.604 1.00 46.81 ? 509 HOH A O   1 
HETATM 1503 O O   . HOH C 3 .   ? -8.957  -3.919  13.575  1.00 49.76 ? 510 HOH A O   1 
HETATM 1504 O O   . HOH C 3 .   ? -5.177  -7.772  15.604  1.00 49.13 ? 511 HOH A O   1 
HETATM 1505 O O   . HOH C 3 .   ? 27.004  -0.957  5.941   1.00 47.37 ? 512 HOH A O   1 
HETATM 1506 O O   . HOH C 3 .   ? -7.840  13.970  16.457  1.00 40.55 ? 513 HOH A O   1 
HETATM 1507 O O   . HOH C 3 .   ? -19.425 14.409  12.844  1.00 38.34 ? 514 HOH A O   1 
HETATM 1508 O O   . HOH C 3 .   ? -21.943 10.236  -0.654  1.00 46.74 ? 515 HOH A O   1 
HETATM 1509 O O   . HOH C 3 .   ? 3.101   14.213  3.519   1.00 46.10 ? 516 HOH A O   1 
HETATM 1510 O O   . HOH C 3 .   ? 0.984   15.770  -5.799  1.00 48.78 ? 517 HOH A O   1 
HETATM 1511 O O   . HOH C 3 .   ? 5.942   15.508  1.138   1.00 38.43 ? 518 HOH A O   1 
HETATM 1512 O O   . HOH C 3 .   ? -21.201 8.300   -2.747  1.00 43.32 ? 519 HOH A O   1 
HETATM 1513 O O   . HOH C 3 .   ? 20.177  -5.904  -12.673 1.00 45.45 ? 520 HOH A O   1 
HETATM 1514 O O   . HOH C 3 .   ? -0.340  -10.051 -18.066 1.00 30.79 ? 521 HOH A O   1 
HETATM 1515 O O   . HOH C 3 .   ? -6.454  16.042  17.993  1.00 57.89 ? 522 HOH A O   1 
HETATM 1516 O O   . HOH C 3 .   ? 17.209  10.506  -13.028 1.00 39.50 ? 523 HOH A O   1 
HETATM 1517 O O   . HOH C 3 .   ? -3.495  -2.438  15.476  1.00 48.26 ? 524 HOH A O   1 
HETATM 1518 O O   . HOH C 3 .   ? 11.819  4.547   -16.187 1.00 40.58 ? 525 HOH A O   1 
HETATM 1519 O O   . HOH C 3 .   ? -3.261  17.240  10.003  1.00 46.65 ? 526 HOH A O   1 
HETATM 1520 O O   . HOH C 3 .   ? -7.217  -5.093  15.753  1.00 49.70 ? 527 HOH A O   1 
HETATM 1521 O O   . HOH C 3 .   ? 3.257   15.590  0.495   1.00 37.34 ? 528 HOH A O   1 
HETATM 1522 O O   . HOH C 3 .   ? -1.293  4.237   -12.157 1.00 43.38 ? 529 HOH A O   1 
HETATM 1523 O O   . HOH C 3 .   ? 19.892  -14.598 -13.508 1.00 64.61 ? 530 HOH A O   1 
HETATM 1524 O O   . HOH C 3 .   ? -4.898  -0.141  -10.199 1.00 39.26 ? 531 HOH A O   1 
HETATM 1525 O O   . HOH C 3 .   ? 8.691   0.906   -14.874 1.00 43.92 ? 532 HOH A O   1 
HETATM 1526 O O   . HOH C 3 .   ? -1.873  11.467  18.190  1.00 51.45 ? 533 HOH A O   1 
HETATM 1527 O O   . HOH C 3 .   ? 18.170  9.349   -14.704 1.00 46.95 ? 534 HOH A O   1 
HETATM 1528 O O   . HOH C 3 .   ? 20.783  6.468   -14.290 1.00 51.17 ? 535 HOH A O   1 
HETATM 1529 O O   . HOH C 3 .   ? 10.617  1.922   -16.562 1.00 42.83 ? 536 HOH A O   1 
HETATM 1530 O O   . HOH C 3 .   ? 0.775   10.944  -9.611  1.00 46.11 ? 537 HOH A O   1 
HETATM 1531 O O   . HOH C 3 .   ? 8.582   10.657  4.300   1.00 44.14 ? 538 HOH A O   1 
HETATM 1532 O O   . HOH C 3 .   ? 21.718  5.911   -16.607 1.00 47.44 ? 539 HOH A O   1 
HETATM 1533 O O   . HOH C 3 .   ? 20.669  -4.019  -7.866  1.00 46.68 ? 540 HOH A O   1 
HETATM 1534 O O   . HOH C 3 .   ? -3.067  6.168   -11.482 1.00 49.90 ? 541 HOH A O   1 
HETATM 1535 O O   . HOH C 3 .   ? -23.937 14.555  11.420  1.00 58.61 ? 542 HOH A O   1 
HETATM 1536 O O   . HOH C 3 .   ? 30.454  1.483   6.474   1.00 51.76 ? 543 HOH A O   1 
HETATM 1537 O O   . HOH C 3 .   ? 6.468   -26.252 -9.808  1.00 51.80 ? 544 HOH A O   1 
# 
loop_
_pdbx_poly_seq_scheme.asym_id 
_pdbx_poly_seq_scheme.entity_id 
_pdbx_poly_seq_scheme.seq_id 
_pdbx_poly_seq_scheme.mon_id 
_pdbx_poly_seq_scheme.ndb_seq_num 
_pdbx_poly_seq_scheme.pdb_seq_num 
_pdbx_poly_seq_scheme.auth_seq_num 
_pdbx_poly_seq_scheme.pdb_mon_id 
_pdbx_poly_seq_scheme.auth_mon_id 
_pdbx_poly_seq_scheme.pdb_strand_id 
_pdbx_poly_seq_scheme.pdb_ins_code 
_pdbx_poly_seq_scheme.hetero 
A 1 1   SER 1   2   2   SER SER A . n 
A 1 2   GLY 2   3   3   GLY GLY A . n 
A 1 3   ILE 3   4   4   ILE ILE A . n 
A 1 4   ALA 4   5   5   ALA ALA A . n 
A 1 5   LEU 5   6   6   LEU LEU A . n 
A 1 6   SER 6   7   7   SER SER A . n 
A 1 7   ARG 7   8   8   ARG ARG A . n 
A 1 8   LEU 8   9   9   LEU LEU A . n 
A 1 9   ALA 9   10  10  ALA ALA A . n 
A 1 10  GLN 10  11  11  GLN GLN A . n 
A 1 11  GLU 11  12  12  GLU GLU A . n 
A 1 12  ARG 12  13  13  ARG ARG A . n 
A 1 13  LYS 13  14  14  LYS LYS A . n 
A 1 14  ALA 14  15  15  ALA ALA A . n 
A 1 15  TRP 15  16  16  TRP TRP A . n 
A 1 16  ARG 16  17  17  ARG ARG A . n 
A 1 17  LYS 17  18  18  LYS LYS A . n 
A 1 18  ASP 18  19  19  ASP ASP A . n 
A 1 19  HIS 19  20  20  HIS HIS A . n 
A 1 20  PRO 20  21  21  PRO PRO A . n 
A 1 21  PHE 21  22  22  PHE PHE A . n 
A 1 22  GLY 22  23  23  GLY GLY A . n 
A 1 23  PHE 23  24  24  PHE PHE A . n 
A 1 24  VAL 24  25  25  VAL VAL A . n 
A 1 25  ALA 25  26  26  ALA ALA A . n 
A 1 26  VAL 26  27  27  VAL VAL A . n 
A 1 27  PRO 27  28  28  PRO PRO A . n 
A 1 28  THR 28  29  29  THR THR A . n 
A 1 29  LYS 29  30  30  LYS LYS A . n 
A 1 30  ASN 30  31  31  ASN ASN A . n 
A 1 31  PRO 31  32  32  PRO PRO A . n 
A 1 32  ASP 32  33  33  ASP ASP A . n 
A 1 33  GLY 33  34  34  GLY GLY A . n 
A 1 34  THR 34  35  35  THR THR A . n 
A 1 35  MET 35  36  36  MET MET A . n 
A 1 36  ASN 36  37  37  ASN ASN A . n 
A 1 37  LEU 37  38  38  LEU LEU A . n 
A 1 38  MET 38  39  39  MET MET A . n 
A 1 39  ASN 39  40  40  ASN ASN A . n 
A 1 40  TRP 40  41  41  TRP TRP A . n 
A 1 41  GLU 41  42  42  GLU GLU A . n 
A 1 42  CYS 42  43  43  CYS CYS A . n 
A 1 43  ALA 43  44  44  ALA ALA A . n 
A 1 44  ILE 44  45  45  ILE ILE A . n 
A 1 45  PRO 45  46  46  PRO PRO A . n 
A 1 46  GLY 46  47  47  GLY GLY A . n 
A 1 47  ALA 47  48  48  ALA ALA A . n 
A 1 48  ALA 48  49  49  ALA ALA A . n 
A 1 49  GLY 49  50  50  GLY GLY A . n 
A 1 50  THR 50  51  51  THR THR A . n 
A 1 51  PRO 51  52  52  PRO PRO A . n 
A 1 52  TRP 52  53  53  TRP TRP A . n 
A 1 53  ALA 53  54  54  ALA ALA A . n 
A 1 54  GLY 54  55  55  GLY GLY A . n 
A 1 55  GLY 55  56  56  GLY GLY A . n 
A 1 56  LEU 56  57  57  LEU LEU A . n 
A 1 57  PHE 57  58  58  PHE PHE A . n 
A 1 58  LYS 58  59  59  LYS LYS A . n 
A 1 59  LEU 59  60  60  LEU LEU A . n 
A 1 60  ARG 60  61  61  ARG ARG A . n 
A 1 61  MET 61  62  62  MET MET A . n 
A 1 62  LEU 62  63  63  LEU LEU A . n 
A 1 63  PHE 63  64  64  PHE PHE A . n 
A 1 64  LYS 64  65  65  LYS LYS A . n 
A 1 65  ASP 65  66  66  ASP ASP A . n 
A 1 66  ASP 66  67  67  ASP ASP A . n 
A 1 67  TYR 67  68  68  TYR TYR A . n 
A 1 68  PRO 68  69  69  PRO PRO A . n 
A 1 69  SER 69  70  70  SER SER A . n 
A 1 70  SER 70  71  71  SER SER A . n 
A 1 71  PRO 71  72  72  PRO PRO A . n 
A 1 72  PRO 72  73  73  PRO PRO A . n 
A 1 73  LYS 73  74  74  LYS LYS A . n 
A 1 74  CYS 74  75  75  CYS CYS A . n 
A 1 75  LYS 75  76  76  LYS LYS A . n 
A 1 76  PHE 76  77  77  PHE PHE A . n 
A 1 77  GLU 77  78  78  GLU GLU A . n 
A 1 78  PRO 78  79  79  PRO PRO A . n 
A 1 79  PRO 79  80  80  PRO PRO A . n 
A 1 80  LEU 80  81  81  LEU LEU A . n 
A 1 81  PHE 81  82  82  PHE PHE A . n 
A 1 82  HIS 82  83  83  HIS HIS A . n 
A 1 83  PRO 83  84  84  PRO PRO A . n 
A 1 84  ASN 84  85  85  ASN ASN A . n 
A 1 85  VAL 85  86  86  VAL VAL A . n 
A 1 86  TYR 86  87  87  TYR TYR A . n 
A 1 87  PRO 87  88  88  PRO PRO A . n 
A 1 88  SER 88  89  89  SER SER A . n 
A 1 89  GLY 89  90  90  GLY GLY A . n 
A 1 90  THR 90  91  91  THR THR A . n 
A 1 91  VAL 91  92  92  VAL VAL A . n 
A 1 92  CYS 92  93  93  CYS CYS A . n 
A 1 93  LEU 93  94  94  LEU LEU A . n 
A 1 94  SER 94  95  95  SER SER A . n 
A 1 95  ILE 95  96  96  ILE ILE A . n 
A 1 96  LEU 96  97  97  LEU LEU A . n 
A 1 97  GLU 97  98  98  GLU GLU A . n 
A 1 98  GLU 98  99  99  GLU GLU A . n 
A 1 99  ASP 99  100 100 ASP ASP A . n 
A 1 100 LYS 100 101 101 LYS LYS A . n 
A 1 101 ASP 101 102 102 ASP ASP A . n 
A 1 102 TRP 102 103 103 TRP TRP A . n 
A 1 103 ARG 103 104 104 ARG ARG A . n 
A 1 104 PRO 104 105 105 PRO PRO A . n 
A 1 105 ALA 105 106 106 ALA ALA A . n 
A 1 106 ILE 106 107 107 ILE ILE A . n 
A 1 107 THR 107 108 108 THR THR A . n 
A 1 108 ILE 108 109 109 ILE ILE A . n 
A 1 109 LYS 109 110 110 LYS LYS A . n 
A 1 110 GLN 110 111 111 GLN GLN A . n 
A 1 111 ILE 111 112 112 ILE ILE A . n 
A 1 112 LEU 112 113 113 LEU LEU A . n 
A 1 113 LEU 113 114 114 LEU LEU A . n 
A 1 114 GLY 114 115 115 GLY GLY A . n 
A 1 115 ILE 115 116 116 ILE ILE A . n 
A 1 116 GLN 116 117 117 GLN GLN A . n 
A 1 117 GLU 117 118 118 GLU GLU A . n 
A 1 118 LEU 118 119 119 LEU LEU A . n 
A 1 119 LEU 119 120 120 LEU LEU A . n 
A 1 120 ASN 120 121 121 ASN ASN A . n 
A 1 121 GLU 121 122 122 GLU GLU A . n 
A 1 122 PRO 122 123 123 PRO PRO A . n 
A 1 123 ASN 123 124 124 ASN ASN A . n 
A 1 124 ILE 124 125 125 ILE ILE A . n 
A 1 125 GLN 125 126 126 GLN GLN A . n 
A 1 126 ASP 126 127 127 ASP ASP A . n 
A 1 127 PRO 127 128 128 PRO PRO A . n 
A 1 128 ALA 128 129 129 ALA ALA A . n 
A 1 129 GLN 129 130 130 GLN GLN A . n 
A 1 130 ALA 130 131 131 ALA ALA A . n 
A 1 131 GLU 131 132 132 GLU GLU A . n 
A 1 132 ALA 132 133 133 ALA ALA A . n 
A 1 133 TYR 133 134 134 TYR TYR A . n 
A 1 134 THR 134 135 135 THR THR A . n 
A 1 135 ILE 135 136 136 ILE ILE A . n 
A 1 136 TYR 136 137 137 TYR TYR A . n 
A 1 137 CYS 137 138 138 CYS CYS A . n 
A 1 138 GLN 138 139 139 GLN GLN A . n 
A 1 139 ASN 139 140 140 ASN ASN A . n 
A 1 140 ARG 140 141 141 ARG ARG A . n 
A 1 141 VAL 141 142 142 VAL VAL A . n 
A 1 142 GLU 142 143 143 GLU GLU A . n 
A 1 143 TYR 143 144 144 TYR TYR A . n 
A 1 144 GLU 144 145 145 GLU GLU A . n 
A 1 145 LYS 145 146 146 LYS LYS A . n 
A 1 146 ARG 146 147 147 ARG ARG A . n 
A 1 147 VAL 147 148 148 VAL VAL A . n 
A 1 148 ARG 148 149 149 ARG ARG A . n 
A 1 149 ALA 149 150 150 ALA ALA A . n 
A 1 150 GLN 150 151 151 GLN GLN A . n 
A 1 151 ALA 151 152 152 ALA ALA A . n 
A 1 152 LYS 152 153 153 LYS LYS A . n 
A 1 153 LYS 153 154 154 LYS LYS A . n 
A 1 154 PHE 154 155 155 PHE PHE A . n 
A 1 155 ALA 155 156 156 ALA ALA A . n 
A 1 156 PRO 156 157 157 PRO PRO A . n 
A 1 157 SER 157 158 ?   ?   ?   A . n 
# 
loop_
_pdbx_nonpoly_scheme.asym_id 
_pdbx_nonpoly_scheme.entity_id 
_pdbx_nonpoly_scheme.mon_id 
_pdbx_nonpoly_scheme.ndb_seq_num 
_pdbx_nonpoly_scheme.pdb_seq_num 
_pdbx_nonpoly_scheme.auth_seq_num 
_pdbx_nonpoly_scheme.pdb_mon_id 
_pdbx_nonpoly_scheme.auth_mon_id 
_pdbx_nonpoly_scheme.pdb_strand_id 
_pdbx_nonpoly_scheme.pdb_ins_code 
B 2 5VL 1   201 1   5VL LIG A . 
C 3 HOH 1   301 168 HOH HOH A . 
C 3 HOH 2   302 26  HOH HOH A . 
C 3 HOH 3   303 35  HOH HOH A . 
C 3 HOH 4   304 207 HOH HOH A . 
C 3 HOH 5   305 126 HOH HOH A . 
C 3 HOH 6   306 224 HOH HOH A . 
C 3 HOH 7   307 24  HOH HOH A . 
C 3 HOH 8   308 195 HOH HOH A . 
C 3 HOH 9   309 167 HOH HOH A . 
C 3 HOH 10  310 60  HOH HOH A . 
C 3 HOH 11  311 164 HOH HOH A . 
C 3 HOH 12  312 105 HOH HOH A . 
C 3 HOH 13  313 193 HOH HOH A . 
C 3 HOH 14  314 163 HOH HOH A . 
C 3 HOH 15  315 49  HOH HOH A . 
C 3 HOH 16  316 189 HOH HOH A . 
C 3 HOH 17  317 162 HOH HOH A . 
C 3 HOH 18  318 37  HOH HOH A . 
C 3 HOH 19  319 107 HOH HOH A . 
C 3 HOH 20  320 156 HOH HOH A . 
C 3 HOH 21  321 25  HOH HOH A . 
C 3 HOH 22  322 27  HOH HOH A . 
C 3 HOH 23  323 134 HOH HOH A . 
C 3 HOH 24  324 55  HOH HOH A . 
C 3 HOH 25  325 21  HOH HOH A . 
C 3 HOH 26  326 46  HOH HOH A . 
C 3 HOH 27  327 41  HOH HOH A . 
C 3 HOH 28  328 2   HOH HOH A . 
C 3 HOH 29  329 36  HOH HOH A . 
C 3 HOH 30  330 59  HOH HOH A . 
C 3 HOH 31  331 3   HOH HOH A . 
C 3 HOH 32  332 58  HOH HOH A . 
C 3 HOH 33  333 118 HOH HOH A . 
C 3 HOH 34  334 183 HOH HOH A . 
C 3 HOH 35  335 146 HOH HOH A . 
C 3 HOH 36  336 100 HOH HOH A . 
C 3 HOH 37  337 5   HOH HOH A . 
C 3 HOH 38  338 39  HOH HOH A . 
C 3 HOH 39  339 99  HOH HOH A . 
C 3 HOH 40  340 51  HOH HOH A . 
C 3 HOH 41  341 127 HOH HOH A . 
C 3 HOH 42  342 65  HOH HOH A . 
C 3 HOH 43  343 28  HOH HOH A . 
C 3 HOH 44  344 145 HOH HOH A . 
C 3 HOH 45  345 40  HOH HOH A . 
C 3 HOH 46  346 115 HOH HOH A . 
C 3 HOH 47  347 66  HOH HOH A . 
C 3 HOH 48  348 52  HOH HOH A . 
C 3 HOH 49  349 33  HOH HOH A . 
C 3 HOH 50  350 30  HOH HOH A . 
C 3 HOH 51  351 80  HOH HOH A . 
C 3 HOH 52  352 17  HOH HOH A . 
C 3 HOH 53  353 71  HOH HOH A . 
C 3 HOH 54  354 113 HOH HOH A . 
C 3 HOH 55  355 48  HOH HOH A . 
C 3 HOH 56  356 61  HOH HOH A . 
C 3 HOH 57  357 75  HOH HOH A . 
C 3 HOH 58  358 76  HOH HOH A . 
C 3 HOH 59  359 77  HOH HOH A . 
C 3 HOH 60  360 159 HOH HOH A . 
C 3 HOH 61  361 122 HOH HOH A . 
C 3 HOH 62  362 160 HOH HOH A . 
C 3 HOH 63  363 19  HOH HOH A . 
C 3 HOH 64  364 148 HOH HOH A . 
C 3 HOH 65  365 34  HOH HOH A . 
C 3 HOH 66  366 20  HOH HOH A . 
C 3 HOH 67  367 232 HOH HOH A . 
C 3 HOH 68  368 88  HOH HOH A . 
C 3 HOH 69  369 83  HOH HOH A . 
C 3 HOH 70  370 22  HOH HOH A . 
C 3 HOH 71  371 13  HOH HOH A . 
C 3 HOH 72  372 116 HOH HOH A . 
C 3 HOH 73  373 170 HOH HOH A . 
C 3 HOH 74  374 94  HOH HOH A . 
C 3 HOH 75  375 104 HOH HOH A . 
C 3 HOH 76  376 178 HOH HOH A . 
C 3 HOH 77  377 180 HOH HOH A . 
C 3 HOH 78  378 85  HOH HOH A . 
C 3 HOH 79  379 78  HOH HOH A . 
C 3 HOH 80  380 223 HOH HOH A . 
C 3 HOH 81  381 137 HOH HOH A . 
C 3 HOH 82  382 184 HOH HOH A . 
C 3 HOH 83  383 7   HOH HOH A . 
C 3 HOH 84  384 16  HOH HOH A . 
C 3 HOH 85  385 31  HOH HOH A . 
C 3 HOH 86  386 57  HOH HOH A . 
C 3 HOH 87  387 81  HOH HOH A . 
C 3 HOH 88  388 93  HOH HOH A . 
C 3 HOH 89  389 98  HOH HOH A . 
C 3 HOH 90  390 8   HOH HOH A . 
C 3 HOH 91  391 32  HOH HOH A . 
C 3 HOH 92  392 23  HOH HOH A . 
C 3 HOH 93  393 120 HOH HOH A . 
C 3 HOH 94  394 206 HOH HOH A . 
C 3 HOH 95  395 227 HOH HOH A . 
C 3 HOH 96  396 202 HOH HOH A . 
C 3 HOH 97  397 106 HOH HOH A . 
C 3 HOH 98  398 239 HOH HOH A . 
C 3 HOH 99  399 38  HOH HOH A . 
C 3 HOH 100 400 161 HOH HOH A . 
C 3 HOH 101 401 175 HOH HOH A . 
C 3 HOH 102 402 4   HOH HOH A . 
C 3 HOH 103 403 74  HOH HOH A . 
C 3 HOH 104 404 11  HOH HOH A . 
C 3 HOH 105 405 42  HOH HOH A . 
C 3 HOH 106 406 18  HOH HOH A . 
C 3 HOH 107 407 188 HOH HOH A . 
C 3 HOH 108 408 102 HOH HOH A . 
C 3 HOH 109 409 29  HOH HOH A . 
C 3 HOH 110 410 79  HOH HOH A . 
C 3 HOH 111 411 141 HOH HOH A . 
C 3 HOH 112 412 12  HOH HOH A . 
C 3 HOH 113 413 174 HOH HOH A . 
C 3 HOH 114 414 157 HOH HOH A . 
C 3 HOH 115 415 103 HOH HOH A . 
C 3 HOH 116 416 221 HOH HOH A . 
C 3 HOH 117 417 1   HOH HOH A . 
C 3 HOH 118 418 73  HOH HOH A . 
C 3 HOH 119 419 181 HOH HOH A . 
C 3 HOH 120 420 121 HOH HOH A . 
C 3 HOH 121 421 187 HOH HOH A . 
C 3 HOH 122 422 108 HOH HOH A . 
C 3 HOH 123 423 69  HOH HOH A . 
C 3 HOH 124 424 190 HOH HOH A . 
C 3 HOH 125 425 136 HOH HOH A . 
C 3 HOH 126 426 198 HOH HOH A . 
C 3 HOH 127 427 150 HOH HOH A . 
C 3 HOH 128 428 9   HOH HOH A . 
C 3 HOH 129 429 158 HOH HOH A . 
C 3 HOH 130 430 67  HOH HOH A . 
C 3 HOH 131 431 53  HOH HOH A . 
C 3 HOH 132 432 6   HOH HOH A . 
C 3 HOH 133 433 132 HOH HOH A . 
C 3 HOH 134 434 154 HOH HOH A . 
C 3 HOH 135 435 92  HOH HOH A . 
C 3 HOH 136 436 45  HOH HOH A . 
C 3 HOH 137 437 234 HOH HOH A . 
C 3 HOH 138 438 95  HOH HOH A . 
C 3 HOH 139 439 54  HOH HOH A . 
C 3 HOH 140 440 218 HOH HOH A . 
C 3 HOH 141 441 68  HOH HOH A . 
C 3 HOH 142 442 47  HOH HOH A . 
C 3 HOH 143 443 182 HOH HOH A . 
C 3 HOH 144 444 149 HOH HOH A . 
C 3 HOH 145 445 209 HOH HOH A . 
C 3 HOH 146 446 14  HOH HOH A . 
C 3 HOH 147 447 138 HOH HOH A . 
C 3 HOH 148 448 235 HOH HOH A . 
C 3 HOH 149 449 236 HOH HOH A . 
C 3 HOH 150 450 97  HOH HOH A . 
C 3 HOH 151 451 133 HOH HOH A . 
C 3 HOH 152 452 111 HOH HOH A . 
C 3 HOH 153 453 169 HOH HOH A . 
C 3 HOH 154 454 216 HOH HOH A . 
C 3 HOH 155 455 204 HOH HOH A . 
C 3 HOH 156 456 250 HOH HOH A . 
C 3 HOH 157 457 166 HOH HOH A . 
C 3 HOH 158 458 210 HOH HOH A . 
C 3 HOH 159 459 194 HOH HOH A . 
C 3 HOH 160 460 70  HOH HOH A . 
C 3 HOH 161 461 229 HOH HOH A . 
C 3 HOH 162 462 124 HOH HOH A . 
C 3 HOH 163 463 130 HOH HOH A . 
C 3 HOH 164 464 129 HOH HOH A . 
C 3 HOH 165 465 96  HOH HOH A . 
C 3 HOH 166 466 82  HOH HOH A . 
C 3 HOH 167 467 230 HOH HOH A . 
C 3 HOH 168 468 201 HOH HOH A . 
C 3 HOH 169 469 63  HOH HOH A . 
C 3 HOH 170 470 112 HOH HOH A . 
C 3 HOH 171 471 222 HOH HOH A . 
C 3 HOH 172 472 179 HOH HOH A . 
C 3 HOH 173 473 200 HOH HOH A . 
C 3 HOH 174 474 117 HOH HOH A . 
C 3 HOH 175 475 192 HOH HOH A . 
C 3 HOH 176 476 231 HOH HOH A . 
C 3 HOH 177 477 72  HOH HOH A . 
C 3 HOH 178 478 212 HOH HOH A . 
C 3 HOH 179 479 208 HOH HOH A . 
C 3 HOH 180 480 191 HOH HOH A . 
C 3 HOH 181 481 109 HOH HOH A . 
C 3 HOH 182 482 172 HOH HOH A . 
C 3 HOH 183 483 203 HOH HOH A . 
C 3 HOH 184 484 243 HOH HOH A . 
C 3 HOH 185 485 142 HOH HOH A . 
C 3 HOH 186 486 50  HOH HOH A . 
C 3 HOH 187 487 119 HOH HOH A . 
C 3 HOH 188 488 186 HOH HOH A . 
C 3 HOH 189 489 84  HOH HOH A . 
C 3 HOH 190 490 86  HOH HOH A . 
C 3 HOH 191 491 197 HOH HOH A . 
C 3 HOH 192 492 151 HOH HOH A . 
C 3 HOH 193 493 143 HOH HOH A . 
C 3 HOH 194 494 123 HOH HOH A . 
C 3 HOH 195 495 153 HOH HOH A . 
C 3 HOH 196 496 247 HOH HOH A . 
C 3 HOH 197 497 140 HOH HOH A . 
C 3 HOH 198 498 185 HOH HOH A . 
C 3 HOH 199 499 248 HOH HOH A . 
C 3 HOH 200 500 245 HOH HOH A . 
C 3 HOH 201 501 131 HOH HOH A . 
C 3 HOH 202 502 249 HOH HOH A . 
C 3 HOH 203 503 10  HOH HOH A . 
C 3 HOH 204 504 56  HOH HOH A . 
C 3 HOH 205 505 15  HOH HOH A . 
C 3 HOH 206 506 152 HOH HOH A . 
C 3 HOH 207 507 214 HOH HOH A . 
C 3 HOH 208 508 165 HOH HOH A . 
C 3 HOH 209 509 91  HOH HOH A . 
C 3 HOH 210 510 238 HOH HOH A . 
C 3 HOH 211 511 177 HOH HOH A . 
C 3 HOH 212 512 155 HOH HOH A . 
C 3 HOH 213 513 90  HOH HOH A . 
C 3 HOH 214 514 128 HOH HOH A . 
C 3 HOH 215 515 147 HOH HOH A . 
C 3 HOH 216 516 64  HOH HOH A . 
C 3 HOH 217 517 176 HOH HOH A . 
C 3 HOH 218 518 89  HOH HOH A . 
C 3 HOH 219 519 114 HOH HOH A . 
C 3 HOH 220 520 144 HOH HOH A . 
C 3 HOH 221 521 43  HOH HOH A . 
C 3 HOH 222 522 173 HOH HOH A . 
C 3 HOH 223 523 110 HOH HOH A . 
C 3 HOH 224 524 196 HOH HOH A . 
C 3 HOH 225 525 44  HOH HOH A . 
C 3 HOH 226 526 237 HOH HOH A . 
C 3 HOH 227 527 225 HOH HOH A . 
C 3 HOH 228 528 101 HOH HOH A . 
C 3 HOH 229 529 139 HOH HOH A . 
C 3 HOH 230 530 217 HOH HOH A . 
C 3 HOH 231 531 87  HOH HOH A . 
C 3 HOH 232 532 62  HOH HOH A . 
C 3 HOH 233 533 211 HOH HOH A . 
C 3 HOH 234 534 135 HOH HOH A . 
C 3 HOH 235 535 205 HOH HOH A . 
C 3 HOH 236 536 199 HOH HOH A . 
C 3 HOH 237 537 228 HOH HOH A . 
C 3 HOH 238 538 171 HOH HOH A . 
C 3 HOH 239 539 220 HOH HOH A . 
C 3 HOH 240 540 125 HOH HOH A . 
C 3 HOH 241 541 213 HOH HOH A . 
C 3 HOH 242 542 226 HOH HOH A . 
C 3 HOH 243 543 251 HOH HOH A . 
C 3 HOH 244 544 241 HOH HOH A . 
# 
_pdbx_struct_assembly.id                   1 
_pdbx_struct_assembly.details              author_and_software_defined_assembly 
_pdbx_struct_assembly.method_details       PISA 
_pdbx_struct_assembly.oligomeric_details   monomeric 
_pdbx_struct_assembly.oligomeric_count     1 
# 
_pdbx_struct_assembly_gen.assembly_id       1 
_pdbx_struct_assembly_gen.oper_expression   1 
_pdbx_struct_assembly_gen.asym_id_list      A,B,C 
# 
_pdbx_struct_oper_list.id                   1 
_pdbx_struct_oper_list.type                 'identity operation' 
_pdbx_struct_oper_list.name                 1_555 
_pdbx_struct_oper_list.symmetry_operation   x,y,z 
_pdbx_struct_oper_list.matrix[1][1]         1.0000000000 
_pdbx_struct_oper_list.matrix[1][2]         0.0000000000 
_pdbx_struct_oper_list.matrix[1][3]         0.0000000000 
_pdbx_struct_oper_list.vector[1]            0.0000000000 
_pdbx_struct_oper_list.matrix[2][1]         0.0000000000 
_pdbx_struct_oper_list.matrix[2][2]         1.0000000000 
_pdbx_struct_oper_list.matrix[2][3]         0.0000000000 
_pdbx_struct_oper_list.vector[2]            0.0000000000 
_pdbx_struct_oper_list.matrix[3][1]         0.0000000000 
_pdbx_struct_oper_list.matrix[3][2]         0.0000000000 
_pdbx_struct_oper_list.matrix[3][3]         1.0000000000 
_pdbx_struct_oper_list.vector[3]            0.0000000000 
# 
loop_
_pdbx_audit_revision_history.ordinal 
_pdbx_audit_revision_history.data_content_type 
_pdbx_audit_revision_history.major_revision 
_pdbx_audit_revision_history.minor_revision 
_pdbx_audit_revision_history.revision_date 
1 'Structure model' 1 0 2016-04-27 
2 'Structure model' 1 1 2016-05-04 
3 'Structure model' 1 2 2023-09-27 
# 
_pdbx_audit_revision_details.ordinal             1 
_pdbx_audit_revision_details.revision_ordinal    1 
_pdbx_audit_revision_details.data_content_type   'Structure model' 
_pdbx_audit_revision_details.provider            repository 
_pdbx_audit_revision_details.type                'Initial release' 
_pdbx_audit_revision_details.description         ? 
_pdbx_audit_revision_details.details             ? 
# 
loop_
_pdbx_audit_revision_group.ordinal 
_pdbx_audit_revision_group.revision_ordinal 
_pdbx_audit_revision_group.data_content_type 
_pdbx_audit_revision_group.group 
1 2 'Structure model' 'Database references'    
2 3 'Structure model' 'Data collection'        
3 3 'Structure model' 'Database references'    
4 3 'Structure model' 'Derived calculations'   
5 3 'Structure model' 'Refinement description' 
# 
loop_
_pdbx_audit_revision_category.ordinal 
_pdbx_audit_revision_category.revision_ordinal 
_pdbx_audit_revision_category.data_content_type 
_pdbx_audit_revision_category.category 
1 3 'Structure model' chem_comp_atom                
2 3 'Structure model' chem_comp_bond                
3 3 'Structure model' citation                      
4 3 'Structure model' database_2                    
5 3 'Structure model' pdbx_initial_refinement_model 
6 3 'Structure model' pdbx_struct_oper_list         
# 
loop_
_pdbx_audit_revision_item.ordinal 
_pdbx_audit_revision_item.revision_ordinal 
_pdbx_audit_revision_item.data_content_type 
_pdbx_audit_revision_item.item 
1 3 'Structure model' '_citation.journal_id_CSD'                  
2 3 'Structure model' '_database_2.pdbx_DOI'                      
3 3 'Structure model' '_database_2.pdbx_database_accession'       
4 3 'Structure model' '_pdbx_struct_oper_list.symmetry_operation' 
# 
loop_
_software.citation_id 
_software.classification 
_software.compiler_name 
_software.compiler_version 
_software.contact_author 
_software.contact_author_email 
_software.date 
_software.description 
_software.dependencies 
_software.hardware 
_software.language 
_software.location 
_software.mods 
_software.name 
_software.os 
_software.os_version 
_software.type 
_software.version 
_software.pdbx_ordinal 
? refinement       ? ? ? ? ? ? ? ? ? ? ? PHENIX   ? ? ? 1.9_1692 1 
? 'data reduction' ? ? ? ? ? ? ? ? ? ? ? HKL-3000 ? ? ? .        2 
? 'data scaling'   ? ? ? ? ? ? ? ? ? ? ? HKL-3000 ? ? ? .        3 
? phasing          ? ? ? ? ? ? ? ? ? ? ? PHASER   ? ? ? .        4 
# 
loop_
_pdbx_validate_close_contact.id 
_pdbx_validate_close_contact.PDB_model_num 
_pdbx_validate_close_contact.auth_atom_id_1 
_pdbx_validate_close_contact.auth_asym_id_1 
_pdbx_validate_close_contact.auth_comp_id_1 
_pdbx_validate_close_contact.auth_seq_id_1 
_pdbx_validate_close_contact.PDB_ins_code_1 
_pdbx_validate_close_contact.label_alt_id_1 
_pdbx_validate_close_contact.auth_atom_id_2 
_pdbx_validate_close_contact.auth_asym_id_2 
_pdbx_validate_close_contact.auth_comp_id_2 
_pdbx_validate_close_contact.auth_seq_id_2 
_pdbx_validate_close_contact.PDB_ins_code_2 
_pdbx_validate_close_contact.label_alt_id_2 
_pdbx_validate_close_contact.dist 
1 1 O A HOH 448 ? ? O A HOH 526 ? ? 2.19 
2 1 O A HOH 459 ? ? O A HOH 536 ? ? 2.19 
# 
_pdbx_validate_symm_contact.id                1 
_pdbx_validate_symm_contact.PDB_model_num     1 
_pdbx_validate_symm_contact.auth_atom_id_1    O 
_pdbx_validate_symm_contact.auth_asym_id_1    A 
_pdbx_validate_symm_contact.auth_comp_id_1    HOH 
_pdbx_validate_symm_contact.auth_seq_id_1     304 
_pdbx_validate_symm_contact.PDB_ins_code_1    ? 
_pdbx_validate_symm_contact.label_alt_id_1    ? 
_pdbx_validate_symm_contact.site_symmetry_1   1_555 
_pdbx_validate_symm_contact.auth_atom_id_2    O 
_pdbx_validate_symm_contact.auth_asym_id_2    A 
_pdbx_validate_symm_contact.auth_comp_id_2    HOH 
_pdbx_validate_symm_contact.auth_seq_id_2     445 
_pdbx_validate_symm_contact.PDB_ins_code_2    ? 
_pdbx_validate_symm_contact.label_alt_id_2    ? 
_pdbx_validate_symm_contact.site_symmetry_2   2_14511 
_pdbx_validate_symm_contact.dist              2.18 
# 
loop_
_pdbx_validate_torsion.id 
_pdbx_validate_torsion.PDB_model_num 
_pdbx_validate_torsion.auth_comp_id 
_pdbx_validate_torsion.auth_asym_id 
_pdbx_validate_torsion.auth_seq_id 
_pdbx_validate_torsion.PDB_ins_code 
_pdbx_validate_torsion.label_alt_id 
_pdbx_validate_torsion.phi 
_pdbx_validate_torsion.psi 
1 1 HIS A 83  ? ? -171.28 141.20  
2 1 LYS A 101 ? ? -113.39 -101.74 
# 
loop_
_pdbx_distant_solvent_atoms.id 
_pdbx_distant_solvent_atoms.PDB_model_num 
_pdbx_distant_solvent_atoms.auth_atom_id 
_pdbx_distant_solvent_atoms.label_alt_id 
_pdbx_distant_solvent_atoms.auth_asym_id 
_pdbx_distant_solvent_atoms.auth_comp_id 
_pdbx_distant_solvent_atoms.auth_seq_id 
_pdbx_distant_solvent_atoms.PDB_ins_code 
_pdbx_distant_solvent_atoms.neighbor_macromolecule_distance 
_pdbx_distant_solvent_atoms.neighbor_ligand_distance 
1 1 O ? A HOH 542 ? 5.85 . 
2 1 O ? A HOH 543 ? 8.09 . 
3 1 O ? A HOH 544 ? 9.09 . 
# 
_pdbx_unobs_or_zero_occ_residues.id               1 
_pdbx_unobs_or_zero_occ_residues.PDB_model_num    1 
_pdbx_unobs_or_zero_occ_residues.polymer_flag     Y 
_pdbx_unobs_or_zero_occ_residues.occupancy_flag   1 
_pdbx_unobs_or_zero_occ_residues.auth_asym_id     A 
_pdbx_unobs_or_zero_occ_residues.auth_comp_id     SER 
_pdbx_unobs_or_zero_occ_residues.auth_seq_id      158 
_pdbx_unobs_or_zero_occ_residues.PDB_ins_code     ? 
_pdbx_unobs_or_zero_occ_residues.label_asym_id    A 
_pdbx_unobs_or_zero_occ_residues.label_comp_id    SER 
_pdbx_unobs_or_zero_occ_residues.label_seq_id     157 
# 
loop_
_chem_comp_atom.comp_id 
_chem_comp_atom.atom_id 
_chem_comp_atom.type_symbol 
_chem_comp_atom.pdbx_aromatic_flag 
_chem_comp_atom.pdbx_stereo_config 
_chem_comp_atom.pdbx_ordinal 
5VL C4   C Y N 1   
5VL C5   C Y N 2   
5VL C6   C Y N 3   
5VL C7   C Y N 4   
5VL C8   C Y N 5   
5VL C10  C Y N 6   
5VL C13  C Y N 7   
5VL O1   O N N 8   
5VL C2   C Y N 9   
5VL C3   C Y N 10  
5VL C9   C Y N 11  
5VL C11  C Y N 12  
5VL C12  C Y N 13  
5VL O14  O N N 14  
5VL H1   H N N 15  
5VL H2   H N N 16  
5VL H3   H N N 17  
5VL H4   H N N 18  
5VL H5   H N N 19  
5VL H6   H N N 20  
5VL H7   H N N 21  
5VL H8   H N N 22  
5VL H9   H N N 23  
5VL H10  H N N 24  
ALA N    N N N 25  
ALA CA   C N S 26  
ALA C    C N N 27  
ALA O    O N N 28  
ALA CB   C N N 29  
ALA OXT  O N N 30  
ALA H    H N N 31  
ALA H2   H N N 32  
ALA HA   H N N 33  
ALA HB1  H N N 34  
ALA HB2  H N N 35  
ALA HB3  H N N 36  
ALA HXT  H N N 37  
ARG N    N N N 38  
ARG CA   C N S 39  
ARG C    C N N 40  
ARG O    O N N 41  
ARG CB   C N N 42  
ARG CG   C N N 43  
ARG CD   C N N 44  
ARG NE   N N N 45  
ARG CZ   C N N 46  
ARG NH1  N N N 47  
ARG NH2  N N N 48  
ARG OXT  O N N 49  
ARG H    H N N 50  
ARG H2   H N N 51  
ARG HA   H N N 52  
ARG HB2  H N N 53  
ARG HB3  H N N 54  
ARG HG2  H N N 55  
ARG HG3  H N N 56  
ARG HD2  H N N 57  
ARG HD3  H N N 58  
ARG HE   H N N 59  
ARG HH11 H N N 60  
ARG HH12 H N N 61  
ARG HH21 H N N 62  
ARG HH22 H N N 63  
ARG HXT  H N N 64  
ASN N    N N N 65  
ASN CA   C N S 66  
ASN C    C N N 67  
ASN O    O N N 68  
ASN CB   C N N 69  
ASN CG   C N N 70  
ASN OD1  O N N 71  
ASN ND2  N N N 72  
ASN OXT  O N N 73  
ASN H    H N N 74  
ASN H2   H N N 75  
ASN HA   H N N 76  
ASN HB2  H N N 77  
ASN HB3  H N N 78  
ASN HD21 H N N 79  
ASN HD22 H N N 80  
ASN HXT  H N N 81  
ASP N    N N N 82  
ASP CA   C N S 83  
ASP C    C N N 84  
ASP O    O N N 85  
ASP CB   C N N 86  
ASP CG   C N N 87  
ASP OD1  O N N 88  
ASP OD2  O N N 89  
ASP OXT  O N N 90  
ASP H    H N N 91  
ASP H2   H N N 92  
ASP HA   H N N 93  
ASP HB2  H N N 94  
ASP HB3  H N N 95  
ASP HD2  H N N 96  
ASP HXT  H N N 97  
CYS N    N N N 98  
CYS CA   C N R 99  
CYS C    C N N 100 
CYS O    O N N 101 
CYS CB   C N N 102 
CYS SG   S N N 103 
CYS OXT  O N N 104 
CYS H    H N N 105 
CYS H2   H N N 106 
CYS HA   H N N 107 
CYS HB2  H N N 108 
CYS HB3  H N N 109 
CYS HG   H N N 110 
CYS HXT  H N N 111 
GLN N    N N N 112 
GLN CA   C N S 113 
GLN C    C N N 114 
GLN O    O N N 115 
GLN CB   C N N 116 
GLN CG   C N N 117 
GLN CD   C N N 118 
GLN OE1  O N N 119 
GLN NE2  N N N 120 
GLN OXT  O N N 121 
GLN H    H N N 122 
GLN H2   H N N 123 
GLN HA   H N N 124 
GLN HB2  H N N 125 
GLN HB3  H N N 126 
GLN HG2  H N N 127 
GLN HG3  H N N 128 
GLN HE21 H N N 129 
GLN HE22 H N N 130 
GLN HXT  H N N 131 
GLU N    N N N 132 
GLU CA   C N S 133 
GLU C    C N N 134 
GLU O    O N N 135 
GLU CB   C N N 136 
GLU CG   C N N 137 
GLU CD   C N N 138 
GLU OE1  O N N 139 
GLU OE2  O N N 140 
GLU OXT  O N N 141 
GLU H    H N N 142 
GLU H2   H N N 143 
GLU HA   H N N 144 
GLU HB2  H N N 145 
GLU HB3  H N N 146 
GLU HG2  H N N 147 
GLU HG3  H N N 148 
GLU HE2  H N N 149 
GLU HXT  H N N 150 
GLY N    N N N 151 
GLY CA   C N N 152 
GLY C    C N N 153 
GLY O    O N N 154 
GLY OXT  O N N 155 
GLY H    H N N 156 
GLY H2   H N N 157 
GLY HA2  H N N 158 
GLY HA3  H N N 159 
GLY HXT  H N N 160 
HIS N    N N N 161 
HIS CA   C N S 162 
HIS C    C N N 163 
HIS O    O N N 164 
HIS CB   C N N 165 
HIS CG   C Y N 166 
HIS ND1  N Y N 167 
HIS CD2  C Y N 168 
HIS CE1  C Y N 169 
HIS NE2  N Y N 170 
HIS OXT  O N N 171 
HIS H    H N N 172 
HIS H2   H N N 173 
HIS HA   H N N 174 
HIS HB2  H N N 175 
HIS HB3  H N N 176 
HIS HD1  H N N 177 
HIS HD2  H N N 178 
HIS HE1  H N N 179 
HIS HE2  H N N 180 
HIS HXT  H N N 181 
HOH O    O N N 182 
HOH H1   H N N 183 
HOH H2   H N N 184 
ILE N    N N N 185 
ILE CA   C N S 186 
ILE C    C N N 187 
ILE O    O N N 188 
ILE CB   C N S 189 
ILE CG1  C N N 190 
ILE CG2  C N N 191 
ILE CD1  C N N 192 
ILE OXT  O N N 193 
ILE H    H N N 194 
ILE H2   H N N 195 
ILE HA   H N N 196 
ILE HB   H N N 197 
ILE HG12 H N N 198 
ILE HG13 H N N 199 
ILE HG21 H N N 200 
ILE HG22 H N N 201 
ILE HG23 H N N 202 
ILE HD11 H N N 203 
ILE HD12 H N N 204 
ILE HD13 H N N 205 
ILE HXT  H N N 206 
LEU N    N N N 207 
LEU CA   C N S 208 
LEU C    C N N 209 
LEU O    O N N 210 
LEU CB   C N N 211 
LEU CG   C N N 212 
LEU CD1  C N N 213 
LEU CD2  C N N 214 
LEU OXT  O N N 215 
LEU H    H N N 216 
LEU H2   H N N 217 
LEU HA   H N N 218 
LEU HB2  H N N 219 
LEU HB3  H N N 220 
LEU HG   H N N 221 
LEU HD11 H N N 222 
LEU HD12 H N N 223 
LEU HD13 H N N 224 
LEU HD21 H N N 225 
LEU HD22 H N N 226 
LEU HD23 H N N 227 
LEU HXT  H N N 228 
LYS N    N N N 229 
LYS CA   C N S 230 
LYS C    C N N 231 
LYS O    O N N 232 
LYS CB   C N N 233 
LYS CG   C N N 234 
LYS CD   C N N 235 
LYS CE   C N N 236 
LYS NZ   N N N 237 
LYS OXT  O N N 238 
LYS H    H N N 239 
LYS H2   H N N 240 
LYS HA   H N N 241 
LYS HB2  H N N 242 
LYS HB3  H N N 243 
LYS HG2  H N N 244 
LYS HG3  H N N 245 
LYS HD2  H N N 246 
LYS HD3  H N N 247 
LYS HE2  H N N 248 
LYS HE3  H N N 249 
LYS HZ1  H N N 250 
LYS HZ2  H N N 251 
LYS HZ3  H N N 252 
LYS HXT  H N N 253 
MET N    N N N 254 
MET CA   C N S 255 
MET C    C N N 256 
MET O    O N N 257 
MET CB   C N N 258 
MET CG   C N N 259 
MET SD   S N N 260 
MET CE   C N N 261 
MET OXT  O N N 262 
MET H    H N N 263 
MET H2   H N N 264 
MET HA   H N N 265 
MET HB2  H N N 266 
MET HB3  H N N 267 
MET HG2  H N N 268 
MET HG3  H N N 269 
MET HE1  H N N 270 
MET HE2  H N N 271 
MET HE3  H N N 272 
MET HXT  H N N 273 
PHE N    N N N 274 
PHE CA   C N S 275 
PHE C    C N N 276 
PHE O    O N N 277 
PHE CB   C N N 278 
PHE CG   C Y N 279 
PHE CD1  C Y N 280 
PHE CD2  C Y N 281 
PHE CE1  C Y N 282 
PHE CE2  C Y N 283 
PHE CZ   C Y N 284 
PHE OXT  O N N 285 
PHE H    H N N 286 
PHE H2   H N N 287 
PHE HA   H N N 288 
PHE HB2  H N N 289 
PHE HB3  H N N 290 
PHE HD1  H N N 291 
PHE HD2  H N N 292 
PHE HE1  H N N 293 
PHE HE2  H N N 294 
PHE HZ   H N N 295 
PHE HXT  H N N 296 
PRO N    N N N 297 
PRO CA   C N S 298 
PRO C    C N N 299 
PRO O    O N N 300 
PRO CB   C N N 301 
PRO CG   C N N 302 
PRO CD   C N N 303 
PRO OXT  O N N 304 
PRO H    H N N 305 
PRO HA   H N N 306 
PRO HB2  H N N 307 
PRO HB3  H N N 308 
PRO HG2  H N N 309 
PRO HG3  H N N 310 
PRO HD2  H N N 311 
PRO HD3  H N N 312 
PRO HXT  H N N 313 
SER N    N N N 314 
SER CA   C N S 315 
SER C    C N N 316 
SER O    O N N 317 
SER CB   C N N 318 
SER OG   O N N 319 
SER OXT  O N N 320 
SER H    H N N 321 
SER H2   H N N 322 
SER HA   H N N 323 
SER HB2  H N N 324 
SER HB3  H N N 325 
SER HG   H N N 326 
SER HXT  H N N 327 
THR N    N N N 328 
THR CA   C N S 329 
THR C    C N N 330 
THR O    O N N 331 
THR CB   C N R 332 
THR OG1  O N N 333 
THR CG2  C N N 334 
THR OXT  O N N 335 
THR H    H N N 336 
THR H2   H N N 337 
THR HA   H N N 338 
THR HB   H N N 339 
THR HG1  H N N 340 
THR HG21 H N N 341 
THR HG22 H N N 342 
THR HG23 H N N 343 
THR HXT  H N N 344 
TRP N    N N N 345 
TRP CA   C N S 346 
TRP C    C N N 347 
TRP O    O N N 348 
TRP CB   C N N 349 
TRP CG   C Y N 350 
TRP CD1  C Y N 351 
TRP CD2  C Y N 352 
TRP NE1  N Y N 353 
TRP CE2  C Y N 354 
TRP CE3  C Y N 355 
TRP CZ2  C Y N 356 
TRP CZ3  C Y N 357 
TRP CH2  C Y N 358 
TRP OXT  O N N 359 
TRP H    H N N 360 
TRP H2   H N N 361 
TRP HA   H N N 362 
TRP HB2  H N N 363 
TRP HB3  H N N 364 
TRP HD1  H N N 365 
TRP HE1  H N N 366 
TRP HE3  H N N 367 
TRP HZ2  H N N 368 
TRP HZ3  H N N 369 
TRP HH2  H N N 370 
TRP HXT  H N N 371 
TYR N    N N N 372 
TYR CA   C N S 373 
TYR C    C N N 374 
TYR O    O N N 375 
TYR CB   C N N 376 
TYR CG   C Y N 377 
TYR CD1  C Y N 378 
TYR CD2  C Y N 379 
TYR CE1  C Y N 380 
TYR CE2  C Y N 381 
TYR CZ   C Y N 382 
TYR OH   O N N 383 
TYR OXT  O N N 384 
TYR H    H N N 385 
TYR H2   H N N 386 
TYR HA   H N N 387 
TYR HB2  H N N 388 
TYR HB3  H N N 389 
TYR HD1  H N N 390 
TYR HD2  H N N 391 
TYR HE1  H N N 392 
TYR HE2  H N N 393 
TYR HH   H N N 394 
TYR HXT  H N N 395 
VAL N    N N N 396 
VAL CA   C N S 397 
VAL C    C N N 398 
VAL O    O N N 399 
VAL CB   C N N 400 
VAL CG1  C N N 401 
VAL CG2  C N N 402 
VAL OXT  O N N 403 
VAL H    H N N 404 
VAL H2   H N N 405 
VAL HA   H N N 406 
VAL HB   H N N 407 
VAL HG11 H N N 408 
VAL HG12 H N N 409 
VAL HG13 H N N 410 
VAL HG21 H N N 411 
VAL HG22 H N N 412 
VAL HG23 H N N 413 
VAL HXT  H N N 414 
# 
loop_
_chem_comp_bond.comp_id 
_chem_comp_bond.atom_id_1 
_chem_comp_bond.atom_id_2 
_chem_comp_bond.value_order 
_chem_comp_bond.pdbx_aromatic_flag 
_chem_comp_bond.pdbx_stereo_config 
_chem_comp_bond.pdbx_ordinal 
5VL C3  C4   doub Y N 1   
5VL C3  C2   sing Y N 2   
5VL O1  C2   sing N N 3   
5VL C4  C5   sing Y N 4   
5VL C2  C7   doub Y N 5   
5VL C5  C6   doub Y N 6   
5VL C7  C6   sing Y N 7   
5VL C7  C8   sing N N 8   
5VL C9  C8   doub Y N 9   
5VL C9  C10  sing Y N 10  
5VL C8  C13  sing Y N 11  
5VL C10 C11  doub Y N 12  
5VL C13 O14  sing N N 13  
5VL C13 C12  doub Y N 14  
5VL C11 C12  sing Y N 15  
5VL C4  H1   sing N N 16  
5VL C5  H2   sing N N 17  
5VL C6  H3   sing N N 18  
5VL C10 H4   sing N N 19  
5VL O1  H5   sing N N 20  
5VL C3  H6   sing N N 21  
5VL C9  H7   sing N N 22  
5VL C11 H8   sing N N 23  
5VL C12 H9   sing N N 24  
5VL O14 H10  sing N N 25  
ALA N   CA   sing N N 26  
ALA N   H    sing N N 27  
ALA N   H2   sing N N 28  
ALA CA  C    sing N N 29  
ALA CA  CB   sing N N 30  
ALA CA  HA   sing N N 31  
ALA C   O    doub N N 32  
ALA C   OXT  sing N N 33  
ALA CB  HB1  sing N N 34  
ALA CB  HB2  sing N N 35  
ALA CB  HB3  sing N N 36  
ALA OXT HXT  sing N N 37  
ARG N   CA   sing N N 38  
ARG N   H    sing N N 39  
ARG N   H2   sing N N 40  
ARG CA  C    sing N N 41  
ARG CA  CB   sing N N 42  
ARG CA  HA   sing N N 43  
ARG C   O    doub N N 44  
ARG C   OXT  sing N N 45  
ARG CB  CG   sing N N 46  
ARG CB  HB2  sing N N 47  
ARG CB  HB3  sing N N 48  
ARG CG  CD   sing N N 49  
ARG CG  HG2  sing N N 50  
ARG CG  HG3  sing N N 51  
ARG CD  NE   sing N N 52  
ARG CD  HD2  sing N N 53  
ARG CD  HD3  sing N N 54  
ARG NE  CZ   sing N N 55  
ARG NE  HE   sing N N 56  
ARG CZ  NH1  sing N N 57  
ARG CZ  NH2  doub N N 58  
ARG NH1 HH11 sing N N 59  
ARG NH1 HH12 sing N N 60  
ARG NH2 HH21 sing N N 61  
ARG NH2 HH22 sing N N 62  
ARG OXT HXT  sing N N 63  
ASN N   CA   sing N N 64  
ASN N   H    sing N N 65  
ASN N   H2   sing N N 66  
ASN CA  C    sing N N 67  
ASN CA  CB   sing N N 68  
ASN CA  HA   sing N N 69  
ASN C   O    doub N N 70  
ASN C   OXT  sing N N 71  
ASN CB  CG   sing N N 72  
ASN CB  HB2  sing N N 73  
ASN CB  HB3  sing N N 74  
ASN CG  OD1  doub N N 75  
ASN CG  ND2  sing N N 76  
ASN ND2 HD21 sing N N 77  
ASN ND2 HD22 sing N N 78  
ASN OXT HXT  sing N N 79  
ASP N   CA   sing N N 80  
ASP N   H    sing N N 81  
ASP N   H2   sing N N 82  
ASP CA  C    sing N N 83  
ASP CA  CB   sing N N 84  
ASP CA  HA   sing N N 85  
ASP C   O    doub N N 86  
ASP C   OXT  sing N N 87  
ASP CB  CG   sing N N 88  
ASP CB  HB2  sing N N 89  
ASP CB  HB3  sing N N 90  
ASP CG  OD1  doub N N 91  
ASP CG  OD2  sing N N 92  
ASP OD2 HD2  sing N N 93  
ASP OXT HXT  sing N N 94  
CYS N   CA   sing N N 95  
CYS N   H    sing N N 96  
CYS N   H2   sing N N 97  
CYS CA  C    sing N N 98  
CYS CA  CB   sing N N 99  
CYS CA  HA   sing N N 100 
CYS C   O    doub N N 101 
CYS C   OXT  sing N N 102 
CYS CB  SG   sing N N 103 
CYS CB  HB2  sing N N 104 
CYS CB  HB3  sing N N 105 
CYS SG  HG   sing N N 106 
CYS OXT HXT  sing N N 107 
GLN N   CA   sing N N 108 
GLN N   H    sing N N 109 
GLN N   H2   sing N N 110 
GLN CA  C    sing N N 111 
GLN CA  CB   sing N N 112 
GLN CA  HA   sing N N 113 
GLN C   O    doub N N 114 
GLN C   OXT  sing N N 115 
GLN CB  CG   sing N N 116 
GLN CB  HB2  sing N N 117 
GLN CB  HB3  sing N N 118 
GLN CG  CD   sing N N 119 
GLN CG  HG2  sing N N 120 
GLN CG  HG3  sing N N 121 
GLN CD  OE1  doub N N 122 
GLN CD  NE2  sing N N 123 
GLN NE2 HE21 sing N N 124 
GLN NE2 HE22 sing N N 125 
GLN OXT HXT  sing N N 126 
GLU N   CA   sing N N 127 
GLU N   H    sing N N 128 
GLU N   H2   sing N N 129 
GLU CA  C    sing N N 130 
GLU CA  CB   sing N N 131 
GLU CA  HA   sing N N 132 
GLU C   O    doub N N 133 
GLU C   OXT  sing N N 134 
GLU CB  CG   sing N N 135 
GLU CB  HB2  sing N N 136 
GLU CB  HB3  sing N N 137 
GLU CG  CD   sing N N 138 
GLU CG  HG2  sing N N 139 
GLU CG  HG3  sing N N 140 
GLU CD  OE1  doub N N 141 
GLU CD  OE2  sing N N 142 
GLU OE2 HE2  sing N N 143 
GLU OXT HXT  sing N N 144 
GLY N   CA   sing N N 145 
GLY N   H    sing N N 146 
GLY N   H2   sing N N 147 
GLY CA  C    sing N N 148 
GLY CA  HA2  sing N N 149 
GLY CA  HA3  sing N N 150 
GLY C   O    doub N N 151 
GLY C   OXT  sing N N 152 
GLY OXT HXT  sing N N 153 
HIS N   CA   sing N N 154 
HIS N   H    sing N N 155 
HIS N   H2   sing N N 156 
HIS CA  C    sing N N 157 
HIS CA  CB   sing N N 158 
HIS CA  HA   sing N N 159 
HIS C   O    doub N N 160 
HIS C   OXT  sing N N 161 
HIS CB  CG   sing N N 162 
HIS CB  HB2  sing N N 163 
HIS CB  HB3  sing N N 164 
HIS CG  ND1  sing Y N 165 
HIS CG  CD2  doub Y N 166 
HIS ND1 CE1  doub Y N 167 
HIS ND1 HD1  sing N N 168 
HIS CD2 NE2  sing Y N 169 
HIS CD2 HD2  sing N N 170 
HIS CE1 NE2  sing Y N 171 
HIS CE1 HE1  sing N N 172 
HIS NE2 HE2  sing N N 173 
HIS OXT HXT  sing N N 174 
HOH O   H1   sing N N 175 
HOH O   H2   sing N N 176 
ILE N   CA   sing N N 177 
ILE N   H    sing N N 178 
ILE N   H2   sing N N 179 
ILE CA  C    sing N N 180 
ILE CA  CB   sing N N 181 
ILE CA  HA   sing N N 182 
ILE C   O    doub N N 183 
ILE C   OXT  sing N N 184 
ILE CB  CG1  sing N N 185 
ILE CB  CG2  sing N N 186 
ILE CB  HB   sing N N 187 
ILE CG1 CD1  sing N N 188 
ILE CG1 HG12 sing N N 189 
ILE CG1 HG13 sing N N 190 
ILE CG2 HG21 sing N N 191 
ILE CG2 HG22 sing N N 192 
ILE CG2 HG23 sing N N 193 
ILE CD1 HD11 sing N N 194 
ILE CD1 HD12 sing N N 195 
ILE CD1 HD13 sing N N 196 
ILE OXT HXT  sing N N 197 
LEU N   CA   sing N N 198 
LEU N   H    sing N N 199 
LEU N   H2   sing N N 200 
LEU CA  C    sing N N 201 
LEU CA  CB   sing N N 202 
LEU CA  HA   sing N N 203 
LEU C   O    doub N N 204 
LEU C   OXT  sing N N 205 
LEU CB  CG   sing N N 206 
LEU CB  HB2  sing N N 207 
LEU CB  HB3  sing N N 208 
LEU CG  CD1  sing N N 209 
LEU CG  CD2  sing N N 210 
LEU CG  HG   sing N N 211 
LEU CD1 HD11 sing N N 212 
LEU CD1 HD12 sing N N 213 
LEU CD1 HD13 sing N N 214 
LEU CD2 HD21 sing N N 215 
LEU CD2 HD22 sing N N 216 
LEU CD2 HD23 sing N N 217 
LEU OXT HXT  sing N N 218 
LYS N   CA   sing N N 219 
LYS N   H    sing N N 220 
LYS N   H2   sing N N 221 
LYS CA  C    sing N N 222 
LYS CA  CB   sing N N 223 
LYS CA  HA   sing N N 224 
LYS C   O    doub N N 225 
LYS C   OXT  sing N N 226 
LYS CB  CG   sing N N 227 
LYS CB  HB2  sing N N 228 
LYS CB  HB3  sing N N 229 
LYS CG  CD   sing N N 230 
LYS CG  HG2  sing N N 231 
LYS CG  HG3  sing N N 232 
LYS CD  CE   sing N N 233 
LYS CD  HD2  sing N N 234 
LYS CD  HD3  sing N N 235 
LYS CE  NZ   sing N N 236 
LYS CE  HE2  sing N N 237 
LYS CE  HE3  sing N N 238 
LYS NZ  HZ1  sing N N 239 
LYS NZ  HZ2  sing N N 240 
LYS NZ  HZ3  sing N N 241 
LYS OXT HXT  sing N N 242 
MET N   CA   sing N N 243 
MET N   H    sing N N 244 
MET N   H2   sing N N 245 
MET CA  C    sing N N 246 
MET CA  CB   sing N N 247 
MET CA  HA   sing N N 248 
MET C   O    doub N N 249 
MET C   OXT  sing N N 250 
MET CB  CG   sing N N 251 
MET CB  HB2  sing N N 252 
MET CB  HB3  sing N N 253 
MET CG  SD   sing N N 254 
MET CG  HG2  sing N N 255 
MET CG  HG3  sing N N 256 
MET SD  CE   sing N N 257 
MET CE  HE1  sing N N 258 
MET CE  HE2  sing N N 259 
MET CE  HE3  sing N N 260 
MET OXT HXT  sing N N 261 
PHE N   CA   sing N N 262 
PHE N   H    sing N N 263 
PHE N   H2   sing N N 264 
PHE CA  C    sing N N 265 
PHE CA  CB   sing N N 266 
PHE CA  HA   sing N N 267 
PHE C   O    doub N N 268 
PHE C   OXT  sing N N 269 
PHE CB  CG   sing N N 270 
PHE CB  HB2  sing N N 271 
PHE CB  HB3  sing N N 272 
PHE CG  CD1  doub Y N 273 
PHE CG  CD2  sing Y N 274 
PHE CD1 CE1  sing Y N 275 
PHE CD1 HD1  sing N N 276 
PHE CD2 CE2  doub Y N 277 
PHE CD2 HD2  sing N N 278 
PHE CE1 CZ   doub Y N 279 
PHE CE1 HE1  sing N N 280 
PHE CE2 CZ   sing Y N 281 
PHE CE2 HE2  sing N N 282 
PHE CZ  HZ   sing N N 283 
PHE OXT HXT  sing N N 284 
PRO N   CA   sing N N 285 
PRO N   CD   sing N N 286 
PRO N   H    sing N N 287 
PRO CA  C    sing N N 288 
PRO CA  CB   sing N N 289 
PRO CA  HA   sing N N 290 
PRO C   O    doub N N 291 
PRO C   OXT  sing N N 292 
PRO CB  CG   sing N N 293 
PRO CB  HB2  sing N N 294 
PRO CB  HB3  sing N N 295 
PRO CG  CD   sing N N 296 
PRO CG  HG2  sing N N 297 
PRO CG  HG3  sing N N 298 
PRO CD  HD2  sing N N 299 
PRO CD  HD3  sing N N 300 
PRO OXT HXT  sing N N 301 
SER N   CA   sing N N 302 
SER N   H    sing N N 303 
SER N   H2   sing N N 304 
SER CA  C    sing N N 305 
SER CA  CB   sing N N 306 
SER CA  HA   sing N N 307 
SER C   O    doub N N 308 
SER C   OXT  sing N N 309 
SER CB  OG   sing N N 310 
SER CB  HB2  sing N N 311 
SER CB  HB3  sing N N 312 
SER OG  HG   sing N N 313 
SER OXT HXT  sing N N 314 
THR N   CA   sing N N 315 
THR N   H    sing N N 316 
THR N   H2   sing N N 317 
THR CA  C    sing N N 318 
THR CA  CB   sing N N 319 
THR CA  HA   sing N N 320 
THR C   O    doub N N 321 
THR C   OXT  sing N N 322 
THR CB  OG1  sing N N 323 
THR CB  CG2  sing N N 324 
THR CB  HB   sing N N 325 
THR OG1 HG1  sing N N 326 
THR CG2 HG21 sing N N 327 
THR CG2 HG22 sing N N 328 
THR CG2 HG23 sing N N 329 
THR OXT HXT  sing N N 330 
TRP N   CA   sing N N 331 
TRP N   H    sing N N 332 
TRP N   H2   sing N N 333 
TRP CA  C    sing N N 334 
TRP CA  CB   sing N N 335 
TRP CA  HA   sing N N 336 
TRP C   O    doub N N 337 
TRP C   OXT  sing N N 338 
TRP CB  CG   sing N N 339 
TRP CB  HB2  sing N N 340 
TRP CB  HB3  sing N N 341 
TRP CG  CD1  doub Y N 342 
TRP CG  CD2  sing Y N 343 
TRP CD1 NE1  sing Y N 344 
TRP CD1 HD1  sing N N 345 
TRP CD2 CE2  doub Y N 346 
TRP CD2 CE3  sing Y N 347 
TRP NE1 CE2  sing Y N 348 
TRP NE1 HE1  sing N N 349 
TRP CE2 CZ2  sing Y N 350 
TRP CE3 CZ3  doub Y N 351 
TRP CE3 HE3  sing N N 352 
TRP CZ2 CH2  doub Y N 353 
TRP CZ2 HZ2  sing N N 354 
TRP CZ3 CH2  sing Y N 355 
TRP CZ3 HZ3  sing N N 356 
TRP CH2 HH2  sing N N 357 
TRP OXT HXT  sing N N 358 
TYR N   CA   sing N N 359 
TYR N   H    sing N N 360 
TYR N   H2   sing N N 361 
TYR CA  C    sing N N 362 
TYR CA  CB   sing N N 363 
TYR CA  HA   sing N N 364 
TYR C   O    doub N N 365 
TYR C   OXT  sing N N 366 
TYR CB  CG   sing N N 367 
TYR CB  HB2  sing N N 368 
TYR CB  HB3  sing N N 369 
TYR CG  CD1  doub Y N 370 
TYR CG  CD2  sing Y N 371 
TYR CD1 CE1  sing Y N 372 
TYR CD1 HD1  sing N N 373 
TYR CD2 CE2  doub Y N 374 
TYR CD2 HD2  sing N N 375 
TYR CE1 CZ   doub Y N 376 
TYR CE1 HE1  sing N N 377 
TYR CE2 CZ   sing Y N 378 
TYR CE2 HE2  sing N N 379 
TYR CZ  OH   sing N N 380 
TYR OH  HH   sing N N 381 
TYR OXT HXT  sing N N 382 
VAL N   CA   sing N N 383 
VAL N   H    sing N N 384 
VAL N   H2   sing N N 385 
VAL CA  C    sing N N 386 
VAL CA  CB   sing N N 387 
VAL CA  HA   sing N N 388 
VAL C   O    doub N N 389 
VAL C   OXT  sing N N 390 
VAL CB  CG1  sing N N 391 
VAL CB  CG2  sing N N 392 
VAL CB  HB   sing N N 393 
VAL CG1 HG11 sing N N 394 
VAL CG1 HG12 sing N N 395 
VAL CG1 HG13 sing N N 396 
VAL CG2 HG21 sing N N 397 
VAL CG2 HG22 sing N N 398 
VAL CG2 HG23 sing N N 399 
VAL OXT HXT  sing N N 400 
# 
loop_
_pdbx_entity_nonpoly.entity_id 
_pdbx_entity_nonpoly.name 
_pdbx_entity_nonpoly.comp_id 
2 '2-(2-hydroxyphenyl)phenol' 5VL 
3 water                       HOH 
# 
_pdbx_initial_refinement_model.id               1 
_pdbx_initial_refinement_model.entity_id_list   ? 
_pdbx_initial_refinement_model.type             'experimental model' 
_pdbx_initial_refinement_model.source_name      PDB 
_pdbx_initial_refinement_model.accession_code   1U9B 
_pdbx_initial_refinement_model.details          ? 
# 
